data_2MD0
#
_entry.id   2MD0
#
_entity_poly.entity_id   1
_entity_poly.type   'polypeptide(L)'
_entity_poly.pdbx_seq_one_letter_code
;NDIRTAADMEHCADEKNFDCRRSLRNGDCDNDDKLLEMGYYCPVTCGFCEP
;
_entity_poly.pdbx_strand_id   A
#
# COMPACT_ATOMS: atom_id res chain seq x y z
N ASN A 1 -12.72 -24.80 6.69
CA ASN A 1 -13.43 -25.37 5.52
C ASN A 1 -13.90 -24.24 4.61
N ASP A 2 -13.85 -23.02 5.08
CA ASP A 2 -14.29 -21.88 4.23
C ASP A 2 -13.22 -21.60 3.18
N ILE A 3 -13.61 -21.47 1.94
CA ILE A 3 -12.62 -21.19 0.86
C ILE A 3 -12.26 -19.71 0.86
N ARG A 4 -12.82 -18.94 1.75
CA ARG A 4 -12.50 -17.49 1.79
C ARG A 4 -11.08 -17.30 2.31
N THR A 5 -10.43 -18.36 2.68
CA THR A 5 -9.04 -18.26 3.20
C THR A 5 -8.05 -18.43 2.04
N ALA A 6 -8.55 -18.69 0.87
CA ALA A 6 -7.63 -18.87 -0.29
C ALA A 6 -6.93 -17.55 -0.60
N ALA A 7 -7.56 -16.45 -0.30
CA ALA A 7 -6.93 -15.13 -0.58
C ALA A 7 -5.95 -14.80 0.54
N ASP A 8 -4.73 -14.46 0.19
CA ASP A 8 -3.72 -14.11 1.22
C ASP A 8 -3.44 -12.61 1.15
N MET A 9 -4.23 -11.89 0.41
CA MET A 9 -4.03 -10.43 0.29
C MET A 9 -4.87 -9.70 1.34
N GLU A 10 -5.42 -10.42 2.27
CA GLU A 10 -6.24 -9.79 3.32
C GLU A 10 -5.37 -8.87 4.17
N HIS A 11 -4.11 -9.16 4.27
CA HIS A 11 -3.22 -8.31 5.10
C HIS A 11 -2.34 -7.46 4.18
N CYS A 12 -2.41 -6.17 4.33
CA CYS A 12 -1.58 -5.28 3.48
C CYS A 12 -0.49 -4.65 4.35
N ALA A 13 0.67 -4.43 3.78
CA ALA A 13 1.77 -3.81 4.58
C ALA A 13 2.48 -2.76 3.73
N ASP A 14 3.07 -1.78 4.36
CA ASP A 14 3.81 -0.74 3.59
C ASP A 14 5.15 -1.33 3.15
N GLU A 15 5.66 -0.90 2.03
CA GLU A 15 6.96 -1.47 1.56
C GLU A 15 8.09 -1.04 2.50
N LYS A 16 8.95 -1.95 2.84
CA LYS A 16 10.08 -1.62 3.75
C LYS A 16 11.20 -0.94 2.94
N ASN A 17 11.28 -1.24 1.67
CA ASN A 17 12.33 -0.62 0.81
C ASN A 17 11.81 0.67 0.18
N PHE A 18 10.55 0.95 0.33
CA PHE A 18 9.99 2.19 -0.25
C PHE A 18 9.76 3.21 0.86
N ASP A 19 10.18 4.42 0.68
CA ASP A 19 9.97 5.45 1.73
C ASP A 19 8.54 5.97 1.65
N CYS A 20 7.61 5.29 2.27
CA CYS A 20 6.20 5.73 2.22
C CYS A 20 6.03 7.00 3.05
N ARG A 21 6.78 7.11 4.12
CA ARG A 21 6.68 8.31 4.97
C ARG A 21 7.06 9.55 4.15
N ARG A 22 8.16 9.49 3.46
CA ARG A 22 8.57 10.64 2.62
C ARG A 22 7.59 10.81 1.47
N SER A 23 7.23 9.72 0.84
CA SER A 23 6.27 9.80 -0.28
C SER A 23 4.92 10.31 0.23
N LEU A 24 4.55 9.93 1.43
CA LEU A 24 3.24 10.39 1.99
C LEU A 24 3.27 11.89 2.23
N ARG A 25 4.30 12.41 2.83
CA ARG A 25 4.36 13.88 3.08
C ARG A 25 4.50 14.60 1.74
N ASN A 26 5.03 13.94 0.76
CA ASN A 26 5.19 14.56 -0.58
C ASN A 26 3.83 14.59 -1.27
N GLY A 27 2.84 14.03 -0.64
CA GLY A 27 1.48 14.01 -1.26
C GLY A 27 1.41 12.88 -2.30
N ASP A 28 2.25 11.89 -2.15
CA ASP A 28 2.24 10.76 -3.13
C ASP A 28 0.85 10.12 -3.14
N CYS A 29 0.23 10.00 -2.00
CA CYS A 29 -1.14 9.40 -1.94
C CYS A 29 -2.11 10.34 -2.64
N ASP A 30 -1.75 11.59 -2.77
CA ASP A 30 -2.66 12.57 -3.42
C ASP A 30 -2.33 12.69 -4.91
N ASN A 31 -1.32 11.99 -5.37
CA ASN A 31 -0.96 12.08 -6.80
C ASN A 31 -1.56 10.87 -7.54
N ASP A 32 -2.49 11.13 -8.42
CA ASP A 32 -3.12 10.00 -9.18
C ASP A 32 -2.02 9.20 -9.89
N ASP A 33 -0.99 9.88 -10.34
CA ASP A 33 0.12 9.18 -11.05
C ASP A 33 0.84 8.23 -10.09
N LYS A 34 0.77 8.49 -8.81
CA LYS A 34 1.47 7.60 -7.84
C LYS A 34 0.44 6.82 -7.03
N LEU A 35 -0.81 7.08 -7.25
CA LEU A 35 -1.86 6.34 -6.48
C LEU A 35 -1.65 4.84 -6.69
N LEU A 36 -1.35 4.43 -7.88
CA LEU A 36 -1.10 2.98 -8.13
C LEU A 36 0.17 2.57 -7.42
N GLU A 37 1.17 3.42 -7.44
CA GLU A 37 2.44 3.08 -6.76
C GLU A 37 2.18 2.89 -5.27
N MET A 38 1.34 3.72 -4.70
CA MET A 38 1.04 3.60 -3.25
C MET A 38 0.23 2.33 -2.97
N GLY A 39 -0.78 2.08 -3.75
CA GLY A 39 -1.60 0.86 -3.53
C GLY A 39 -0.68 -0.36 -3.61
N TYR A 40 0.38 -0.22 -4.35
CA TYR A 40 1.33 -1.36 -4.51
C TYR A 40 2.48 -1.23 -3.50
N TYR A 41 3.14 -0.11 -3.47
CA TYR A 41 4.28 0.07 -2.53
C TYR A 41 3.80 0.40 -1.11
N CYS A 42 2.88 1.31 -0.96
CA CYS A 42 2.42 1.66 0.41
C CYS A 42 0.90 1.79 0.45
N PRO A 43 0.21 0.69 0.33
CA PRO A 43 -1.28 0.67 0.39
C PRO A 43 -1.79 1.06 1.77
N VAL A 44 -1.05 0.72 2.78
CA VAL A 44 -1.47 1.07 4.17
C VAL A 44 -1.16 2.54 4.44
N THR A 45 0.02 2.99 4.08
CA THR A 45 0.40 4.40 4.34
C THR A 45 -0.58 5.37 3.67
N CYS A 46 -1.03 5.06 2.49
CA CYS A 46 -1.95 5.99 1.79
C CYS A 46 -3.40 5.74 2.22
N GLY A 47 -3.63 4.76 3.05
CA GLY A 47 -5.02 4.49 3.52
C GLY A 47 -5.82 3.76 2.45
N PHE A 48 -5.21 2.83 1.75
CA PHE A 48 -5.96 2.07 0.72
C PHE A 48 -6.18 0.65 1.25
N CYS A 49 -5.49 0.31 2.30
CA CYS A 49 -5.62 -1.04 2.89
C CYS A 49 -5.25 -0.96 4.37
N GLU A 50 -5.42 -2.04 5.10
CA GLU A 50 -5.08 -2.03 6.55
C GLU A 50 -3.76 -2.80 6.77
N PRO A 51 -3.08 -2.50 7.85
CA PRO A 51 -1.78 -3.15 8.20
C PRO A 51 -1.94 -4.63 8.61
N ASN A 1 -18.43 -9.02 1.95
CA ASN A 1 -17.74 -8.00 1.13
C ASN A 1 -17.43 -8.59 -0.25
N ASP A 2 -16.34 -8.21 -0.86
CA ASP A 2 -15.99 -8.74 -2.20
C ASP A 2 -15.67 -10.24 -2.08
N ILE A 3 -16.06 -11.02 -3.06
CA ILE A 3 -15.77 -12.48 -3.00
C ILE A 3 -14.27 -12.70 -3.23
N ARG A 4 -13.52 -11.65 -3.44
CA ARG A 4 -12.07 -11.80 -3.67
C ARG A 4 -11.37 -11.98 -2.32
N THR A 5 -12.13 -12.05 -1.26
CA THR A 5 -11.54 -12.21 0.08
C THR A 5 -10.95 -13.62 0.23
N ALA A 6 -11.01 -14.41 -0.82
CA ALA A 6 -10.46 -15.79 -0.74
C ALA A 6 -8.93 -15.74 -0.80
N ALA A 7 -8.37 -14.66 -1.28
CA ALA A 7 -6.89 -14.56 -1.36
C ALA A 7 -6.30 -14.34 0.04
N ASP A 8 -5.05 -14.69 0.24
CA ASP A 8 -4.44 -14.49 1.58
C ASP A 8 -3.79 -13.10 1.62
N MET A 9 -4.06 -12.29 0.64
CA MET A 9 -3.45 -10.94 0.61
C MET A 9 -4.30 -9.96 1.41
N GLU A 10 -5.11 -10.45 2.31
CA GLU A 10 -5.96 -9.54 3.12
C GLU A 10 -5.05 -8.71 4.03
N HIS A 11 -3.82 -9.10 4.14
CA HIS A 11 -2.88 -8.32 5.00
C HIS A 11 -2.07 -7.38 4.11
N CYS A 12 -2.19 -6.11 4.34
CA CYS A 12 -1.43 -5.13 3.52
C CYS A 12 -0.37 -4.46 4.39
N ALA A 13 0.81 -4.29 3.88
CA ALA A 13 1.88 -3.63 4.69
C ALA A 13 2.64 -2.62 3.85
N ASP A 14 3.15 -1.59 4.46
CA ASP A 14 3.92 -0.57 3.70
C ASP A 14 5.24 -1.20 3.24
N GLU A 15 5.66 -0.92 2.05
CA GLU A 15 6.94 -1.51 1.55
C GLU A 15 8.07 -1.13 2.49
N LYS A 16 8.96 -2.05 2.77
CA LYS A 16 10.10 -1.72 3.68
C LYS A 16 11.20 -1.05 2.87
N ASN A 17 11.27 -1.31 1.60
CA ASN A 17 12.33 -0.68 0.76
C ASN A 17 11.81 0.63 0.15
N PHE A 18 10.56 0.93 0.37
CA PHE A 18 10.02 2.19 -0.20
C PHE A 18 9.76 3.20 0.92
N ASP A 19 10.18 4.41 0.75
CA ASP A 19 9.98 5.43 1.81
C ASP A 19 8.54 5.95 1.72
N CYS A 20 7.61 5.26 2.34
CA CYS A 20 6.19 5.71 2.30
C CYS A 20 6.07 7.01 3.09
N ARG A 21 6.83 7.14 4.13
CA ARG A 21 6.77 8.38 4.95
C ARG A 21 7.15 9.58 4.08
N ARG A 22 8.19 9.43 3.30
CA ARG A 22 8.62 10.55 2.43
C ARG A 22 7.60 10.75 1.31
N SER A 23 7.22 9.67 0.69
CA SER A 23 6.22 9.78 -0.42
C SER A 23 4.89 10.29 0.16
N LEU A 24 4.55 9.88 1.35
CA LEU A 24 3.27 10.34 1.97
C LEU A 24 3.29 11.85 2.20
N ARG A 25 4.32 12.36 2.82
CA ARG A 25 4.38 13.83 3.06
C ARG A 25 4.53 14.56 1.72
N ASN A 26 5.06 13.89 0.74
CA ASN A 26 5.22 14.53 -0.59
C ASN A 26 3.86 14.57 -1.29
N GLY A 27 2.86 14.01 -0.67
CA GLY A 27 1.51 14.01 -1.30
C GLY A 27 1.44 12.90 -2.34
N ASP A 28 2.24 11.88 -2.18
CA ASP A 28 2.23 10.76 -3.15
C ASP A 28 0.85 10.11 -3.15
N CYS A 29 0.26 9.98 -2.00
CA CYS A 29 -1.09 9.37 -1.91
C CYS A 29 -2.09 10.29 -2.60
N ASP A 30 -1.75 11.54 -2.74
CA ASP A 30 -2.68 12.50 -3.39
C ASP A 30 -2.32 12.66 -4.87
N ASN A 31 -1.35 11.92 -5.33
CA ASN A 31 -0.95 12.04 -6.76
C ASN A 31 -1.56 10.87 -7.54
N ASP A 32 -2.46 11.17 -8.45
CA ASP A 32 -3.10 10.10 -9.25
C ASP A 32 -2.02 9.29 -9.96
N ASP A 33 -0.95 9.93 -10.35
CA ASP A 33 0.14 9.22 -11.06
C ASP A 33 0.83 8.25 -10.11
N LYS A 34 0.78 8.52 -8.83
CA LYS A 34 1.45 7.61 -7.86
C LYS A 34 0.40 6.84 -7.05
N LEU A 35 -0.84 7.12 -7.28
CA LEU A 35 -1.90 6.41 -6.51
C LEU A 35 -1.69 4.90 -6.63
N LEU A 36 -1.46 4.41 -7.82
CA LEU A 36 -1.24 2.95 -7.99
C LEU A 36 0.06 2.56 -7.27
N GLU A 37 1.07 3.38 -7.37
CA GLU A 37 2.36 3.05 -6.71
C GLU A 37 2.13 2.88 -5.21
N MET A 38 1.31 3.71 -4.64
CA MET A 38 1.04 3.61 -3.18
C MET A 38 0.21 2.37 -2.89
N GLY A 39 -0.81 2.13 -3.66
CA GLY A 39 -1.64 0.93 -3.42
C GLY A 39 -0.74 -0.30 -3.48
N TYR A 40 0.32 -0.20 -4.23
CA TYR A 40 1.26 -1.35 -4.34
C TYR A 40 2.42 -1.21 -3.35
N TYR A 41 3.12 -0.11 -3.38
CA TYR A 41 4.27 0.06 -2.46
C TYR A 41 3.80 0.41 -1.04
N CYS A 42 2.90 1.35 -0.91
CA CYS A 42 2.44 1.71 0.47
C CYS A 42 0.92 1.84 0.51
N PRO A 43 0.24 0.73 0.43
CA PRO A 43 -1.26 0.71 0.48
C PRO A 43 -1.78 1.12 1.86
N VAL A 44 -1.05 0.79 2.89
CA VAL A 44 -1.50 1.14 4.26
C VAL A 44 -1.19 2.62 4.55
N THR A 45 -0.01 3.07 4.19
CA THR A 45 0.37 4.49 4.45
C THR A 45 -0.60 5.44 3.76
N CYS A 46 -1.02 5.11 2.57
CA CYS A 46 -1.94 6.03 1.85
C CYS A 46 -3.39 5.75 2.26
N GLY A 47 -3.64 4.66 2.92
CA GLY A 47 -5.03 4.38 3.38
C GLY A 47 -5.86 3.64 2.32
N PHE A 48 -5.26 2.75 1.57
CA PHE A 48 -6.06 1.99 0.56
C PHE A 48 -6.27 0.59 1.12
N CYS A 49 -5.55 0.25 2.14
CA CYS A 49 -5.69 -1.09 2.76
C CYS A 49 -5.38 -1.00 4.25
N GLU A 50 -5.53 -2.07 4.96
CA GLU A 50 -5.24 -2.06 6.42
C GLU A 50 -4.00 -2.90 6.71
N PRO A 51 -3.27 -2.57 7.74
CA PRO A 51 -2.04 -3.32 8.12
C PRO A 51 -2.24 -4.84 8.07
N ASN A 1 -0.21 -29.60 0.43
CA ASN A 1 -1.19 -28.48 0.55
C ASN A 1 -1.22 -27.99 2.00
N ASP A 2 -0.40 -27.02 2.33
CA ASP A 2 -0.40 -26.51 3.72
C ASP A 2 -1.73 -25.81 4.00
N ILE A 3 -2.23 -25.93 5.20
CA ILE A 3 -3.53 -25.28 5.54
C ILE A 3 -3.32 -23.78 5.68
N ARG A 4 -2.12 -23.33 5.51
CA ARG A 4 -1.83 -21.87 5.64
C ARG A 4 -2.34 -21.15 4.39
N THR A 5 -2.94 -21.87 3.49
CA THR A 5 -3.47 -21.23 2.25
C THR A 5 -4.80 -20.55 2.56
N ALA A 6 -5.21 -20.60 3.80
CA ALA A 6 -6.50 -19.95 4.17
C ALA A 6 -6.31 -18.44 4.28
N ALA A 7 -5.11 -17.98 4.10
CA ALA A 7 -4.86 -16.50 4.19
C ALA A 7 -5.64 -15.77 3.11
N ASP A 8 -6.19 -14.63 3.43
CA ASP A 8 -6.97 -13.87 2.41
C ASP A 8 -6.10 -12.70 1.90
N MET A 9 -4.90 -12.58 2.40
CA MET A 9 -4.01 -11.47 1.94
C MET A 9 -4.75 -10.15 2.07
N GLU A 10 -5.77 -10.09 2.88
CA GLU A 10 -6.52 -8.83 3.04
C GLU A 10 -5.66 -7.83 3.81
N HIS A 11 -4.55 -8.27 4.33
CA HIS A 11 -3.66 -7.34 5.07
C HIS A 11 -2.51 -6.92 4.18
N CYS A 12 -2.31 -5.65 4.02
CA CYS A 12 -1.20 -5.16 3.18
C CYS A 12 -0.19 -4.48 4.09
N ALA A 13 1.02 -4.32 3.66
CA ALA A 13 2.02 -3.67 4.53
C ALA A 13 2.84 -2.65 3.73
N ASP A 14 3.30 -1.61 4.38
CA ASP A 14 4.11 -0.59 3.66
C ASP A 14 5.42 -1.24 3.18
N GLU A 15 5.84 -0.94 1.98
CA GLU A 15 7.10 -1.55 1.47
C GLU A 15 8.27 -1.16 2.37
N LYS A 16 9.11 -2.09 2.70
CA LYS A 16 10.28 -1.78 3.57
C LYS A 16 11.35 -1.02 2.76
N ASN A 17 11.42 -1.26 1.48
CA ASN A 17 12.45 -0.57 0.66
C ASN A 17 11.87 0.72 0.08
N PHE A 18 10.60 0.96 0.27
CA PHE A 18 9.98 2.20 -0.27
C PHE A 18 9.78 3.20 0.86
N ASP A 19 10.17 4.43 0.66
CA ASP A 19 9.98 5.44 1.73
C ASP A 19 8.56 5.95 1.69
N CYS A 20 7.65 5.24 2.32
CA CYS A 20 6.24 5.68 2.32
C CYS A 20 6.10 6.97 3.11
N ARG A 21 6.87 7.11 4.15
CA ARG A 21 6.82 8.34 4.98
C ARG A 21 7.18 9.55 4.12
N ARG A 22 8.23 9.45 3.35
CA ARG A 22 8.63 10.59 2.49
C ARG A 22 7.60 10.79 1.38
N SER A 23 7.21 9.72 0.74
CA SER A 23 6.21 9.83 -0.35
C SER A 23 4.87 10.31 0.23
N LEU A 24 4.54 9.90 1.42
CA LEU A 24 3.24 10.32 2.02
C LEU A 24 3.25 11.83 2.28
N ARG A 25 4.27 12.33 2.92
CA ARG A 25 4.31 13.79 3.20
C ARG A 25 4.45 14.53 1.87
N ASN A 26 4.94 13.85 0.86
CA ASN A 26 5.11 14.49 -0.47
C ASN A 26 3.75 14.53 -1.19
N GLY A 27 2.74 14.01 -0.57
CA GLY A 27 1.39 14.02 -1.22
C GLY A 27 1.33 12.90 -2.27
N ASP A 28 2.19 11.92 -2.14
CA ASP A 28 2.18 10.79 -3.12
C ASP A 28 0.82 10.11 -3.09
N CYS A 29 0.24 9.95 -1.94
CA CYS A 29 -1.09 9.31 -1.85
C CYS A 29 -2.13 10.22 -2.51
N ASP A 30 -1.82 11.49 -2.60
CA ASP A 30 -2.78 12.45 -3.22
C ASP A 30 -2.47 12.61 -4.71
N ASN A 31 -1.47 11.95 -5.21
CA ASN A 31 -1.15 12.07 -6.66
C ASN A 31 -1.75 10.90 -7.42
N ASP A 32 -2.69 11.15 -8.29
CA ASP A 32 -3.31 10.05 -9.07
C ASP A 32 -2.22 9.28 -9.82
N ASP A 33 -1.21 9.96 -10.25
CA ASP A 33 -0.11 9.29 -10.99
C ASP A 33 0.66 8.34 -10.07
N LYS A 34 0.62 8.57 -8.78
CA LYS A 34 1.37 7.68 -7.86
C LYS A 34 0.39 6.84 -7.03
N LEU A 35 -0.87 7.04 -7.23
CA LEU A 35 -1.87 6.25 -6.45
C LEU A 35 -1.61 4.76 -6.66
N LEU A 36 -1.39 4.36 -7.88
CA LEU A 36 -1.13 2.92 -8.15
C LEU A 36 0.18 2.52 -7.48
N GLU A 37 1.17 3.35 -7.55
CA GLU A 37 2.47 3.02 -6.92
C GLU A 37 2.29 2.87 -5.41
N MET A 38 1.46 3.69 -4.83
CA MET A 38 1.23 3.59 -3.35
C MET A 38 0.49 2.29 -3.04
N GLY A 39 -0.52 1.98 -3.80
CA GLY A 39 -1.28 0.72 -3.57
C GLY A 39 -0.31 -0.44 -3.73
N TYR A 40 0.71 -0.25 -4.51
CA TYR A 40 1.71 -1.33 -4.73
C TYR A 40 2.84 -1.20 -3.70
N TYR A 41 3.38 -0.03 -3.54
CA TYR A 41 4.50 0.16 -2.57
C TYR A 41 3.96 0.38 -1.16
N CYS A 42 3.10 1.34 -0.96
CA CYS A 42 2.57 1.58 0.41
C CYS A 42 1.05 1.69 0.40
N PRO A 43 0.37 0.58 0.30
CA PRO A 43 -1.11 0.56 0.31
C PRO A 43 -1.65 0.93 1.69
N VAL A 44 -0.92 0.58 2.71
CA VAL A 44 -1.36 0.92 4.09
C VAL A 44 -1.04 2.39 4.39
N THR A 45 0.12 2.83 4.01
CA THR A 45 0.52 4.25 4.26
C THR A 45 -0.47 5.21 3.61
N CYS A 46 -0.94 4.92 2.45
CA CYS A 46 -1.88 5.84 1.76
C CYS A 46 -3.33 5.57 2.19
N GLY A 47 -3.55 4.57 2.99
CA GLY A 47 -4.93 4.27 3.47
C GLY A 47 -5.72 3.50 2.41
N PHE A 48 -5.11 2.58 1.73
CA PHE A 48 -5.86 1.79 0.71
C PHE A 48 -6.04 0.38 1.26
N CYS A 49 -5.29 0.06 2.28
CA CYS A 49 -5.40 -1.29 2.91
C CYS A 49 -5.59 -1.12 4.41
N GLU A 50 -5.91 -2.18 5.11
CA GLU A 50 -6.09 -2.07 6.59
C GLU A 50 -4.89 -2.70 7.30
N PRO A 51 -4.16 -1.94 8.06
CA PRO A 51 -2.97 -2.45 8.80
C PRO A 51 -3.26 -3.77 9.51
N ASN A 1 -18.85 -15.98 4.30
CA ASN A 1 -20.02 -16.35 3.46
C ASN A 1 -19.54 -16.78 2.08
N ASP A 2 -19.24 -15.83 1.21
CA ASP A 2 -18.75 -16.20 -0.15
C ASP A 2 -17.36 -16.82 -0.04
N ILE A 3 -17.08 -17.81 -0.83
CA ILE A 3 -15.74 -18.47 -0.77
C ILE A 3 -14.68 -17.52 -1.35
N ARG A 4 -15.09 -16.34 -1.73
CA ARG A 4 -14.12 -15.37 -2.31
C ARG A 4 -13.25 -14.78 -1.19
N THR A 5 -13.49 -15.20 0.03
CA THR A 5 -12.68 -14.66 1.16
C THR A 5 -11.41 -15.50 1.32
N ALA A 6 -11.21 -16.47 0.46
CA ALA A 6 -10.00 -17.32 0.58
C ALA A 6 -8.76 -16.53 0.17
N ALA A 7 -8.93 -15.33 -0.31
CA ALA A 7 -7.75 -14.52 -0.71
C ALA A 7 -6.85 -14.29 0.50
N ASP A 8 -5.56 -14.33 0.31
CA ASP A 8 -4.64 -14.11 1.45
C ASP A 8 -4.14 -12.66 1.42
N MET A 9 -4.71 -11.86 0.56
CA MET A 9 -4.27 -10.44 0.47
C MET A 9 -5.08 -9.57 1.42
N GLU A 10 -5.73 -10.16 2.38
CA GLU A 10 -6.54 -9.37 3.34
C GLU A 10 -5.61 -8.51 4.20
N HIS A 11 -4.39 -8.93 4.37
CA HIS A 11 -3.44 -8.15 5.21
C HIS A 11 -2.50 -7.38 4.29
N CYS A 12 -2.47 -6.08 4.40
CA CYS A 12 -1.57 -5.27 3.53
C CYS A 12 -0.48 -4.65 4.40
N ALA A 13 0.68 -4.43 3.83
CA ALA A 13 1.78 -3.83 4.63
C ALA A 13 2.52 -2.77 3.79
N ASP A 14 3.09 -1.79 4.44
CA ASP A 14 3.85 -0.75 3.69
C ASP A 14 5.17 -1.33 3.22
N GLU A 15 5.64 -0.92 2.06
CA GLU A 15 6.93 -1.47 1.56
C GLU A 15 8.08 -1.00 2.44
N LYS A 16 8.95 -1.89 2.81
CA LYS A 16 10.10 -1.50 3.67
C LYS A 16 11.20 -0.88 2.82
N ASN A 17 11.24 -1.23 1.55
CA ASN A 17 12.30 -0.67 0.66
C ASN A 17 11.83 0.65 0.05
N PHE A 18 10.60 1.01 0.28
CA PHE A 18 10.07 2.29 -0.28
C PHE A 18 9.83 3.28 0.86
N ASP A 19 10.25 4.51 0.68
CA ASP A 19 10.03 5.52 1.75
C ASP A 19 8.58 6.01 1.68
N CYS A 20 7.68 5.30 2.29
CA CYS A 20 6.25 5.71 2.25
C CYS A 20 6.07 7.00 3.04
N ARG A 21 6.78 7.13 4.12
CA ARG A 21 6.67 8.36 4.95
C ARG A 21 7.06 9.56 4.10
N ARG A 22 8.15 9.48 3.39
CA ARG A 22 8.58 10.62 2.53
C ARG A 22 7.56 10.81 1.41
N SER A 23 7.21 9.74 0.74
CA SER A 23 6.23 9.86 -0.36
C SER A 23 4.89 10.34 0.21
N LEU A 24 4.55 9.92 1.40
CA LEU A 24 3.26 10.36 2.01
C LEU A 24 3.26 11.87 2.25
N ARG A 25 4.28 12.39 2.89
CA ARG A 25 4.32 13.85 3.13
C ARG A 25 4.44 14.58 1.80
N ASN A 26 4.99 13.92 0.81
CA ASN A 26 5.14 14.55 -0.53
C ASN A 26 3.77 14.56 -1.22
N GLY A 27 2.77 14.04 -0.56
CA GLY A 27 1.41 14.01 -1.18
C GLY A 27 1.37 12.91 -2.23
N ASP A 28 2.23 11.93 -2.12
CA ASP A 28 2.23 10.82 -3.12
C ASP A 28 0.85 10.16 -3.12
N CYS A 29 0.26 10.02 -1.96
CA CYS A 29 -1.09 9.39 -1.89
C CYS A 29 -2.09 10.31 -2.59
N ASP A 30 -1.74 11.58 -2.73
CA ASP A 30 -2.66 12.54 -3.39
C ASP A 30 -2.30 12.68 -4.87
N ASN A 31 -1.33 11.93 -5.33
CA ASN A 31 -0.95 12.03 -6.76
C ASN A 31 -1.56 10.88 -7.53
N ASP A 32 -2.46 11.16 -8.43
CA ASP A 32 -3.10 10.09 -9.23
C ASP A 32 -2.02 9.27 -9.92
N ASP A 33 -0.96 9.91 -10.32
CA ASP A 33 0.14 9.19 -11.01
C ASP A 33 0.85 8.24 -10.05
N LYS A 34 0.81 8.52 -8.77
CA LYS A 34 1.50 7.62 -7.81
C LYS A 34 0.46 6.83 -7.00
N LEU A 35 -0.79 7.09 -7.23
CA LEU A 35 -1.84 6.36 -6.48
C LEU A 35 -1.65 4.85 -6.66
N LEU A 36 -1.44 4.41 -7.87
CA LEU A 36 -1.23 2.96 -8.09
C LEU A 36 0.07 2.54 -7.41
N GLU A 37 1.07 3.37 -7.48
CA GLU A 37 2.36 3.01 -6.84
C GLU A 37 2.16 2.84 -5.34
N MET A 38 1.35 3.68 -4.75
CA MET A 38 1.10 3.58 -3.28
C MET A 38 0.30 2.31 -2.98
N GLY A 39 -0.72 2.05 -3.75
CA GLY A 39 -1.52 0.83 -3.52
C GLY A 39 -0.61 -0.39 -3.63
N TYR A 40 0.47 -0.24 -4.34
CA TYR A 40 1.43 -1.37 -4.51
C TYR A 40 2.55 -1.27 -3.48
N TYR A 41 3.23 -0.15 -3.43
CA TYR A 41 4.35 -0.01 -2.46
C TYR A 41 3.82 0.25 -1.05
N CYS A 42 3.00 1.26 -0.88
CA CYS A 42 2.48 1.54 0.49
C CYS A 42 0.96 1.71 0.47
N PRO A 43 0.26 0.61 0.35
CA PRO A 43 -1.23 0.62 0.36
C PRO A 43 -1.77 1.03 1.73
N VAL A 44 -1.07 0.67 2.77
CA VAL A 44 -1.52 1.04 4.14
C VAL A 44 -1.18 2.50 4.43
N THR A 45 0.00 2.92 4.06
CA THR A 45 0.42 4.33 4.32
C THR A 45 -0.53 5.32 3.63
N CYS A 46 -1.00 5.01 2.45
CA CYS A 46 -1.90 5.96 1.75
C CYS A 46 -3.36 5.75 2.18
N GLY A 47 -3.61 4.76 3.00
CA GLY A 47 -5.00 4.53 3.47
C GLY A 47 -5.82 3.78 2.41
N PHE A 48 -5.23 2.83 1.75
CA PHE A 48 -5.99 2.06 0.72
C PHE A 48 -6.20 0.65 1.24
N CYS A 49 -5.48 0.28 2.25
CA CYS A 49 -5.63 -1.09 2.81
C CYS A 49 -5.32 -1.06 4.31
N GLU A 50 -5.47 -2.17 4.98
CA GLU A 50 -5.19 -2.21 6.45
C GLU A 50 -3.81 -2.83 6.70
N PRO A 51 -3.17 -2.41 7.76
CA PRO A 51 -1.81 -2.94 8.14
C PRO A 51 -1.87 -4.40 8.61
N ASN A 1 -4.96 -30.42 -2.97
CA ASN A 1 -5.24 -28.97 -2.72
C ASN A 1 -4.41 -28.48 -1.53
N ASP A 2 -3.68 -27.41 -1.72
CA ASP A 2 -2.85 -26.87 -0.61
C ASP A 2 -3.75 -26.05 0.33
N ILE A 3 -3.67 -26.31 1.61
CA ILE A 3 -4.52 -25.55 2.57
C ILE A 3 -3.94 -24.15 2.78
N ARG A 4 -2.83 -23.85 2.16
CA ARG A 4 -2.23 -22.49 2.31
C ARG A 4 -3.05 -21.48 1.51
N THR A 5 -4.09 -21.92 0.88
CA THR A 5 -4.93 -20.99 0.07
C THR A 5 -5.92 -20.28 0.97
N ALA A 6 -5.85 -20.51 2.25
CA ALA A 6 -6.80 -19.84 3.18
C ALA A 6 -6.40 -18.37 3.34
N ALA A 7 -5.25 -18.00 2.86
CA ALA A 7 -4.82 -16.58 2.98
C ALA A 7 -5.76 -15.70 2.15
N ASP A 8 -6.19 -14.58 2.69
CA ASP A 8 -7.11 -13.70 1.92
C ASP A 8 -6.33 -12.52 1.36
N MET A 9 -5.05 -12.45 1.61
CA MET A 9 -4.24 -11.32 1.09
C MET A 9 -4.98 -10.00 1.35
N GLU A 10 -5.92 -10.02 2.26
CA GLU A 10 -6.67 -8.76 2.57
C GLU A 10 -5.76 -7.86 3.41
N HIS A 11 -4.65 -8.36 3.84
CA HIS A 11 -3.74 -7.53 4.66
C HIS A 11 -2.60 -7.05 3.78
N CYS A 12 -2.38 -5.76 3.76
CA CYS A 12 -1.28 -5.20 2.96
C CYS A 12 -0.27 -4.57 3.90
N ALA A 13 0.95 -4.39 3.48
CA ALA A 13 1.95 -3.79 4.40
C ALA A 13 2.77 -2.74 3.63
N ASP A 14 3.21 -1.72 4.33
CA ASP A 14 4.02 -0.66 3.65
C ASP A 14 5.36 -1.25 3.23
N GLU A 15 5.83 -0.92 2.06
CA GLU A 15 7.15 -1.48 1.60
C GLU A 15 8.25 -1.05 2.57
N LYS A 16 9.15 -1.94 2.89
CA LYS A 16 10.26 -1.56 3.81
C LYS A 16 11.38 -0.92 3.01
N ASN A 17 11.48 -1.24 1.74
CA ASN A 17 12.57 -0.65 0.89
C ASN A 17 12.09 0.65 0.25
N PHE A 18 10.83 0.98 0.38
CA PHE A 18 10.34 2.24 -0.24
C PHE A 18 10.02 3.24 0.87
N ASP A 19 10.49 4.46 0.74
CA ASP A 19 10.23 5.47 1.80
C ASP A 19 8.80 6.00 1.65
N CYS A 20 7.84 5.33 2.24
CA CYS A 20 6.42 5.80 2.13
C CYS A 20 6.27 7.10 2.91
N ARG A 21 6.95 7.23 4.00
CA ARG A 21 6.86 8.47 4.82
C ARG A 21 7.22 9.65 3.92
N ARG A 22 8.24 9.48 3.13
CA ARG A 22 8.67 10.57 2.21
C ARG A 22 7.61 10.77 1.13
N SER A 23 7.17 9.70 0.53
CA SER A 23 6.14 9.84 -0.54
C SER A 23 4.82 10.31 0.09
N LEU A 24 4.55 9.87 1.30
CA LEU A 24 3.28 10.29 1.96
C LEU A 24 3.29 11.80 2.23
N ARG A 25 4.35 12.31 2.81
CA ARG A 25 4.39 13.77 3.08
C ARG A 25 4.46 14.54 1.76
N ASN A 26 4.98 13.92 0.74
CA ASN A 26 5.08 14.61 -0.57
C ASN A 26 3.69 14.62 -1.21
N GLY A 27 2.74 14.04 -0.56
CA GLY A 27 1.35 14.01 -1.12
C GLY A 27 1.25 12.90 -2.16
N ASP A 28 2.11 11.93 -2.10
CA ASP A 28 2.06 10.82 -3.08
C ASP A 28 0.68 10.15 -3.04
N CYS A 29 0.14 9.97 -1.88
CA CYS A 29 -1.20 9.34 -1.78
C CYS A 29 -2.22 10.25 -2.47
N ASP A 30 -1.87 11.50 -2.63
CA ASP A 30 -2.81 12.47 -3.27
C ASP A 30 -2.49 12.63 -4.77
N ASN A 31 -1.54 11.90 -5.27
CA ASN A 31 -1.20 12.02 -6.72
C ASN A 31 -1.78 10.84 -7.49
N ASP A 32 -2.70 11.09 -8.37
CA ASP A 32 -3.30 9.97 -9.15
C ASP A 32 -2.19 9.20 -9.87
N ASP A 33 -1.17 9.89 -10.29
CA ASP A 33 -0.06 9.20 -11.01
C ASP A 33 0.71 8.29 -10.05
N LYS A 34 0.64 8.53 -8.77
CA LYS A 34 1.39 7.66 -7.81
C LYS A 34 0.40 6.84 -6.98
N LEU A 35 -0.88 7.03 -7.19
CA LEU A 35 -1.87 6.26 -6.41
C LEU A 35 -1.62 4.76 -6.60
N LEU A 36 -1.36 4.34 -7.81
CA LEU A 36 -1.09 2.90 -8.05
C LEU A 36 0.23 2.53 -7.35
N GLU A 37 1.20 3.41 -7.40
CA GLU A 37 2.50 3.11 -6.76
C GLU A 37 2.28 2.89 -5.26
N MET A 38 1.45 3.68 -4.66
CA MET A 38 1.18 3.52 -3.20
C MET A 38 0.38 2.26 -2.96
N GLY A 39 -0.63 2.02 -3.75
CA GLY A 39 -1.43 0.78 -3.56
C GLY A 39 -0.49 -0.41 -3.67
N TYR A 40 0.56 -0.26 -4.41
CA TYR A 40 1.53 -1.37 -4.58
C TYR A 40 2.68 -1.25 -3.56
N TYR A 41 3.32 -0.11 -3.51
CA TYR A 41 4.46 0.06 -2.56
C TYR A 41 3.96 0.36 -1.14
N CYS A 42 3.07 1.30 -0.99
CA CYS A 42 2.58 1.62 0.39
C CYS A 42 1.06 1.76 0.41
N PRO A 43 0.36 0.66 0.31
CA PRO A 43 -1.13 0.66 0.34
C PRO A 43 -1.65 0.99 1.75
N VAL A 44 -0.92 0.58 2.75
CA VAL A 44 -1.35 0.87 4.14
C VAL A 44 -1.01 2.32 4.49
N THR A 45 0.14 2.78 4.09
CA THR A 45 0.55 4.19 4.39
C THR A 45 -0.42 5.19 3.75
N CYS A 46 -0.89 4.91 2.56
CA CYS A 46 -1.81 5.88 1.90
C CYS A 46 -3.26 5.62 2.34
N GLY A 47 -3.49 4.62 3.15
CA GLY A 47 -4.88 4.35 3.63
C GLY A 47 -5.69 3.60 2.56
N PHE A 48 -5.08 2.71 1.83
CA PHE A 48 -5.86 1.94 0.81
C PHE A 48 -6.06 0.52 1.33
N CYS A 49 -5.31 0.16 2.33
CA CYS A 49 -5.44 -1.21 2.90
C CYS A 49 -5.62 -1.09 4.42
N GLU A 50 -5.94 -2.17 5.07
CA GLU A 50 -6.14 -2.11 6.55
C GLU A 50 -4.97 -2.84 7.25
N PRO A 51 -4.18 -2.13 8.02
CA PRO A 51 -3.01 -2.74 8.73
C PRO A 51 -3.36 -4.09 9.37
N ASN A 1 -11.15 -28.31 -0.80
CA ASN A 1 -11.30 -27.06 -1.60
C ASN A 1 -9.98 -26.75 -2.29
N ASP A 2 -9.98 -25.77 -3.16
CA ASP A 2 -8.72 -25.41 -3.86
C ASP A 2 -7.71 -24.87 -2.85
N ILE A 3 -6.45 -25.18 -3.02
CA ILE A 3 -5.43 -24.67 -2.07
C ILE A 3 -5.14 -23.20 -2.39
N ARG A 4 -5.89 -22.63 -3.30
CA ARG A 4 -5.67 -21.21 -3.66
C ARG A 4 -6.21 -20.31 -2.55
N THR A 5 -6.81 -20.90 -1.55
CA THR A 5 -7.37 -20.09 -0.44
C THR A 5 -6.30 -19.94 0.65
N ALA A 6 -5.17 -20.56 0.47
CA ALA A 6 -4.09 -20.45 1.49
C ALA A 6 -3.37 -19.10 1.32
N ALA A 7 -3.75 -18.34 0.33
CA ALA A 7 -3.09 -17.02 0.09
C ALA A 7 -3.12 -16.18 1.38
N ASP A 8 -2.06 -15.47 1.64
CA ASP A 8 -2.02 -14.64 2.88
C ASP A 8 -2.01 -13.15 2.51
N MET A 9 -2.27 -12.83 1.28
CA MET A 9 -2.27 -11.39 0.87
C MET A 9 -3.43 -10.67 1.54
N GLU A 10 -4.05 -11.30 2.50
CA GLU A 10 -5.19 -10.66 3.21
C GLU A 10 -4.69 -9.48 4.05
N HIS A 11 -3.46 -9.51 4.45
CA HIS A 11 -2.91 -8.41 5.27
C HIS A 11 -2.09 -7.47 4.38
N CYS A 12 -2.45 -6.23 4.33
CA CYS A 12 -1.69 -5.26 3.50
C CYS A 12 -0.59 -4.63 4.34
N ALA A 13 0.56 -4.45 3.78
CA ALA A 13 1.68 -3.85 4.58
C ALA A 13 2.42 -2.82 3.72
N ASP A 14 2.98 -1.82 4.34
CA ASP A 14 3.73 -0.79 3.57
C ASP A 14 5.08 -1.35 3.17
N GLU A 15 5.60 -0.94 2.04
CA GLU A 15 6.93 -1.45 1.60
C GLU A 15 8.01 -1.02 2.60
N LYS A 16 8.91 -1.91 2.92
CA LYS A 16 9.99 -1.54 3.87
C LYS A 16 11.14 -0.93 3.08
N ASN A 17 11.26 -1.28 1.82
CA ASN A 17 12.35 -0.73 0.99
C ASN A 17 11.91 0.59 0.35
N PHE A 18 10.66 0.95 0.50
CA PHE A 18 10.19 2.23 -0.10
C PHE A 18 9.89 3.23 1.02
N ASP A 19 10.41 4.43 0.92
CA ASP A 19 10.14 5.42 1.98
C ASP A 19 8.71 5.95 1.79
N CYS A 20 7.75 5.26 2.32
CA CYS A 20 6.34 5.72 2.17
C CYS A 20 6.16 7.03 2.94
N ARG A 21 6.86 7.16 4.04
CA ARG A 21 6.74 8.41 4.85
C ARG A 21 7.16 9.60 3.98
N ARG A 22 8.22 9.46 3.24
CA ARG A 22 8.67 10.58 2.37
C ARG A 22 7.66 10.78 1.25
N SER A 23 7.25 9.73 0.62
CA SER A 23 6.26 9.86 -0.48
C SER A 23 4.93 10.33 0.11
N LEU A 24 4.61 9.91 1.31
CA LEU A 24 3.32 10.33 1.94
C LEU A 24 3.34 11.85 2.18
N ARG A 25 4.38 12.36 2.80
CA ARG A 25 4.43 13.82 3.06
C ARG A 25 4.53 14.56 1.73
N ASN A 26 5.04 13.90 0.73
CA ASN A 26 5.17 14.55 -0.60
C ASN A 26 3.81 14.58 -1.29
N GLY A 27 2.81 14.04 -0.65
CA GLY A 27 1.45 14.05 -1.26
C GLY A 27 1.35 12.92 -2.29
N ASP A 28 2.19 11.93 -2.19
CA ASP A 28 2.14 10.81 -3.16
C ASP A 28 0.75 10.18 -3.13
N CYS A 29 0.18 10.04 -1.97
CA CYS A 29 -1.18 9.45 -1.87
C CYS A 29 -2.16 10.38 -2.58
N ASP A 30 -1.80 11.63 -2.72
CA ASP A 30 -2.70 12.61 -3.39
C ASP A 30 -2.33 12.74 -4.87
N ASN A 31 -1.35 12.00 -5.32
CA ASN A 31 -0.96 12.10 -6.75
C ASN A 31 -1.58 10.93 -7.51
N ASP A 32 -2.50 11.21 -8.39
CA ASP A 32 -3.13 10.11 -9.16
C ASP A 32 -2.05 9.30 -9.89
N ASP A 33 -1.02 9.96 -10.31
CA ASP A 33 0.07 9.25 -11.03
C ASP A 33 0.79 8.28 -10.09
N LYS A 34 0.74 8.53 -8.82
CA LYS A 34 1.44 7.61 -7.86
C LYS A 34 0.41 6.83 -7.04
N LEU A 35 -0.86 7.11 -7.23
CA LEU A 35 -1.90 6.37 -6.46
C LEU A 35 -1.67 4.88 -6.63
N LEU A 36 -1.45 4.43 -7.83
CA LEU A 36 -1.22 2.98 -8.05
C LEU A 36 0.10 2.59 -7.37
N GLU A 37 1.07 3.46 -7.43
CA GLU A 37 2.39 3.16 -6.80
C GLU A 37 2.20 2.96 -5.30
N MET A 38 1.37 3.74 -4.69
CA MET A 38 1.13 3.57 -3.22
C MET A 38 0.31 2.31 -2.99
N GLY A 39 -0.72 2.11 -3.75
CA GLY A 39 -1.54 0.88 -3.58
C GLY A 39 -0.62 -0.32 -3.69
N TYR A 40 0.44 -0.18 -4.43
CA TYR A 40 1.40 -1.29 -4.62
C TYR A 40 2.55 -1.17 -3.61
N TYR A 41 3.19 -0.04 -3.56
CA TYR A 41 4.33 0.13 -2.61
C TYR A 41 3.82 0.39 -1.19
N CYS A 42 2.90 1.29 -1.01
CA CYS A 42 2.42 1.55 0.38
C CYS A 42 0.89 1.71 0.41
N PRO A 43 0.18 0.61 0.31
CA PRO A 43 -1.31 0.61 0.34
C PRO A 43 -1.83 1.04 1.72
N VAL A 44 -1.13 0.67 2.75
CA VAL A 44 -1.56 1.04 4.13
C VAL A 44 -1.18 2.50 4.40
N THR A 45 0.00 2.90 4.01
CA THR A 45 0.44 4.30 4.25
C THR A 45 -0.54 5.29 3.62
N CYS A 46 -1.04 4.99 2.44
CA CYS A 46 -1.98 5.95 1.78
C CYS A 46 -3.42 5.71 2.24
N GLY A 47 -3.64 4.75 3.09
CA GLY A 47 -5.03 4.49 3.57
C GLY A 47 -5.85 3.76 2.51
N PHE A 48 -5.24 2.88 1.78
CA PHE A 48 -6.00 2.12 0.75
C PHE A 48 -6.23 0.71 1.26
N CYS A 49 -5.52 0.34 2.29
CA CYS A 49 -5.70 -1.02 2.87
C CYS A 49 -5.35 -0.96 4.35
N GLU A 50 -5.54 -2.04 5.06
CA GLU A 50 -5.23 -2.04 6.52
C GLU A 50 -3.94 -2.84 6.76
N PRO A 51 -3.24 -2.52 7.81
CA PRO A 51 -1.97 -3.22 8.17
C PRO A 51 -2.21 -4.66 8.65
N ASN A 1 -12.44 -25.65 -6.16
CA ASN A 1 -11.26 -26.37 -6.70
C ASN A 1 -9.98 -25.81 -6.06
N ASP A 2 -9.19 -26.67 -5.48
CA ASP A 2 -7.93 -26.21 -4.83
C ASP A 2 -8.24 -25.11 -3.81
N ILE A 3 -7.86 -25.31 -2.59
CA ILE A 3 -8.12 -24.28 -1.55
C ILE A 3 -7.07 -23.17 -1.67
N ARG A 4 -6.13 -23.35 -2.56
CA ARG A 4 -5.08 -22.30 -2.75
C ARG A 4 -5.73 -20.96 -3.02
N THR A 5 -6.90 -20.97 -3.60
CA THR A 5 -7.59 -19.69 -3.91
C THR A 5 -8.13 -19.08 -2.61
N ALA A 6 -7.83 -19.69 -1.49
CA ALA A 6 -8.34 -19.12 -0.20
C ALA A 6 -7.57 -17.84 0.13
N ALA A 7 -6.58 -17.52 -0.64
CA ALA A 7 -5.80 -16.28 -0.37
C ALA A 7 -6.64 -15.07 -0.75
N ASP A 8 -6.81 -14.14 0.16
CA ASP A 8 -7.61 -12.93 -0.14
C ASP A 8 -6.71 -11.68 -0.07
N MET A 9 -5.47 -11.86 0.24
CA MET A 9 -4.56 -10.69 0.34
C MET A 9 -5.19 -9.64 1.26
N GLU A 10 -5.93 -10.09 2.24
CA GLU A 10 -6.58 -9.13 3.18
C GLU A 10 -5.53 -8.43 4.03
N HIS A 11 -4.32 -8.92 4.02
CA HIS A 11 -3.26 -8.26 4.85
C HIS A 11 -2.40 -7.38 3.95
N CYS A 12 -2.36 -6.10 4.23
CA CYS A 12 -1.53 -5.18 3.40
C CYS A 12 -0.45 -4.56 4.29
N ALA A 13 0.73 -4.35 3.77
CA ALA A 13 1.81 -3.76 4.61
C ALA A 13 2.58 -2.71 3.80
N ASP A 14 3.15 -1.74 4.46
CA ASP A 14 3.93 -0.69 3.73
C ASP A 14 5.25 -1.31 3.23
N GLU A 15 5.65 -0.99 2.04
CA GLU A 15 6.92 -1.57 1.53
C GLU A 15 8.07 -1.16 2.46
N LYS A 16 8.97 -2.05 2.73
CA LYS A 16 10.11 -1.71 3.62
C LYS A 16 11.23 -1.07 2.82
N ASN A 17 11.31 -1.34 1.55
CA ASN A 17 12.40 -0.73 0.72
C ASN A 17 11.92 0.61 0.15
N PHE A 18 10.65 0.88 0.22
CA PHE A 18 10.14 2.19 -0.31
C PHE A 18 9.78 3.08 0.87
N ASP A 19 10.25 4.29 0.89
CA ASP A 19 9.92 5.19 2.01
C ASP A 19 8.52 5.76 1.78
N CYS A 20 7.57 5.30 2.55
CA CYS A 20 6.18 5.78 2.40
C CYS A 20 6.02 7.12 3.12
N ARG A 21 6.69 7.29 4.23
CA ARG A 21 6.57 8.57 4.97
C ARG A 21 7.03 9.71 4.06
N ARG A 22 8.10 9.52 3.36
CA ARG A 22 8.59 10.58 2.44
C ARG A 22 7.59 10.76 1.30
N SER A 23 7.15 9.70 0.71
CA SER A 23 6.17 9.82 -0.41
C SER A 23 4.84 10.33 0.16
N LEU A 24 4.50 9.92 1.35
CA LEU A 24 3.21 10.39 1.95
C LEU A 24 3.24 11.90 2.17
N ARG A 25 4.28 12.39 2.80
CA ARG A 25 4.36 13.86 3.04
C ARG A 25 4.51 14.59 1.71
N ASN A 26 5.01 13.92 0.72
CA ASN A 26 5.18 14.56 -0.61
C ASN A 26 3.84 14.60 -1.33
N GLY A 27 2.82 14.08 -0.72
CA GLY A 27 1.47 14.07 -1.36
C GLY A 27 1.39 12.94 -2.38
N ASP A 28 2.22 11.94 -2.23
CA ASP A 28 2.18 10.80 -3.19
C ASP A 28 0.80 10.15 -3.15
N CYS A 29 0.20 10.04 -1.99
CA CYS A 29 -1.15 9.42 -1.91
C CYS A 29 -2.16 10.33 -2.61
N ASP A 30 -1.82 11.58 -2.75
CA ASP A 30 -2.74 12.55 -3.41
C ASP A 30 -2.40 12.66 -4.89
N ASN A 31 -1.43 11.94 -5.35
CA ASN A 31 -1.06 12.02 -6.78
C ASN A 31 -1.64 10.82 -7.51
N ASP A 32 -2.57 11.06 -8.41
CA ASP A 32 -3.19 9.95 -9.17
C ASP A 32 -2.10 9.16 -9.89
N ASP A 33 -1.08 9.83 -10.33
CA ASP A 33 0.03 9.14 -11.05
C ASP A 33 0.78 8.23 -10.08
N LYS A 34 0.72 8.50 -8.81
CA LYS A 34 1.44 7.64 -7.83
C LYS A 34 0.44 6.85 -6.99
N LEU A 35 -0.83 7.06 -7.22
CA LEU A 35 -1.84 6.30 -6.42
C LEU A 35 -1.60 4.81 -6.58
N LEU A 36 -1.37 4.37 -7.79
CA LEU A 36 -1.12 2.93 -8.01
C LEU A 36 0.19 2.54 -7.32
N GLU A 37 1.16 3.41 -7.36
CA GLU A 37 2.45 3.09 -6.71
C GLU A 37 2.23 2.90 -5.21
N MET A 38 1.43 3.74 -4.62
CA MET A 38 1.17 3.60 -3.16
C MET A 38 0.36 2.35 -2.89
N GLY A 39 -0.67 2.12 -3.66
CA GLY A 39 -1.50 0.90 -3.44
C GLY A 39 -0.59 -0.33 -3.57
N TYR A 40 0.46 -0.21 -4.32
CA TYR A 40 1.38 -1.36 -4.50
C TYR A 40 2.53 -1.26 -3.50
N TYR A 41 3.16 -0.11 -3.41
CA TYR A 41 4.30 0.03 -2.47
C TYR A 41 3.81 0.32 -1.04
N CYS A 42 2.97 1.31 -0.87
CA CYS A 42 2.49 1.62 0.51
C CYS A 42 0.98 1.77 0.54
N PRO A 43 0.26 0.69 0.41
CA PRO A 43 -1.23 0.69 0.44
C PRO A 43 -1.75 1.10 1.82
N VAL A 44 -1.05 0.72 2.85
CA VAL A 44 -1.50 1.07 4.22
C VAL A 44 -1.15 2.53 4.53
N THR A 45 0.02 2.98 4.17
CA THR A 45 0.41 4.38 4.46
C THR A 45 -0.53 5.36 3.77
N CYS A 46 -0.98 5.05 2.58
CA CYS A 46 -1.88 6.01 1.87
C CYS A 46 -3.34 5.77 2.29
N GLY A 47 -3.59 4.76 3.06
CA GLY A 47 -4.99 4.51 3.51
C GLY A 47 -5.80 3.78 2.44
N PHE A 48 -5.18 2.90 1.70
CA PHE A 48 -5.94 2.15 0.66
C PHE A 48 -6.15 0.73 1.17
N CYS A 49 -5.48 0.38 2.22
CA CYS A 49 -5.63 -0.97 2.80
C CYS A 49 -5.30 -0.93 4.29
N GLU A 50 -5.46 -2.02 4.97
CA GLU A 50 -5.14 -2.04 6.43
C GLU A 50 -3.83 -2.79 6.65
N PRO A 51 -3.19 -2.53 7.76
CA PRO A 51 -1.90 -3.18 8.11
C PRO A 51 -2.08 -4.66 8.45
N ASN A 1 2.42 -27.40 -2.41
CA ASN A 1 1.58 -28.62 -2.25
C ASN A 1 0.12 -28.21 -1.97
N ASP A 2 -0.14 -27.59 -0.86
CA ASP A 2 -1.54 -27.18 -0.55
C ASP A 2 -1.95 -26.04 -1.49
N ILE A 3 -3.23 -25.86 -1.69
CA ILE A 3 -3.70 -24.75 -2.59
C ILE A 3 -3.73 -23.46 -1.78
N ARG A 4 -3.45 -23.54 -0.52
CA ARG A 4 -3.48 -22.32 0.34
C ARG A 4 -2.23 -21.48 0.08
N THR A 5 -1.39 -21.93 -0.82
CA THR A 5 -0.16 -21.15 -1.13
C THR A 5 -0.51 -20.04 -2.12
N ALA A 6 -1.76 -19.94 -2.49
CA ALA A 6 -2.17 -18.87 -3.44
C ALA A 6 -2.30 -17.55 -2.69
N ALA A 7 -2.15 -17.56 -1.40
CA ALA A 7 -2.26 -16.29 -0.62
C ALA A 7 -3.53 -15.56 -1.05
N ASP A 8 -3.78 -14.40 -0.50
CA ASP A 8 -5.00 -13.63 -0.89
C ASP A 8 -4.74 -12.14 -0.74
N MET A 9 -3.54 -11.77 -0.40
CA MET A 9 -3.23 -10.32 -0.23
C MET A 9 -4.21 -9.68 0.75
N GLU A 10 -4.86 -10.47 1.55
CA GLU A 10 -5.82 -9.90 2.53
C GLU A 10 -5.07 -9.00 3.51
N HIS A 11 -3.82 -9.26 3.71
CA HIS A 11 -3.03 -8.42 4.66
C HIS A 11 -2.17 -7.44 3.85
N CYS A 12 -2.37 -6.18 4.07
CA CYS A 12 -1.58 -5.15 3.33
C CYS A 12 -0.53 -4.55 4.26
N ALA A 13 0.67 -4.37 3.79
CA ALA A 13 1.73 -3.80 4.66
C ALA A 13 2.53 -2.76 3.87
N ASP A 14 3.08 -1.77 4.54
CA ASP A 14 3.87 -0.74 3.82
C ASP A 14 5.19 -1.37 3.35
N GLU A 15 5.64 -1.02 2.18
CA GLU A 15 6.91 -1.60 1.66
C GLU A 15 8.05 -1.17 2.59
N LYS A 16 8.91 -2.07 2.95
CA LYS A 16 10.04 -1.71 3.86
C LYS A 16 11.17 -1.08 3.03
N ASN A 17 11.20 -1.33 1.74
CA ASN A 17 12.28 -0.75 0.90
C ASN A 17 11.82 0.57 0.26
N PHE A 18 10.57 0.93 0.43
CA PHE A 18 10.09 2.20 -0.17
C PHE A 18 9.84 3.23 0.93
N ASP A 19 10.36 4.41 0.78
CA ASP A 19 10.15 5.46 1.82
C ASP A 19 8.72 6.00 1.68
N CYS A 20 7.78 5.34 2.29
CA CYS A 20 6.37 5.80 2.21
C CYS A 20 6.21 7.10 3.00
N ARG A 21 6.93 7.24 4.08
CA ARG A 21 6.83 8.47 4.89
C ARG A 21 7.20 9.67 4.01
N ARG A 22 8.24 9.53 3.25
CA ARG A 22 8.67 10.63 2.36
C ARG A 22 7.63 10.83 1.25
N SER A 23 7.22 9.78 0.62
CA SER A 23 6.21 9.89 -0.47
C SER A 23 4.89 10.39 0.13
N LEU A 24 4.58 9.97 1.32
CA LEU A 24 3.31 10.41 1.97
C LEU A 24 3.33 11.91 2.19
N ARG A 25 4.37 12.41 2.82
CA ARG A 25 4.43 13.87 3.09
C ARG A 25 4.55 14.61 1.75
N ASN A 26 5.03 13.94 0.74
CA ASN A 26 5.17 14.59 -0.59
C ASN A 26 3.81 14.63 -1.28
N GLY A 27 2.80 14.11 -0.64
CA GLY A 27 1.45 14.12 -1.25
C GLY A 27 1.35 13.00 -2.29
N ASP A 28 2.18 12.01 -2.17
CA ASP A 28 2.15 10.89 -3.15
C ASP A 28 0.77 10.21 -3.12
N CYS A 29 0.22 10.03 -1.95
CA CYS A 29 -1.13 9.39 -1.87
C CYS A 29 -2.15 10.29 -2.56
N ASP A 30 -1.82 11.55 -2.71
CA ASP A 30 -2.78 12.49 -3.35
C ASP A 30 -2.45 12.64 -4.84
N ASN A 31 -1.46 11.94 -5.31
CA ASN A 31 -1.10 12.04 -6.74
C ASN A 31 -1.69 10.85 -7.50
N ASP A 32 -2.61 11.10 -8.38
CA ASP A 32 -3.23 9.99 -9.16
C ASP A 32 -2.14 9.20 -9.87
N ASP A 33 -1.10 9.88 -10.29
CA ASP A 33 0.00 9.20 -11.00
C ASP A 33 0.75 8.26 -10.04
N LYS A 34 0.67 8.50 -8.76
CA LYS A 34 1.40 7.62 -7.80
C LYS A 34 0.40 6.81 -6.98
N LEU A 35 -0.87 7.02 -7.21
CA LEU A 35 -1.87 6.25 -6.42
C LEU A 35 -1.65 4.76 -6.63
N LEU A 36 -1.43 4.35 -7.85
CA LEU A 36 -1.19 2.90 -8.10
C LEU A 36 0.12 2.49 -7.43
N GLU A 37 1.11 3.34 -7.49
CA GLU A 37 2.41 3.00 -6.86
C GLU A 37 2.19 2.83 -5.35
N MET A 38 1.37 3.66 -4.77
CA MET A 38 1.10 3.56 -3.31
C MET A 38 0.33 2.28 -3.01
N GLY A 39 -0.72 2.01 -3.76
CA GLY A 39 -1.50 0.78 -3.51
C GLY A 39 -0.54 -0.42 -3.65
N TYR A 40 0.52 -0.23 -4.37
CA TYR A 40 1.50 -1.33 -4.57
C TYR A 40 2.61 -1.25 -3.53
N TYR A 41 3.23 -0.11 -3.38
CA TYR A 41 4.34 0.02 -2.39
C TYR A 41 3.80 0.25 -0.99
N CYS A 42 3.01 1.27 -0.80
CA CYS A 42 2.49 1.54 0.58
C CYS A 42 0.97 1.71 0.56
N PRO A 43 0.26 0.63 0.41
CA PRO A 43 -1.23 0.66 0.40
C PRO A 43 -1.78 1.08 1.77
N VAL A 44 -1.08 0.73 2.82
CA VAL A 44 -1.55 1.11 4.17
C VAL A 44 -1.17 2.57 4.47
N THR A 45 0.05 2.95 4.14
CA THR A 45 0.48 4.36 4.40
C THR A 45 -0.48 5.34 3.72
N CYS A 46 -0.94 5.03 2.56
CA CYS A 46 -1.86 5.97 1.86
C CYS A 46 -3.31 5.75 2.29
N GLY A 47 -3.56 4.74 3.08
CA GLY A 47 -4.94 4.51 3.58
C GLY A 47 -5.83 3.79 2.53
N PHE A 48 -5.29 2.92 1.75
CA PHE A 48 -6.14 2.19 0.76
C PHE A 48 -6.38 0.79 1.29
N CYS A 49 -5.58 0.38 2.22
CA CYS A 49 -5.73 -0.98 2.79
C CYS A 49 -5.43 -0.94 4.29
N GLU A 50 -5.61 -2.03 4.96
CA GLU A 50 -5.34 -2.06 6.43
C GLU A 50 -3.99 -2.73 6.69
N PRO A 51 -3.32 -2.37 7.75
CA PRO A 51 -1.99 -2.95 8.11
C PRO A 51 -2.08 -4.43 8.48
N ASN A 1 2.38 -26.06 -8.54
CA ASN A 1 3.35 -25.12 -7.92
C ASN A 1 3.34 -25.29 -6.40
N ASP A 2 4.08 -24.47 -5.70
CA ASP A 2 4.10 -24.59 -4.21
C ASP A 2 2.77 -24.13 -3.62
N ILE A 3 2.32 -24.77 -2.57
CA ILE A 3 1.02 -24.36 -1.95
C ILE A 3 1.22 -23.12 -1.09
N ARG A 4 2.43 -22.67 -0.94
CA ARG A 4 2.67 -21.46 -0.12
C ARG A 4 1.83 -20.31 -0.66
N THR A 5 1.56 -20.31 -1.93
CA THR A 5 0.76 -19.22 -2.53
C THR A 5 -0.66 -19.27 -1.97
N ALA A 6 -0.90 -20.13 -1.03
CA ALA A 6 -2.26 -20.23 -0.43
C ALA A 6 -2.54 -18.96 0.38
N ALA A 7 -1.59 -18.06 0.45
CA ALA A 7 -1.82 -16.81 1.22
C ALA A 7 -3.02 -16.07 0.64
N ASP A 8 -3.78 -15.41 1.47
CA ASP A 8 -4.97 -14.66 0.96
C ASP A 8 -4.59 -13.19 0.81
N MET A 9 -3.34 -12.87 1.00
CA MET A 9 -2.90 -11.46 0.85
C MET A 9 -3.92 -10.53 1.50
N GLU A 10 -4.70 -11.02 2.42
CA GLU A 10 -5.71 -10.15 3.08
C GLU A 10 -5.00 -9.13 3.97
N HIS A 11 -3.73 -9.33 4.23
CA HIS A 11 -2.99 -8.37 5.09
C HIS A 11 -2.13 -7.45 4.22
N CYS A 12 -2.35 -6.17 4.31
CA CYS A 12 -1.55 -5.21 3.49
C CYS A 12 -0.48 -4.57 4.36
N ALA A 13 0.71 -4.40 3.84
CA ALA A 13 1.80 -3.79 4.65
C ALA A 13 2.55 -2.75 3.82
N ASP A 14 3.11 -1.76 4.45
CA ASP A 14 3.87 -0.73 3.69
C ASP A 14 5.21 -1.33 3.24
N GLU A 15 5.64 -1.02 2.05
CA GLU A 15 6.95 -1.57 1.59
C GLU A 15 8.04 -1.13 2.56
N LYS A 16 8.92 -2.04 2.92
CA LYS A 16 10.02 -1.67 3.85
C LYS A 16 11.15 -1.02 3.06
N ASN A 17 11.26 -1.33 1.80
CA ASN A 17 12.35 -0.74 0.98
C ASN A 17 11.87 0.56 0.32
N PHE A 18 10.62 0.89 0.48
CA PHE A 18 10.11 2.16 -0.14
C PHE A 18 9.87 3.19 0.96
N ASP A 19 10.39 4.37 0.81
CA ASP A 19 10.18 5.42 1.85
C ASP A 19 8.76 5.96 1.71
N CYS A 20 7.80 5.31 2.30
CA CYS A 20 6.39 5.77 2.18
C CYS A 20 6.22 7.07 2.97
N ARG A 21 6.91 7.19 4.07
CA ARG A 21 6.80 8.42 4.89
C ARG A 21 7.18 9.62 4.00
N ARG A 22 8.24 9.48 3.26
CA ARG A 22 8.67 10.58 2.37
C ARG A 22 7.65 10.78 1.24
N SER A 23 7.24 9.72 0.62
CA SER A 23 6.24 9.84 -0.47
C SER A 23 4.91 10.32 0.11
N LEU A 24 4.59 9.93 1.31
CA LEU A 24 3.30 10.37 1.92
C LEU A 24 3.32 11.88 2.17
N ARG A 25 4.35 12.38 2.78
CA ARG A 25 4.40 13.85 3.05
C ARG A 25 4.53 14.61 1.73
N ASN A 26 5.00 13.93 0.71
CA ASN A 26 5.15 14.60 -0.62
C ASN A 26 3.80 14.64 -1.32
N GLY A 27 2.79 14.06 -0.71
CA GLY A 27 1.44 14.06 -1.34
C GLY A 27 1.37 12.92 -2.36
N ASP A 28 2.22 11.94 -2.23
CA ASP A 28 2.18 10.81 -3.19
C ASP A 28 0.80 10.14 -3.15
N CYS A 29 0.23 9.99 -1.98
CA CYS A 29 -1.12 9.36 -1.90
C CYS A 29 -2.14 10.30 -2.56
N ASP A 30 -1.80 11.55 -2.73
CA ASP A 30 -2.73 12.51 -3.37
C ASP A 30 -2.41 12.67 -4.85
N ASN A 31 -1.41 11.98 -5.33
CA ASN A 31 -1.06 12.10 -6.78
C ASN A 31 -1.65 10.93 -7.54
N ASP A 32 -2.55 11.19 -8.45
CA ASP A 32 -3.17 10.09 -9.23
C ASP A 32 -2.08 9.30 -9.94
N ASP A 33 -1.05 9.98 -10.36
CA ASP A 33 0.05 9.27 -11.08
C ASP A 33 0.76 8.31 -10.13
N LYS A 34 0.70 8.56 -8.85
CA LYS A 34 1.39 7.65 -7.89
C LYS A 34 0.36 6.87 -7.08
N LEU A 35 -0.90 7.13 -7.30
CA LEU A 35 -1.94 6.40 -6.52
C LEU A 35 -1.71 4.89 -6.66
N LEU A 36 -1.45 4.42 -7.85
CA LEU A 36 -1.21 2.96 -8.03
C LEU A 36 0.10 2.58 -7.33
N GLU A 37 1.08 3.45 -7.36
CA GLU A 37 2.38 3.13 -6.70
C GLU A 37 2.16 2.94 -5.20
N MET A 38 1.34 3.77 -4.62
CA MET A 38 1.07 3.67 -3.16
C MET A 38 0.26 2.40 -2.88
N GLY A 39 -0.76 2.18 -3.65
CA GLY A 39 -1.59 0.95 -3.42
C GLY A 39 -0.68 -0.26 -3.51
N TYR A 40 0.39 -0.15 -4.25
CA TYR A 40 1.32 -1.29 -4.41
C TYR A 40 2.47 -1.20 -3.40
N TYR A 41 3.17 -0.10 -3.38
CA TYR A 41 4.32 0.04 -2.44
C TYR A 41 3.82 0.35 -1.02
N CYS A 42 2.95 1.31 -0.88
CA CYS A 42 2.47 1.66 0.49
C CYS A 42 0.95 1.77 0.51
N PRO A 43 0.26 0.65 0.42
CA PRO A 43 -1.23 0.62 0.45
C PRO A 43 -1.76 1.05 1.83
N VAL A 44 -1.04 0.70 2.86
CA VAL A 44 -1.49 1.06 4.23
C VAL A 44 -1.14 2.53 4.50
N THR A 45 0.04 2.94 4.15
CA THR A 45 0.47 4.35 4.40
C THR A 45 -0.50 5.33 3.74
N CYS A 46 -0.97 5.03 2.56
CA CYS A 46 -1.90 5.97 1.87
C CYS A 46 -3.35 5.72 2.32
N GLY A 47 -3.60 4.63 2.99
CA GLY A 47 -4.98 4.36 3.48
C GLY A 47 -5.84 3.66 2.42
N PHE A 48 -5.27 2.79 1.63
CA PHE A 48 -6.10 2.07 0.62
C PHE A 48 -6.33 0.66 1.16
N CYS A 49 -5.58 0.29 2.15
CA CYS A 49 -5.74 -1.06 2.75
C CYS A 49 -5.44 -0.99 4.24
N GLU A 50 -5.59 -2.07 4.94
CA GLU A 50 -5.32 -2.07 6.40
C GLU A 50 -4.04 -2.85 6.68
N PRO A 51 -3.31 -2.49 7.70
CA PRO A 51 -2.04 -3.19 8.05
C PRO A 51 -2.20 -4.70 7.99
N ASN A 1 -17.88 -22.75 -4.21
CA ASN A 1 -17.00 -21.58 -4.50
C ASN A 1 -15.54 -22.03 -4.49
N ASP A 2 -14.66 -21.21 -5.01
CA ASP A 2 -13.22 -21.61 -5.04
C ASP A 2 -12.65 -21.55 -3.63
N ILE A 3 -11.93 -22.56 -3.24
CA ILE A 3 -11.33 -22.57 -1.87
C ILE A 3 -10.10 -21.65 -1.86
N ARG A 4 -9.77 -21.06 -2.97
CA ARG A 4 -8.57 -20.17 -3.01
C ARG A 4 -8.91 -18.83 -2.37
N THR A 5 -10.13 -18.64 -1.96
CA THR A 5 -10.51 -17.35 -1.33
C THR A 5 -9.93 -17.31 0.08
N ALA A 6 -9.24 -18.34 0.48
CA ALA A 6 -8.65 -18.37 1.84
C ALA A 6 -7.33 -17.58 1.83
N ALA A 7 -6.99 -16.99 0.72
CA ALA A 7 -5.72 -16.22 0.66
C ALA A 7 -5.65 -15.25 1.84
N ASP A 8 -4.47 -15.09 2.39
CA ASP A 8 -4.32 -14.16 3.55
C ASP A 8 -3.76 -12.83 3.04
N MET A 9 -3.75 -12.64 1.75
CA MET A 9 -3.20 -11.38 1.19
C MET A 9 -4.14 -10.22 1.51
N GLU A 10 -5.06 -10.45 2.39
CA GLU A 10 -6.02 -9.37 2.78
C GLU A 10 -5.27 -8.29 3.54
N HIS A 11 -4.14 -8.61 4.10
CA HIS A 11 -3.38 -7.61 4.87
C HIS A 11 -2.24 -7.07 4.01
N CYS A 12 -2.18 -5.77 3.87
CA CYS A 12 -1.11 -5.15 3.07
C CYS A 12 -0.12 -4.47 4.01
N ALA A 13 1.08 -4.27 3.59
CA ALA A 13 2.08 -3.62 4.48
C ALA A 13 2.88 -2.59 3.69
N ASP A 14 3.34 -1.55 4.34
CA ASP A 14 4.13 -0.53 3.63
C ASP A 14 5.46 -1.14 3.18
N GLU A 15 5.86 -0.89 1.97
CA GLU A 15 7.15 -1.48 1.49
C GLU A 15 8.28 -1.02 2.39
N LYS A 16 9.19 -1.89 2.71
CA LYS A 16 10.33 -1.50 3.58
C LYS A 16 11.43 -0.90 2.71
N ASN A 17 11.45 -1.22 1.44
CA ASN A 17 12.50 -0.65 0.54
C ASN A 17 12.01 0.68 -0.03
N PHE A 18 10.74 0.98 0.17
CA PHE A 18 10.20 2.26 -0.35
C PHE A 18 9.94 3.21 0.82
N ASP A 19 10.34 4.45 0.69
CA ASP A 19 10.11 5.42 1.81
C ASP A 19 8.67 5.94 1.73
N CYS A 20 7.75 5.23 2.33
CA CYS A 20 6.33 5.67 2.27
C CYS A 20 6.15 6.93 3.08
N ARG A 21 6.85 7.05 4.17
CA ARG A 21 6.73 8.27 5.02
C ARG A 21 7.11 9.49 4.19
N ARG A 22 8.18 9.41 3.46
CA ARG A 22 8.60 10.58 2.63
C ARG A 22 7.59 10.76 1.50
N SER A 23 7.27 9.69 0.83
CA SER A 23 6.30 9.79 -0.28
C SER A 23 4.95 10.28 0.24
N LEU A 24 4.56 9.85 1.42
CA LEU A 24 3.26 10.29 2.00
C LEU A 24 3.26 11.80 2.22
N ARG A 25 4.28 12.32 2.85
CA ARG A 25 4.31 13.80 3.09
C ARG A 25 4.46 14.52 1.76
N ASN A 26 4.97 13.84 0.77
CA ASN A 26 5.14 14.46 -0.57
C ASN A 26 3.79 14.49 -1.29
N GLY A 27 2.77 13.98 -0.66
CA GLY A 27 1.43 13.98 -1.29
C GLY A 27 1.35 12.84 -2.31
N ASP A 28 2.19 11.84 -2.17
CA ASP A 28 2.16 10.71 -3.13
C ASP A 28 0.77 10.06 -3.11
N CYS A 29 0.19 9.94 -1.95
CA CYS A 29 -1.16 9.32 -1.86
C CYS A 29 -2.17 10.27 -2.54
N ASP A 30 -1.82 11.52 -2.67
CA ASP A 30 -2.75 12.49 -3.31
C ASP A 30 -2.42 12.62 -4.79
N ASN A 31 -1.43 11.93 -5.27
CA ASN A 31 -1.08 12.03 -6.71
C ASN A 31 -1.70 10.85 -7.46
N ASP A 32 -2.63 11.10 -8.34
CA ASP A 32 -3.25 9.98 -9.10
C ASP A 32 -2.17 9.21 -9.83
N ASP A 33 -1.14 9.90 -10.24
CA ASP A 33 -0.04 9.23 -10.99
C ASP A 33 0.73 8.30 -10.05
N LYS A 34 0.66 8.50 -8.77
CA LYS A 34 1.39 7.62 -7.84
C LYS A 34 0.40 6.80 -7.01
N LEU A 35 -0.87 7.03 -7.20
CA LEU A 35 -1.87 6.26 -6.41
C LEU A 35 -1.62 4.76 -6.61
N LEU A 36 -1.39 4.34 -7.83
CA LEU A 36 -1.13 2.90 -8.07
C LEU A 36 0.17 2.52 -7.38
N GLU A 37 1.15 3.38 -7.41
CA GLU A 37 2.45 3.07 -6.76
C GLU A 37 2.22 2.87 -5.27
N MET A 38 1.38 3.67 -4.69
CA MET A 38 1.10 3.55 -3.24
C MET A 38 0.31 2.28 -2.97
N GLY A 39 -0.72 2.05 -3.71
CA GLY A 39 -1.53 0.82 -3.51
C GLY A 39 -0.60 -0.39 -3.63
N TYR A 40 0.47 -0.23 -4.37
CA TYR A 40 1.42 -1.35 -4.56
C TYR A 40 2.58 -1.23 -3.55
N TYR A 41 3.26 -0.10 -3.51
CA TYR A 41 4.40 0.05 -2.58
C TYR A 41 3.93 0.39 -1.17
N CYS A 42 3.05 1.35 -1.02
CA CYS A 42 2.58 1.71 0.34
C CYS A 42 1.05 1.80 0.39
N PRO A 43 0.40 0.68 0.28
CA PRO A 43 -1.10 0.63 0.32
C PRO A 43 -1.63 0.99 1.71
N VAL A 44 -0.91 0.63 2.73
CA VAL A 44 -1.35 0.93 4.12
C VAL A 44 -1.06 2.40 4.45
N THR A 45 0.08 2.89 4.07
CA THR A 45 0.44 4.31 4.38
C THR A 45 -0.54 5.27 3.70
N CYS A 46 -0.96 4.97 2.52
CA CYS A 46 -1.90 5.89 1.82
C CYS A 46 -3.34 5.61 2.21
N GLY A 47 -3.57 4.65 3.08
CA GLY A 47 -4.96 4.36 3.53
C GLY A 47 -5.73 3.60 2.45
N PHE A 48 -5.09 2.69 1.78
CA PHE A 48 -5.80 1.88 0.74
C PHE A 48 -5.96 0.46 1.26
N CYS A 49 -5.27 0.14 2.31
CA CYS A 49 -5.38 -1.21 2.91
C CYS A 49 -5.60 -1.08 4.42
N GLU A 50 -6.05 -2.12 5.05
CA GLU A 50 -6.29 -2.05 6.53
C GLU A 50 -5.16 -2.78 7.27
N PRO A 51 -4.35 -2.05 8.02
CA PRO A 51 -3.23 -2.66 8.78
C PRO A 51 -3.63 -3.96 9.48
N ASN A 1 -20.28 -13.97 4.07
CA ASN A 1 -19.93 -15.17 4.90
C ASN A 1 -19.27 -16.22 4.01
N ASP A 2 -18.47 -15.80 3.07
CA ASP A 2 -17.79 -16.77 2.16
C ASP A 2 -16.54 -17.33 2.84
N ILE A 3 -16.39 -18.63 2.82
CA ILE A 3 -15.19 -19.25 3.45
C ILE A 3 -13.97 -19.03 2.55
N ARG A 4 -14.16 -18.42 1.41
CA ARG A 4 -13.00 -18.16 0.51
C ARG A 4 -12.16 -17.02 1.06
N THR A 5 -12.53 -16.50 2.20
CA THR A 5 -11.75 -15.39 2.80
C THR A 5 -10.49 -15.97 3.45
N ALA A 6 -10.24 -17.23 3.24
CA ALA A 6 -9.02 -17.85 3.84
C ALA A 6 -7.79 -17.28 3.14
N ALA A 7 -7.98 -16.42 2.19
CA ALA A 7 -6.83 -15.81 1.47
C ALA A 7 -5.93 -15.09 2.48
N ASP A 8 -4.66 -15.08 2.25
CA ASP A 8 -3.73 -14.40 3.20
C ASP A 8 -3.42 -12.99 2.70
N MET A 9 -4.07 -12.56 1.65
CA MET A 9 -3.79 -11.19 1.12
C MET A 9 -4.69 -10.19 1.82
N GLU A 10 -5.36 -10.61 2.86
CA GLU A 10 -6.25 -9.68 3.61
C GLU A 10 -5.41 -8.70 4.41
N HIS A 11 -4.16 -9.02 4.63
CA HIS A 11 -3.29 -8.10 5.42
C HIS A 11 -2.37 -7.34 4.48
N CYS A 12 -2.40 -6.03 4.55
CA CYS A 12 -1.53 -5.21 3.67
C CYS A 12 -0.44 -4.55 4.50
N ALA A 13 0.72 -4.36 3.95
CA ALA A 13 1.83 -3.72 4.73
C ALA A 13 2.55 -2.70 3.84
N ASP A 14 3.14 -1.70 4.43
CA ASP A 14 3.88 -0.69 3.62
C ASP A 14 5.22 -1.30 3.17
N GLU A 15 5.61 -1.06 1.95
CA GLU A 15 6.90 -1.64 1.47
C GLU A 15 8.05 -1.14 2.34
N LYS A 16 9.00 -1.99 2.64
CA LYS A 16 10.15 -1.54 3.47
C LYS A 16 11.22 -0.91 2.57
N ASN A 17 11.25 -1.29 1.33
CA ASN A 17 12.27 -0.71 0.41
C ASN A 17 11.74 0.60 -0.18
N PHE A 18 10.52 0.96 0.14
CA PHE A 18 9.96 2.23 -0.41
C PHE A 18 9.76 3.23 0.73
N ASP A 19 10.20 4.44 0.56
CA ASP A 19 10.01 5.46 1.62
C ASP A 19 8.57 5.98 1.57
N CYS A 20 7.66 5.29 2.20
CA CYS A 20 6.24 5.73 2.19
C CYS A 20 6.07 6.98 3.05
N ARG A 21 6.79 7.06 4.13
CA ARG A 21 6.67 8.26 5.01
C ARG A 21 7.02 9.50 4.20
N ARG A 22 8.12 9.47 3.50
CA ARG A 22 8.52 10.63 2.68
C ARG A 22 7.54 10.81 1.52
N SER A 23 7.22 9.76 0.84
CA SER A 23 6.26 9.86 -0.28
C SER A 23 4.90 10.35 0.26
N LEU A 24 4.55 9.93 1.44
CA LEU A 24 3.24 10.36 2.01
C LEU A 24 3.25 11.87 2.28
N ARG A 25 4.28 12.39 2.89
CA ARG A 25 4.31 13.85 3.17
C ARG A 25 4.48 14.60 1.84
N ASN A 26 4.94 13.92 0.83
CA ASN A 26 5.11 14.59 -0.49
C ASN A 26 3.77 14.62 -1.23
N GLY A 27 2.76 14.07 -0.62
CA GLY A 27 1.42 14.06 -1.28
C GLY A 27 1.36 12.92 -2.30
N ASP A 28 2.17 11.92 -2.13
CA ASP A 28 2.15 10.78 -3.10
C ASP A 28 0.76 10.15 -3.11
N CYS A 29 0.15 10.02 -1.96
CA CYS A 29 -1.21 9.42 -1.91
C CYS A 29 -2.19 10.36 -2.63
N ASP A 30 -1.81 11.60 -2.78
CA ASP A 30 -2.71 12.59 -3.46
C ASP A 30 -2.32 12.72 -4.94
N ASN A 31 -1.31 12.02 -5.37
CA ASN A 31 -0.90 12.10 -6.79
C ASN A 31 -1.48 10.91 -7.56
N ASP A 32 -2.38 11.17 -8.48
CA ASP A 32 -2.99 10.06 -9.25
C ASP A 32 -1.90 9.26 -9.95
N ASP A 33 -0.86 9.91 -10.36
CA ASP A 33 0.24 9.19 -11.06
C ASP A 33 0.95 8.25 -10.08
N LYS A 34 0.87 8.52 -8.80
CA LYS A 34 1.56 7.65 -7.81
C LYS A 34 0.53 6.85 -7.02
N LEU A 35 -0.74 7.07 -7.27
CA LEU A 35 -1.78 6.32 -6.52
C LEU A 35 -1.55 4.82 -6.66
N LEU A 36 -1.27 4.37 -7.86
CA LEU A 36 -1.02 2.92 -8.06
C LEU A 36 0.25 2.52 -7.31
N GLU A 37 1.25 3.35 -7.36
CA GLU A 37 2.53 3.03 -6.67
C GLU A 37 2.25 2.85 -5.18
N MET A 38 1.40 3.68 -4.62
CA MET A 38 1.10 3.56 -3.18
C MET A 38 0.29 2.29 -2.92
N GLY A 39 -0.73 2.06 -3.71
CA GLY A 39 -1.53 0.83 -3.51
C GLY A 39 -0.60 -0.38 -3.58
N TYR A 40 0.47 -0.25 -4.31
CA TYR A 40 1.44 -1.36 -4.44
C TYR A 40 2.57 -1.21 -3.42
N TYR A 41 3.26 -0.09 -3.44
CA TYR A 41 4.38 0.12 -2.48
C TYR A 41 3.86 0.47 -1.08
N CYS A 42 2.88 1.31 -0.97
CA CYS A 42 2.40 1.68 0.40
C CYS A 42 0.87 1.78 0.44
N PRO A 43 0.20 0.67 0.37
CA PRO A 43 -1.30 0.63 0.42
C PRO A 43 -1.82 1.04 1.80
N VAL A 44 -1.10 0.70 2.83
CA VAL A 44 -1.54 1.05 4.20
C VAL A 44 -1.22 2.52 4.48
N THR A 45 -0.05 2.97 4.09
CA THR A 45 0.34 4.38 4.35
C THR A 45 -0.64 5.35 3.68
N CYS A 46 -1.08 5.04 2.49
CA CYS A 46 -2.02 5.97 1.80
C CYS A 46 -3.47 5.70 2.21
N GLY A 47 -3.70 4.74 3.06
CA GLY A 47 -5.09 4.48 3.50
C GLY A 47 -5.86 3.72 2.41
N PHE A 48 -5.22 2.81 1.72
CA PHE A 48 -5.94 2.04 0.67
C PHE A 48 -6.14 0.62 1.18
N CYS A 49 -5.49 0.28 2.25
CA CYS A 49 -5.66 -1.08 2.81
C CYS A 49 -5.36 -1.05 4.31
N GLU A 50 -5.54 -2.15 4.99
CA GLU A 50 -5.27 -2.18 6.45
C GLU A 50 -3.92 -2.88 6.71
N PRO A 51 -3.27 -2.52 7.78
CA PRO A 51 -1.94 -3.12 8.15
C PRO A 51 -2.06 -4.61 8.48
N ASN A 1 -0.17 -30.67 9.50
CA ASN A 1 -0.29 -29.50 8.59
C ASN A 1 -0.12 -28.21 9.39
N ASP A 2 0.70 -27.31 8.91
CA ASP A 2 0.90 -26.04 9.64
C ASP A 2 -0.30 -25.12 9.42
N ILE A 3 -0.85 -24.58 10.46
CA ILE A 3 -2.05 -23.70 10.32
C ILE A 3 -1.63 -22.36 9.70
N ARG A 4 -0.37 -22.20 9.39
CA ARG A 4 0.08 -20.92 8.79
C ARG A 4 -0.26 -20.92 7.29
N THR A 5 -0.87 -21.97 6.82
CA THR A 5 -1.24 -22.04 5.38
C THR A 5 -2.52 -21.23 5.17
N ALA A 6 -3.05 -20.69 6.22
CA ALA A 6 -4.30 -19.87 6.11
C ALA A 6 -3.97 -18.51 5.51
N ALA A 7 -2.73 -18.27 5.19
CA ALA A 7 -2.34 -16.96 4.61
C ALA A 7 -3.15 -16.68 3.36
N ASP A 8 -3.52 -15.45 3.14
CA ASP A 8 -4.31 -15.09 1.93
C ASP A 8 -3.93 -13.68 1.50
N MET A 9 -2.84 -13.18 2.02
CA MET A 9 -2.39 -11.80 1.66
C MET A 9 -3.49 -10.79 1.97
N GLU A 10 -4.43 -11.15 2.78
CA GLU A 10 -5.51 -10.19 3.13
C GLU A 10 -4.91 -9.08 3.99
N HIS A 11 -3.68 -9.24 4.40
CA HIS A 11 -3.03 -8.20 5.24
C HIS A 11 -2.10 -7.37 4.37
N CYS A 12 -2.31 -6.08 4.33
CA CYS A 12 -1.44 -5.20 3.49
C CYS A 12 -0.41 -4.52 4.38
N ALA A 13 0.79 -4.35 3.90
CA ALA A 13 1.84 -3.70 4.72
C ALA A 13 2.63 -2.71 3.86
N ASP A 14 3.16 -1.67 4.46
CA ASP A 14 3.95 -0.69 3.67
C ASP A 14 5.26 -1.32 3.21
N GLU A 15 5.67 -1.07 2.00
CA GLU A 15 6.94 -1.67 1.50
C GLU A 15 8.11 -1.18 2.36
N LYS A 16 9.03 -2.05 2.65
CA LYS A 16 10.20 -1.64 3.48
C LYS A 16 11.28 -1.01 2.61
N ASN A 17 11.29 -1.34 1.35
CA ASN A 17 12.32 -0.76 0.43
C ASN A 17 11.81 0.55 -0.15
N PHE A 18 10.59 0.92 0.16
CA PHE A 18 10.03 2.17 -0.39
C PHE A 18 9.83 3.18 0.76
N ASP A 19 10.20 4.42 0.56
CA ASP A 19 10.01 5.43 1.64
C ASP A 19 8.58 5.95 1.60
N CYS A 20 7.67 5.27 2.24
CA CYS A 20 6.25 5.72 2.24
C CYS A 20 6.12 7.01 3.05
N ARG A 21 6.85 7.10 4.12
CA ARG A 21 6.79 8.31 4.98
C ARG A 21 7.15 9.54 4.14
N ARG A 22 8.20 9.45 3.37
CA ARG A 22 8.60 10.60 2.52
C ARG A 22 7.58 10.77 1.39
N SER A 23 7.19 9.70 0.78
CA SER A 23 6.19 9.80 -0.31
C SER A 23 4.85 10.31 0.25
N LEU A 24 4.50 9.91 1.44
CA LEU A 24 3.22 10.38 2.03
C LEU A 24 3.24 11.89 2.23
N ARG A 25 4.28 12.42 2.82
CA ARG A 25 4.35 13.89 3.04
C ARG A 25 4.49 14.59 1.69
N ASN A 26 5.00 13.90 0.70
CA ASN A 26 5.14 14.51 -0.64
C ASN A 26 3.78 14.54 -1.33
N GLY A 27 2.78 14.02 -0.67
CA GLY A 27 1.42 14.02 -1.29
C GLY A 27 1.34 12.87 -2.30
N ASP A 28 2.19 11.90 -2.16
CA ASP A 28 2.18 10.76 -3.11
C ASP A 28 0.80 10.09 -3.07
N CYS A 29 0.22 9.98 -1.90
CA CYS A 29 -1.14 9.37 -1.80
C CYS A 29 -2.14 10.27 -2.50
N ASP A 30 -1.78 11.51 -2.70
CA ASP A 30 -2.71 12.47 -3.36
C ASP A 30 -2.36 12.62 -4.84
N ASN A 31 -1.38 11.89 -5.31
CA ASN A 31 -0.99 12.00 -6.74
C ASN A 31 -1.59 10.85 -7.53
N ASP A 32 -2.46 11.14 -8.46
CA ASP A 32 -3.09 10.06 -9.27
C ASP A 32 -1.99 9.27 -9.97
N ASP A 33 -0.94 9.92 -10.35
CA ASP A 33 0.18 9.23 -11.04
C ASP A 33 0.87 8.25 -10.08
N LYS A 34 0.84 8.51 -8.81
CA LYS A 34 1.50 7.60 -7.85
C LYS A 34 0.46 6.83 -7.05
N LEU A 35 -0.80 7.10 -7.27
CA LEU A 35 -1.85 6.37 -6.51
C LEU A 35 -1.61 4.87 -6.62
N LEU A 36 -1.32 4.40 -7.81
CA LEU A 36 -1.06 2.94 -7.98
C LEU A 36 0.25 2.58 -7.28
N GLU A 37 1.23 3.43 -7.34
CA GLU A 37 2.52 3.14 -6.67
C GLU A 37 2.29 2.98 -5.16
N MET A 38 1.44 3.79 -4.61
CA MET A 38 1.15 3.68 -3.14
C MET A 38 0.34 2.42 -2.87
N GLY A 39 -0.69 2.19 -3.62
CA GLY A 39 -1.51 0.98 -3.40
C GLY A 39 -0.60 -0.25 -3.45
N TYR A 40 0.46 -0.15 -4.20
CA TYR A 40 1.42 -1.28 -4.31
C TYR A 40 2.56 -1.11 -3.31
N TYR A 41 3.26 -0.01 -3.39
CA TYR A 41 4.42 0.20 -2.46
C TYR A 41 3.93 0.53 -1.04
N CYS A 42 2.92 1.34 -0.91
CA CYS A 42 2.46 1.70 0.46
C CYS A 42 0.92 1.80 0.52
N PRO A 43 0.26 0.68 0.42
CA PRO A 43 -1.23 0.61 0.48
C PRO A 43 -1.77 1.04 1.84
N VAL A 44 -1.03 0.74 2.88
CA VAL A 44 -1.48 1.10 4.25
C VAL A 44 -1.17 2.58 4.54
N THR A 45 0.00 3.03 4.19
CA THR A 45 0.38 4.45 4.46
C THR A 45 -0.60 5.40 3.77
N CYS A 46 -1.03 5.09 2.58
CA CYS A 46 -1.96 6.01 1.87
C CYS A 46 -3.41 5.75 2.27
N GLY A 47 -3.65 4.65 2.96
CA GLY A 47 -5.05 4.36 3.41
C GLY A 47 -5.87 3.66 2.32
N PHE A 48 -5.29 2.72 1.62
CA PHE A 48 -6.09 1.99 0.59
C PHE A 48 -6.34 0.57 1.11
N CYS A 49 -5.59 0.18 2.10
CA CYS A 49 -5.76 -1.18 2.66
C CYS A 49 -5.59 -1.11 4.17
N GLU A 50 -5.78 -2.20 4.86
CA GLU A 50 -5.62 -2.20 6.34
C GLU A 50 -4.24 -2.76 6.69
N PRO A 51 -3.70 -2.38 7.82
CA PRO A 51 -2.36 -2.85 8.28
C PRO A 51 -2.38 -4.34 8.69
N ASN A 1 -19.19 -19.44 -0.19
CA ASN A 1 -18.84 -20.77 0.38
C ASN A 1 -17.59 -21.30 -0.32
N ASP A 2 -16.84 -20.44 -0.94
CA ASP A 2 -15.60 -20.89 -1.65
C ASP A 2 -14.49 -21.14 -0.64
N ILE A 3 -13.87 -22.28 -0.70
CA ILE A 3 -12.77 -22.59 0.25
C ILE A 3 -11.51 -21.79 -0.11
N ARG A 4 -11.54 -21.05 -1.18
CA ARG A 4 -10.35 -20.25 -1.56
C ARG A 4 -10.26 -19.02 -0.67
N THR A 5 -11.18 -18.89 0.25
CA THR A 5 -11.15 -17.72 1.16
C THR A 5 -10.04 -17.89 2.18
N ALA A 6 -9.26 -18.92 2.04
CA ALA A 6 -8.15 -19.15 3.00
C ALA A 6 -7.01 -18.17 2.72
N ALA A 7 -7.12 -17.39 1.67
CA ALA A 7 -6.04 -16.42 1.35
C ALA A 7 -5.96 -15.36 2.45
N ASP A 8 -4.78 -14.90 2.75
CA ASP A 8 -4.63 -13.85 3.80
C ASP A 8 -4.16 -12.56 3.13
N MET A 9 -4.25 -12.50 1.83
CA MET A 9 -3.81 -11.29 1.10
C MET A 9 -4.70 -10.10 1.45
N GLU A 10 -5.48 -10.23 2.48
CA GLU A 10 -6.35 -9.08 2.88
C GLU A 10 -5.54 -8.10 3.70
N HIS A 11 -4.37 -8.50 4.13
CA HIS A 11 -3.53 -7.58 4.94
C HIS A 11 -2.40 -7.05 4.07
N CYS A 12 -2.29 -5.77 3.95
CA CYS A 12 -1.21 -5.17 3.13
C CYS A 12 -0.22 -4.49 4.07
N ALA A 13 1.00 -4.32 3.64
CA ALA A 13 2.00 -3.66 4.53
C ALA A 13 2.81 -2.65 3.73
N ASP A 14 3.26 -1.60 4.36
CA ASP A 14 4.07 -0.57 3.64
C ASP A 14 5.39 -1.19 3.19
N GLU A 15 5.86 -0.84 2.03
CA GLU A 15 7.15 -1.42 1.54
C GLU A 15 8.28 -0.94 2.44
N LYS A 16 9.19 -1.81 2.77
CA LYS A 16 10.34 -1.40 3.62
C LYS A 16 11.45 -0.82 2.75
N ASN A 17 11.44 -1.12 1.48
CA ASN A 17 12.49 -0.59 0.57
C ASN A 17 12.02 0.74 -0.02
N PHE A 18 10.76 1.06 0.18
CA PHE A 18 10.24 2.35 -0.38
C PHE A 18 9.94 3.30 0.78
N ASP A 19 10.33 4.54 0.65
CA ASP A 19 10.06 5.50 1.76
C ASP A 19 8.62 5.99 1.68
N CYS A 20 7.71 5.25 2.25
CA CYS A 20 6.28 5.65 2.22
C CYS A 20 6.11 6.93 3.05
N ARG A 21 6.88 7.06 4.09
CA ARG A 21 6.78 8.27 4.94
C ARG A 21 7.13 9.50 4.10
N ARG A 22 8.21 9.43 3.38
CA ARG A 22 8.62 10.58 2.53
C ARG A 22 7.61 10.77 1.40
N SER A 23 7.24 9.71 0.75
CA SER A 23 6.25 9.84 -0.36
C SER A 23 4.92 10.32 0.22
N LEU A 24 4.56 9.87 1.39
CA LEU A 24 3.27 10.31 2.00
C LEU A 24 3.29 11.82 2.26
N ARG A 25 4.32 12.33 2.89
CA ARG A 25 4.38 13.79 3.16
C ARG A 25 4.50 14.53 1.83
N ASN A 26 4.96 13.85 0.82
CA ASN A 26 5.11 14.50 -0.51
C ASN A 26 3.74 14.53 -1.21
N GLY A 27 2.74 13.97 -0.58
CA GLY A 27 1.39 13.98 -1.20
C GLY A 27 1.32 12.85 -2.23
N ASP A 28 2.18 11.87 -2.11
CA ASP A 28 2.16 10.74 -3.08
C ASP A 28 0.78 10.08 -3.06
N CYS A 29 0.20 9.94 -1.90
CA CYS A 29 -1.15 9.31 -1.82
C CYS A 29 -2.16 10.24 -2.50
N ASP A 30 -1.83 11.50 -2.63
CA ASP A 30 -2.76 12.46 -3.27
C ASP A 30 -2.42 12.62 -4.75
N ASN A 31 -1.40 11.92 -5.21
CA ASN A 31 -1.03 12.03 -6.64
C ASN A 31 -1.66 10.87 -7.42
N ASP A 32 -2.55 11.16 -8.32
CA ASP A 32 -3.20 10.08 -9.10
C ASP A 32 -2.11 9.28 -9.84
N ASP A 33 -1.08 9.95 -10.25
CA ASP A 33 0.02 9.27 -10.98
C ASP A 33 0.75 8.29 -10.05
N LYS A 34 0.67 8.50 -8.75
CA LYS A 34 1.38 7.59 -7.81
C LYS A 34 0.37 6.79 -7.01
N LEU A 35 -0.89 7.01 -7.20
CA LEU A 35 -1.91 6.26 -6.43
C LEU A 35 -1.67 4.76 -6.62
N LEU A 36 -1.50 4.31 -7.82
CA LEU A 36 -1.25 2.87 -8.05
C LEU A 36 0.09 2.49 -7.41
N GLU A 37 1.06 3.35 -7.52
CA GLU A 37 2.38 3.07 -6.93
C GLU A 37 2.23 2.87 -5.41
N MET A 38 1.40 3.67 -4.79
CA MET A 38 1.20 3.52 -3.32
C MET A 38 0.42 2.24 -3.04
N GLY A 39 -0.62 2.00 -3.78
CA GLY A 39 -1.42 0.75 -3.57
C GLY A 39 -0.48 -0.44 -3.71
N TYR A 40 0.56 -0.27 -4.46
CA TYR A 40 1.53 -1.38 -4.67
C TYR A 40 2.67 -1.29 -3.63
N TYR A 41 3.31 -0.16 -3.55
CA TYR A 41 4.44 -0.01 -2.58
C TYR A 41 3.92 0.30 -1.18
N CYS A 42 3.06 1.28 -1.04
CA CYS A 42 2.58 1.62 0.33
C CYS A 42 1.06 1.72 0.38
N PRO A 43 0.38 0.61 0.27
CA PRO A 43 -1.11 0.57 0.34
C PRO A 43 -1.62 0.93 1.73
N VAL A 44 -0.88 0.58 2.75
CA VAL A 44 -1.30 0.90 4.14
C VAL A 44 -1.01 2.37 4.45
N THR A 45 0.17 2.83 4.09
CA THR A 45 0.54 4.25 4.38
C THR A 45 -0.44 5.21 3.71
N CYS A 46 -0.90 4.90 2.52
CA CYS A 46 -1.82 5.84 1.84
C CYS A 46 -3.26 5.57 2.26
N GLY A 47 -3.49 4.56 3.06
CA GLY A 47 -4.88 4.27 3.52
C GLY A 47 -5.67 3.52 2.47
N PHE A 48 -5.05 2.63 1.74
CA PHE A 48 -5.80 1.85 0.72
C PHE A 48 -6.00 0.44 1.26
N CYS A 49 -5.30 0.10 2.31
CA CYS A 49 -5.45 -1.25 2.90
C CYS A 49 -5.67 -1.09 4.42
N GLU A 50 -6.09 -2.13 5.07
CA GLU A 50 -6.32 -2.04 6.55
C GLU A 50 -5.16 -2.73 7.28
N PRO A 51 -4.38 -1.97 8.03
CA PRO A 51 -3.22 -2.53 8.77
C PRO A 51 -3.57 -3.83 9.51
N ASN A 1 -0.33 -24.10 -10.39
CA ASN A 1 -1.73 -24.03 -10.92
C ASN A 1 -2.68 -23.67 -9.78
N ASP A 2 -2.28 -23.91 -8.56
CA ASP A 2 -3.16 -23.58 -7.41
C ASP A 2 -3.30 -22.07 -7.27
N ILE A 3 -4.48 -21.58 -7.02
CA ILE A 3 -4.67 -20.11 -6.87
C ILE A 3 -4.14 -19.68 -5.52
N ARG A 4 -3.65 -20.60 -4.74
CA ARG A 4 -3.13 -20.24 -3.38
C ARG A 4 -1.82 -19.48 -3.54
N THR A 5 -1.38 -19.26 -4.76
CA THR A 5 -0.11 -18.52 -4.97
C THR A 5 -0.43 -17.07 -5.32
N ALA A 6 -1.68 -16.79 -5.62
CA ALA A 6 -2.07 -15.39 -5.96
C ALA A 6 -2.27 -14.60 -4.68
N ALA A 7 -2.09 -15.22 -3.55
CA ALA A 7 -2.27 -14.50 -2.25
C ALA A 7 -3.66 -13.86 -2.21
N ASP A 8 -4.19 -13.65 -1.05
CA ASP A 8 -5.54 -13.03 -0.94
C ASP A 8 -5.38 -11.54 -0.68
N MET A 9 -4.17 -11.07 -0.65
CA MET A 9 -3.93 -9.62 -0.41
C MET A 9 -4.76 -9.16 0.78
N GLU A 10 -5.23 -10.07 1.59
CA GLU A 10 -6.03 -9.68 2.77
C GLU A 10 -5.16 -8.87 3.73
N HIS A 11 -3.89 -9.17 3.78
CA HIS A 11 -2.98 -8.43 4.68
C HIS A 11 -2.17 -7.44 3.87
N CYS A 12 -2.28 -6.17 4.17
CA CYS A 12 -1.51 -5.15 3.40
C CYS A 12 -0.45 -4.54 4.31
N ALA A 13 0.74 -4.35 3.79
CA ALA A 13 1.83 -3.75 4.61
C ALA A 13 2.58 -2.70 3.79
N ASP A 14 3.14 -1.71 4.44
CA ASP A 14 3.89 -0.67 3.69
C ASP A 14 5.23 -1.25 3.22
N GLU A 15 5.65 -0.94 2.03
CA GLU A 15 6.94 -1.50 1.54
C GLU A 15 8.08 -1.06 2.46
N LYS A 16 8.96 -1.96 2.77
CA LYS A 16 10.11 -1.60 3.65
C LYS A 16 11.22 -0.97 2.81
N ASN A 17 11.25 -1.27 1.54
CA ASN A 17 12.31 -0.70 0.67
C ASN A 17 11.84 0.63 0.08
N PHE A 18 10.60 0.97 0.30
CA PHE A 18 10.07 2.26 -0.25
C PHE A 18 9.82 3.24 0.91
N ASP A 19 10.20 4.47 0.75
CA ASP A 19 9.97 5.46 1.83
C ASP A 19 8.54 5.97 1.75
N CYS A 20 7.63 5.26 2.34
CA CYS A 20 6.19 5.69 2.30
C CYS A 20 6.04 6.98 3.10
N ARG A 21 6.80 7.11 4.16
CA ARG A 21 6.71 8.33 5.00
C ARG A 21 7.08 9.56 4.15
N ARG A 22 8.17 9.48 3.43
CA ARG A 22 8.58 10.63 2.57
C ARG A 22 7.58 10.78 1.43
N SER A 23 7.22 9.70 0.80
CA SER A 23 6.26 9.78 -0.32
C SER A 23 4.91 10.29 0.21
N LEU A 24 4.56 9.93 1.41
CA LEU A 24 3.25 10.38 1.99
C LEU A 24 3.28 11.91 2.19
N ARG A 25 4.30 12.42 2.83
CA ARG A 25 4.35 13.89 3.06
C ARG A 25 4.53 14.60 1.72
N ASN A 26 5.03 13.90 0.74
CA ASN A 26 5.23 14.52 -0.59
C ASN A 26 3.89 14.57 -1.32
N GLY A 27 2.86 14.04 -0.71
CA GLY A 27 1.52 14.06 -1.36
C GLY A 27 1.43 12.91 -2.37
N ASP A 28 2.24 11.90 -2.21
CA ASP A 28 2.20 10.76 -3.15
C ASP A 28 0.80 10.13 -3.15
N CYS A 29 0.20 10.00 -1.98
CA CYS A 29 -1.16 9.40 -1.91
C CYS A 29 -2.14 10.33 -2.63
N ASP A 30 -1.77 11.56 -2.80
CA ASP A 30 -2.69 12.53 -3.47
C ASP A 30 -2.33 12.66 -4.96
N ASN A 31 -1.33 11.95 -5.40
CA ASN A 31 -0.95 12.04 -6.84
C ASN A 31 -1.56 10.85 -7.59
N ASP A 32 -2.43 11.12 -8.51
CA ASP A 32 -3.07 10.01 -9.29
C ASP A 32 -1.97 9.21 -9.98
N ASP A 33 -0.92 9.86 -10.38
CA ASP A 33 0.19 9.15 -11.07
C ASP A 33 0.90 8.21 -10.09
N LYS A 34 0.80 8.46 -8.81
CA LYS A 34 1.49 7.57 -7.83
C LYS A 34 0.44 6.82 -7.01
N LEU A 35 -0.81 7.02 -7.27
CA LEU A 35 -1.86 6.31 -6.49
C LEU A 35 -1.65 4.80 -6.64
N LEU A 36 -1.39 4.35 -7.82
CA LEU A 36 -1.15 2.89 -8.02
C LEU A 36 0.14 2.50 -7.30
N GLU A 37 1.13 3.35 -7.36
CA GLU A 37 2.42 3.04 -6.68
C GLU A 37 2.17 2.87 -5.18
N MET A 38 1.34 3.69 -4.62
CA MET A 38 1.05 3.58 -3.15
C MET A 38 0.23 2.32 -2.88
N GLY A 39 -0.81 2.09 -3.64
CA GLY A 39 -1.63 0.88 -3.42
C GLY A 39 -0.72 -0.34 -3.51
N TYR A 40 0.32 -0.23 -4.29
CA TYR A 40 1.25 -1.38 -4.45
C TYR A 40 2.41 -1.26 -3.45
N TYR A 41 3.06 -0.13 -3.40
CA TYR A 41 4.21 0.03 -2.46
C TYR A 41 3.72 0.34 -1.05
N CYS A 42 2.88 1.33 -0.88
CA CYS A 42 2.41 1.67 0.48
C CYS A 42 0.88 1.81 0.52
N PRO A 43 0.18 0.72 0.42
CA PRO A 43 -1.31 0.71 0.47
C PRO A 43 -1.82 1.10 1.86
N VAL A 44 -1.09 0.76 2.87
CA VAL A 44 -1.51 1.09 4.25
C VAL A 44 -1.21 2.57 4.55
N THR A 45 -0.03 3.02 4.17
CA THR A 45 0.35 4.43 4.44
C THR A 45 -0.61 5.41 3.75
N CYS A 46 -1.06 5.10 2.56
CA CYS A 46 -1.98 6.05 1.86
C CYS A 46 -3.44 5.81 2.27
N GLY A 47 -3.69 4.81 3.07
CA GLY A 47 -5.09 4.56 3.52
C GLY A 47 -5.90 3.81 2.47
N PHE A 48 -5.28 2.90 1.76
CA PHE A 48 -6.03 2.12 0.74
C PHE A 48 -6.22 0.71 1.26
N CYS A 49 -5.54 0.38 2.32
CA CYS A 49 -5.66 -0.98 2.90
C CYS A 49 -5.30 -0.94 4.37
N GLU A 50 -5.45 -2.04 5.07
CA GLU A 50 -5.11 -2.04 6.52
C GLU A 50 -3.81 -2.83 6.73
N PRO A 51 -3.15 -2.56 7.82
CA PRO A 51 -1.86 -3.25 8.16
C PRO A 51 -2.06 -4.73 8.49
N ASN A 1 -7.78 -29.02 -1.65
CA ASN A 1 -8.72 -28.40 -0.68
C ASN A 1 -7.99 -28.15 0.65
N ASP A 2 -6.88 -27.48 0.60
CA ASP A 2 -6.13 -27.20 1.86
C ASP A 2 -6.89 -26.14 2.67
N ILE A 3 -6.88 -26.24 3.97
CA ILE A 3 -7.61 -25.24 4.80
C ILE A 3 -6.77 -23.96 4.90
N ARG A 4 -5.59 -23.97 4.35
CA ARG A 4 -4.73 -22.76 4.41
C ARG A 4 -5.29 -21.70 3.46
N THR A 5 -6.33 -22.03 2.76
CA THR A 5 -6.93 -21.06 1.81
C THR A 5 -7.79 -20.06 2.58
N ALA A 6 -7.76 -20.13 3.88
CA ALA A 6 -8.57 -19.18 4.70
C ALA A 6 -7.94 -17.80 4.66
N ALA A 7 -6.82 -17.66 4.01
CA ALA A 7 -6.15 -16.33 3.93
C ALA A 7 -6.93 -15.41 3.00
N ASP A 8 -7.13 -14.17 3.39
CA ASP A 8 -7.88 -13.21 2.53
C ASP A 8 -6.91 -12.15 1.98
N MET A 9 -5.64 -12.30 2.23
CA MET A 9 -4.66 -11.29 1.74
C MET A 9 -5.22 -9.89 1.93
N GLU A 10 -6.21 -9.75 2.76
CA GLU A 10 -6.82 -8.41 3.00
C GLU A 10 -5.83 -7.55 3.79
N HIS A 11 -4.74 -8.11 4.22
CA HIS A 11 -3.75 -7.31 4.99
C HIS A 11 -2.60 -6.92 4.09
N CYS A 12 -2.33 -5.64 3.99
CA CYS A 12 -1.20 -5.18 3.15
C CYS A 12 -0.18 -4.55 4.08
N ALA A 13 1.02 -4.37 3.63
CA ALA A 13 2.05 -3.76 4.50
C ALA A 13 2.86 -2.73 3.72
N ASP A 14 3.35 -1.71 4.38
CA ASP A 14 4.15 -0.69 3.65
C ASP A 14 5.45 -1.32 3.17
N GLU A 15 5.82 -1.07 1.95
CA GLU A 15 7.08 -1.65 1.41
C GLU A 15 8.26 -1.17 2.25
N LYS A 16 9.18 -2.03 2.54
CA LYS A 16 10.35 -1.60 3.36
C LYS A 16 11.38 -0.89 2.47
N ASN A 17 11.42 -1.22 1.21
CA ASN A 17 12.41 -0.56 0.30
C ASN A 17 11.82 0.73 -0.27
N PHE A 18 10.60 1.05 0.07
CA PHE A 18 9.99 2.30 -0.45
C PHE A 18 9.78 3.27 0.72
N ASP A 19 10.18 4.50 0.58
CA ASP A 19 10.00 5.48 1.68
C ASP A 19 8.56 6.00 1.65
N CYS A 20 7.66 5.30 2.27
CA CYS A 20 6.24 5.73 2.28
C CYS A 20 6.09 7.00 3.12
N ARG A 21 6.85 7.11 4.16
CA ARG A 21 6.76 8.32 5.03
C ARG A 21 7.09 9.56 4.19
N ARG A 22 8.17 9.50 3.46
CA ARG A 22 8.56 10.67 2.62
C ARG A 22 7.56 10.84 1.47
N SER A 23 7.23 9.77 0.82
CA SER A 23 6.25 9.88 -0.29
C SER A 23 4.91 10.37 0.26
N LEU A 24 4.56 9.94 1.44
CA LEU A 24 3.26 10.37 2.05
C LEU A 24 3.26 11.88 2.29
N ARG A 25 4.29 12.40 2.92
CA ARG A 25 4.34 13.86 3.16
C ARG A 25 4.49 14.58 1.82
N ASN A 26 4.96 13.87 0.83
CA ASN A 26 5.14 14.50 -0.51
C ASN A 26 3.79 14.57 -1.23
N GLY A 27 2.76 14.06 -0.63
CA GLY A 27 1.42 14.08 -1.28
C GLY A 27 1.34 12.94 -2.29
N ASP A 28 2.15 11.93 -2.13
CA ASP A 28 2.11 10.80 -3.07
C ASP A 28 0.72 10.13 -3.03
N CYS A 29 0.15 9.97 -1.87
CA CYS A 29 -1.20 9.34 -1.78
C CYS A 29 -2.22 10.24 -2.48
N ASP A 30 -1.88 11.48 -2.66
CA ASP A 30 -2.83 12.43 -3.31
C ASP A 30 -2.48 12.57 -4.81
N ASN A 31 -1.49 11.88 -5.28
CA ASN A 31 -1.11 11.99 -6.72
C ASN A 31 -1.69 10.81 -7.49
N ASP A 32 -2.60 11.06 -8.39
CA ASP A 32 -3.20 9.96 -9.19
C ASP A 32 -2.10 9.19 -9.91
N ASP A 33 -1.06 9.89 -10.29
CA ASP A 33 0.06 9.22 -11.00
C ASP A 33 0.83 8.29 -10.05
N LYS A 34 0.72 8.51 -8.76
CA LYS A 34 1.46 7.63 -7.81
C LYS A 34 0.47 6.80 -7.00
N LEU A 35 -0.80 7.00 -7.22
CA LEU A 35 -1.80 6.21 -6.45
C LEU A 35 -1.53 4.72 -6.65
N LEU A 36 -1.25 4.31 -7.85
CA LEU A 36 -0.96 2.87 -8.09
C LEU A 36 0.34 2.51 -7.36
N GLU A 37 1.30 3.39 -7.38
CA GLU A 37 2.58 3.11 -6.69
C GLU A 37 2.33 2.92 -5.20
N MET A 38 1.45 3.71 -4.65
CA MET A 38 1.15 3.60 -3.20
C MET A 38 0.38 2.29 -2.94
N GLY A 39 -0.60 1.98 -3.74
CA GLY A 39 -1.36 0.73 -3.53
C GLY A 39 -0.40 -0.45 -3.64
N TYR A 40 0.66 -0.28 -4.38
CA TYR A 40 1.66 -1.37 -4.55
C TYR A 40 2.79 -1.22 -3.54
N TYR A 41 3.39 -0.06 -3.48
CA TYR A 41 4.52 0.15 -2.54
C TYR A 41 4.00 0.40 -1.12
N CYS A 42 3.08 1.29 -0.95
CA CYS A 42 2.58 1.55 0.43
C CYS A 42 1.05 1.69 0.44
N PRO A 43 0.35 0.60 0.32
CA PRO A 43 -1.14 0.60 0.36
C PRO A 43 -1.66 0.98 1.75
N VAL A 44 -0.93 0.61 2.77
CA VAL A 44 -1.38 0.93 4.16
C VAL A 44 -1.05 2.40 4.46
N THR A 45 0.11 2.85 4.05
CA THR A 45 0.51 4.26 4.31
C THR A 45 -0.49 5.22 3.67
N CYS A 46 -0.97 4.92 2.50
CA CYS A 46 -1.92 5.85 1.82
C CYS A 46 -3.36 5.56 2.26
N GLY A 47 -3.57 4.54 3.05
CA GLY A 47 -4.95 4.25 3.53
C GLY A 47 -5.74 3.48 2.48
N PHE A 48 -5.10 2.60 1.77
CA PHE A 48 -5.84 1.80 0.75
C PHE A 48 -5.99 0.39 1.29
N CYS A 49 -5.28 0.08 2.33
CA CYS A 49 -5.38 -1.27 2.93
C CYS A 49 -5.61 -1.15 4.44
N GLU A 50 -5.97 -2.22 5.08
CA GLU A 50 -6.20 -2.16 6.56
C GLU A 50 -5.00 -2.78 7.29
N PRO A 51 -4.27 -2.00 8.04
CA PRO A 51 -3.08 -2.49 8.79
C PRO A 51 -3.40 -3.79 9.54
N ASN A 1 -5.49 -27.89 10.32
CA ASN A 1 -4.37 -28.48 9.52
C ASN A 1 -3.22 -27.50 9.45
N ASP A 2 -2.70 -27.26 8.27
CA ASP A 2 -1.57 -26.30 8.12
C ASP A 2 -2.05 -24.90 8.50
N ILE A 3 -1.23 -24.15 9.19
CA ILE A 3 -1.63 -22.77 9.59
C ILE A 3 -1.58 -21.84 8.38
N ARG A 4 -1.24 -22.37 7.24
CA ARG A 4 -1.16 -21.52 6.02
C ARG A 4 -2.58 -21.29 5.49
N THR A 5 -3.57 -21.78 6.19
CA THR A 5 -4.97 -21.60 5.74
C THR A 5 -5.49 -20.23 6.19
N ALA A 6 -4.71 -19.52 6.98
CA ALA A 6 -5.16 -18.18 7.45
C ALA A 6 -4.83 -17.13 6.38
N ALA A 7 -4.17 -17.52 5.34
CA ALA A 7 -3.81 -16.54 4.27
C ALA A 7 -5.08 -15.94 3.66
N ASP A 8 -5.03 -14.69 3.30
CA ASP A 8 -6.24 -14.04 2.69
C ASP A 8 -5.81 -12.78 1.94
N MET A 9 -4.53 -12.50 1.92
CA MET A 9 -4.05 -11.28 1.20
C MET A 9 -4.87 -10.07 1.61
N GLU A 10 -5.61 -10.18 2.67
CA GLU A 10 -6.42 -9.02 3.13
C GLU A 10 -5.54 -8.04 3.91
N HIS A 11 -4.37 -8.48 4.30
CA HIS A 11 -3.47 -7.57 5.07
C HIS A 11 -2.37 -7.05 4.16
N CYS A 12 -2.25 -5.77 4.04
CA CYS A 12 -1.18 -5.18 3.19
C CYS A 12 -0.16 -4.52 4.10
N ALA A 13 1.04 -4.36 3.64
CA ALA A 13 2.08 -3.73 4.51
C ALA A 13 2.88 -2.70 3.72
N ASP A 14 3.38 -1.68 4.36
CA ASP A 14 4.18 -0.66 3.64
C ASP A 14 5.49 -1.28 3.17
N GLU A 15 5.84 -1.06 1.93
CA GLU A 15 7.11 -1.63 1.41
C GLU A 15 8.28 -1.10 2.24
N LYS A 16 9.23 -1.94 2.54
CA LYS A 16 10.39 -1.48 3.35
C LYS A 16 11.44 -0.86 2.42
N ASN A 17 11.40 -1.19 1.16
CA ASN A 17 12.40 -0.61 0.21
C ASN A 17 11.88 0.71 -0.34
N PHE A 18 10.67 1.07 0.01
CA PHE A 18 10.11 2.36 -0.50
C PHE A 18 9.86 3.31 0.67
N ASP A 19 10.26 4.55 0.54
CA ASP A 19 10.04 5.52 1.65
C ASP A 19 8.58 6.00 1.61
N CYS A 20 7.70 5.26 2.23
CA CYS A 20 6.27 5.65 2.23
C CYS A 20 6.09 6.91 3.06
N ARG A 21 6.85 7.05 4.10
CA ARG A 21 6.72 8.26 4.97
C ARG A 21 7.10 9.50 4.16
N ARG A 22 8.21 9.46 3.47
CA ARG A 22 8.62 10.64 2.66
C ARG A 22 7.63 10.83 1.52
N SER A 23 7.28 9.77 0.85
CA SER A 23 6.32 9.88 -0.26
C SER A 23 4.95 10.36 0.28
N LEU A 24 4.59 9.92 1.46
CA LEU A 24 3.29 10.34 2.03
C LEU A 24 3.28 11.84 2.29
N ARG A 25 4.31 12.37 2.91
CA ARG A 25 4.35 13.83 3.19
C ARG A 25 4.44 14.57 1.85
N ASN A 26 4.94 13.91 0.85
CA ASN A 26 5.07 14.56 -0.48
C ASN A 26 3.70 14.58 -1.17
N GLY A 27 2.73 13.97 -0.56
CA GLY A 27 1.37 13.95 -1.17
C GLY A 27 1.29 12.82 -2.20
N ASP A 28 2.17 11.86 -2.11
CA ASP A 28 2.16 10.74 -3.09
C ASP A 28 0.78 10.07 -3.07
N CYS A 29 0.19 9.92 -1.92
CA CYS A 29 -1.16 9.27 -1.85
C CYS A 29 -2.17 10.19 -2.53
N ASP A 30 -1.85 11.45 -2.66
CA ASP A 30 -2.79 12.41 -3.30
C ASP A 30 -2.45 12.56 -4.78
N ASN A 31 -1.44 11.89 -5.25
CA ASN A 31 -1.07 12.00 -6.68
C ASN A 31 -1.64 10.81 -7.45
N ASP A 32 -2.58 11.06 -8.33
CA ASP A 32 -3.17 9.95 -9.11
C ASP A 32 -2.06 9.20 -9.83
N ASP A 33 -1.05 9.92 -10.26
CA ASP A 33 0.07 9.27 -10.99
C ASP A 33 0.84 8.33 -10.04
N LYS A 34 0.74 8.55 -8.76
CA LYS A 34 1.48 7.67 -7.81
C LYS A 34 0.48 6.85 -6.99
N LEU A 35 -0.79 7.02 -7.22
CA LEU A 35 -1.79 6.24 -6.45
C LEU A 35 -1.52 4.74 -6.65
N LEU A 36 -1.26 4.33 -7.85
CA LEU A 36 -0.97 2.89 -8.09
C LEU A 36 0.34 2.52 -7.39
N GLU A 37 1.30 3.42 -7.41
CA GLU A 37 2.60 3.13 -6.73
C GLU A 37 2.33 2.91 -5.25
N MET A 38 1.47 3.70 -4.66
CA MET A 38 1.18 3.54 -3.21
C MET A 38 0.38 2.26 -2.98
N GLY A 39 -0.63 2.03 -3.76
CA GLY A 39 -1.44 0.79 -3.57
C GLY A 39 -0.51 -0.41 -3.67
N TYR A 40 0.57 -0.25 -4.39
CA TYR A 40 1.54 -1.37 -4.55
C TYR A 40 2.67 -1.23 -3.53
N TYR A 41 3.31 -0.09 -3.49
CA TYR A 41 4.45 0.10 -2.55
C TYR A 41 3.96 0.42 -1.13
N CYS A 42 2.99 1.29 -0.98
CA CYS A 42 2.53 1.62 0.39
C CYS A 42 1.00 1.71 0.44
N PRO A 43 0.33 0.60 0.29
CA PRO A 43 -1.16 0.56 0.34
C PRO A 43 -1.68 0.95 1.74
N VAL A 44 -0.93 0.62 2.76
CA VAL A 44 -1.37 0.96 4.15
C VAL A 44 -1.06 2.43 4.44
N THR A 45 0.13 2.89 4.12
CA THR A 45 0.49 4.32 4.39
C THR A 45 -0.53 5.26 3.74
N CYS A 46 -0.98 4.95 2.56
CA CYS A 46 -1.93 5.84 1.86
C CYS A 46 -3.37 5.55 2.29
N GLY A 47 -3.59 4.48 3.02
CA GLY A 47 -4.97 4.18 3.49
C GLY A 47 -5.76 3.41 2.42
N PHE A 48 -5.11 2.56 1.67
CA PHE A 48 -5.86 1.77 0.65
C PHE A 48 -6.03 0.36 1.18
N CYS A 49 -5.35 0.06 2.25
CA CYS A 49 -5.47 -1.28 2.87
C CYS A 49 -5.69 -1.11 4.36
N GLU A 50 -6.10 -2.14 5.04
CA GLU A 50 -6.33 -2.02 6.50
C GLU A 50 -5.13 -2.63 7.25
N PRO A 51 -4.51 -1.87 8.12
CA PRO A 51 -3.34 -2.36 8.90
C PRO A 51 -3.75 -3.38 9.97
N ASN A 1 -1.76 -28.75 -1.04
CA ASN A 1 -0.40 -29.10 -0.53
C ASN A 1 -0.28 -28.70 0.94
N ASP A 2 0.59 -27.77 1.24
CA ASP A 2 0.74 -27.34 2.65
C ASP A 2 -0.56 -26.67 3.12
N ILE A 3 -0.94 -26.90 4.34
CA ILE A 3 -2.19 -26.28 4.86
C ILE A 3 -1.94 -24.79 5.14
N ARG A 4 -0.73 -24.34 4.95
CA ARG A 4 -0.43 -22.90 5.20
C ARG A 4 -0.96 -22.06 4.04
N THR A 5 -1.55 -22.69 3.07
CA THR A 5 -2.09 -21.94 1.91
C THR A 5 -3.38 -21.23 2.33
N ALA A 6 -3.72 -21.32 3.58
CA ALA A 6 -4.97 -20.67 4.07
C ALA A 6 -4.79 -19.14 4.13
N ALA A 7 -3.62 -18.66 3.80
CA ALA A 7 -3.41 -17.18 3.85
C ALA A 7 -4.43 -16.49 2.95
N ASP A 8 -4.98 -15.39 3.39
CA ASP A 8 -5.98 -14.66 2.56
C ASP A 8 -5.39 -13.32 2.12
N MET A 9 -4.14 -13.10 2.38
CA MET A 9 -3.50 -11.82 1.97
C MET A 9 -4.40 -10.65 2.39
N GLU A 10 -5.27 -10.88 3.34
CA GLU A 10 -6.18 -9.79 3.80
C GLU A 10 -5.37 -8.75 4.58
N HIS A 11 -4.11 -9.01 4.78
CA HIS A 11 -3.26 -8.04 5.53
C HIS A 11 -2.34 -7.31 4.56
N CYS A 12 -2.40 -6.00 4.54
CA CYS A 12 -1.52 -5.22 3.64
C CYS A 12 -0.44 -4.54 4.46
N ALA A 13 0.74 -4.38 3.91
CA ALA A 13 1.83 -3.73 4.69
C ALA A 13 2.59 -2.74 3.80
N ASP A 14 3.12 -1.70 4.39
CA ASP A 14 3.89 -0.71 3.58
C ASP A 14 5.21 -1.34 3.13
N GLU A 15 5.62 -1.07 1.92
CA GLU A 15 6.89 -1.67 1.43
C GLU A 15 8.05 -1.21 2.31
N LYS A 16 8.97 -2.09 2.60
CA LYS A 16 10.13 -1.71 3.47
C LYS A 16 11.21 -1.03 2.63
N ASN A 17 11.26 -1.32 1.36
CA ASN A 17 12.31 -0.69 0.48
C ASN A 17 11.77 0.62 -0.09
N PHE A 18 10.55 0.95 0.18
CA PHE A 18 9.98 2.22 -0.36
C PHE A 18 9.75 3.20 0.80
N ASP A 19 10.15 4.44 0.64
CA ASP A 19 9.95 5.43 1.73
C ASP A 19 8.51 5.96 1.68
N CYS A 20 7.61 5.26 2.31
CA CYS A 20 6.19 5.72 2.30
C CYS A 20 6.05 7.01 3.10
N ARG A 21 6.81 7.14 4.15
CA ARG A 21 6.74 8.37 4.99
C ARG A 21 7.12 9.57 4.12
N ARG A 22 8.18 9.47 3.38
CA ARG A 22 8.59 10.60 2.51
C ARG A 22 7.58 10.78 1.39
N SER A 23 7.19 9.71 0.76
CA SER A 23 6.20 9.82 -0.34
C SER A 23 4.87 10.33 0.21
N LEU A 24 4.52 9.93 1.41
CA LEU A 24 3.22 10.40 2.00
C LEU A 24 3.25 11.91 2.22
N ARG A 25 4.28 12.41 2.84
CA ARG A 25 4.34 13.88 3.09
C ARG A 25 4.48 14.60 1.75
N ASN A 26 4.98 13.93 0.75
CA ASN A 26 5.14 14.56 -0.58
C ASN A 26 3.78 14.59 -1.30
N GLY A 27 2.76 14.06 -0.69
CA GLY A 27 1.42 14.06 -1.34
C GLY A 27 1.35 12.90 -2.34
N ASP A 28 2.19 11.92 -2.19
CA ASP A 28 2.16 10.76 -3.12
C ASP A 28 0.77 10.12 -3.11
N CYS A 29 0.17 10.01 -1.96
CA CYS A 29 -1.18 9.39 -1.88
C CYS A 29 -2.17 10.31 -2.61
N ASP A 30 -1.82 11.57 -2.75
CA ASP A 30 -2.73 12.52 -3.43
C ASP A 30 -2.34 12.67 -4.91
N ASN A 31 -1.33 11.96 -5.33
CA ASN A 31 -0.91 12.05 -6.75
C ASN A 31 -1.51 10.88 -7.53
N ASP A 32 -2.37 11.16 -8.46
CA ASP A 32 -3.00 10.06 -9.24
C ASP A 32 -1.90 9.28 -9.96
N ASP A 33 -0.85 9.94 -10.35
CA ASP A 33 0.26 9.26 -11.05
C ASP A 33 0.96 8.30 -10.08
N LYS A 34 0.89 8.57 -8.80
CA LYS A 34 1.56 7.67 -7.82
C LYS A 34 0.51 6.90 -7.03
N LEU A 35 -0.74 7.12 -7.30
CA LEU A 35 -1.80 6.40 -6.54
C LEU A 35 -1.58 4.90 -6.68
N LEU A 36 -1.29 4.43 -7.87
CA LEU A 36 -1.04 2.97 -8.07
C LEU A 36 0.23 2.59 -7.32
N GLU A 37 1.22 3.44 -7.34
CA GLU A 37 2.49 3.11 -6.64
C GLU A 37 2.22 2.92 -5.15
N MET A 38 1.38 3.74 -4.59
CA MET A 38 1.07 3.62 -3.14
C MET A 38 0.26 2.35 -2.87
N GLY A 39 -0.76 2.11 -3.64
CA GLY A 39 -1.56 0.88 -3.43
C GLY A 39 -0.63 -0.33 -3.51
N TYR A 40 0.43 -0.19 -4.24
CA TYR A 40 1.41 -1.32 -4.39
C TYR A 40 2.56 -1.16 -3.39
N TYR A 41 3.21 -0.03 -3.39
CA TYR A 41 4.36 0.17 -2.46
C TYR A 41 3.86 0.49 -1.05
N CYS A 42 2.93 1.39 -0.92
CA CYS A 42 2.44 1.75 0.44
C CYS A 42 0.92 1.81 0.49
N PRO A 43 0.26 0.69 0.42
CA PRO A 43 -1.22 0.62 0.47
C PRO A 43 -1.76 1.03 1.84
N VAL A 44 -1.03 0.72 2.88
CA VAL A 44 -1.48 1.08 4.26
C VAL A 44 -1.16 2.55 4.55
N THR A 45 0.01 3.01 4.19
CA THR A 45 0.38 4.43 4.46
C THR A 45 -0.61 5.38 3.77
N CYS A 46 -1.03 5.06 2.58
CA CYS A 46 -1.98 5.98 1.88
C CYS A 46 -3.42 5.67 2.30
N GLY A 47 -3.63 4.59 3.00
CA GLY A 47 -5.02 4.26 3.47
C GLY A 47 -5.85 3.56 2.39
N PHE A 48 -5.27 2.69 1.61
CA PHE A 48 -6.08 1.97 0.59
C PHE A 48 -6.30 0.55 1.11
N CYS A 49 -5.54 0.18 2.10
CA CYS A 49 -5.68 -1.18 2.68
C CYS A 49 -5.40 -1.12 4.19
N GLU A 50 -5.54 -2.21 4.87
CA GLU A 50 -5.29 -2.21 6.33
C GLU A 50 -3.92 -2.84 6.61
N PRO A 51 -3.33 -2.53 7.73
CA PRO A 51 -2.00 -3.08 8.12
C PRO A 51 -2.05 -4.59 8.39
N ASN A 1 0.06 -30.51 2.43
CA ASN A 1 0.12 -29.19 1.72
C ASN A 1 -1.00 -28.29 2.24
N ASP A 2 -0.69 -27.37 3.11
CA ASP A 2 -1.73 -26.47 3.65
C ASP A 2 -2.25 -25.56 2.54
N ILE A 3 -3.54 -25.30 2.52
CA ILE A 3 -4.11 -24.42 1.48
C ILE A 3 -3.83 -22.96 1.83
N ARG A 4 -3.26 -22.70 2.98
CA ARG A 4 -2.97 -21.30 3.38
C ARG A 4 -1.75 -20.79 2.61
N THR A 5 -1.22 -21.60 1.74
CA THR A 5 -0.03 -21.18 0.96
C THR A 5 -0.50 -20.42 -0.28
N ALA A 6 -1.80 -20.32 -0.47
CA ALA A 6 -2.31 -19.58 -1.66
C ALA A 6 -2.28 -18.07 -1.38
N ALA A 7 -2.03 -17.68 -0.17
CA ALA A 7 -1.97 -16.22 0.16
C ALA A 7 -3.27 -15.53 -0.28
N ASP A 8 -3.93 -14.86 0.63
CA ASP A 8 -5.19 -14.16 0.28
C ASP A 8 -4.91 -12.65 0.18
N MET A 9 -3.68 -12.26 0.35
CA MET A 9 -3.34 -10.81 0.28
C MET A 9 -4.32 -10.01 1.14
N GLU A 10 -4.96 -10.66 2.06
CA GLU A 10 -5.91 -9.95 2.95
C GLU A 10 -5.16 -8.96 3.84
N HIS A 11 -3.91 -9.22 4.08
CA HIS A 11 -3.12 -8.30 4.95
C HIS A 11 -2.22 -7.41 4.08
N CYS A 12 -2.39 -6.12 4.19
CA CYS A 12 -1.54 -5.19 3.39
C CYS A 12 -0.47 -4.57 4.28
N ALA A 13 0.72 -4.37 3.77
CA ALA A 13 1.79 -3.77 4.61
C ALA A 13 2.56 -2.74 3.79
N ASP A 14 3.07 -1.72 4.43
CA ASP A 14 3.86 -0.71 3.68
C ASP A 14 5.20 -1.31 3.27
N GLU A 15 5.63 -1.07 2.06
CA GLU A 15 6.93 -1.64 1.61
C GLU A 15 8.06 -1.11 2.49
N LYS A 16 8.98 -1.96 2.83
CA LYS A 16 10.12 -1.54 3.69
C LYS A 16 11.22 -0.92 2.82
N ASN A 17 11.25 -1.27 1.57
CA ASN A 17 12.30 -0.69 0.69
C ASN A 17 11.83 0.64 0.10
N PHE A 18 10.59 0.99 0.33
CA PHE A 18 10.07 2.28 -0.22
C PHE A 18 9.82 3.27 0.92
N ASP A 19 10.24 4.50 0.77
CA ASP A 19 10.01 5.50 1.85
C ASP A 19 8.57 6.00 1.76
N CYS A 20 7.66 5.30 2.39
CA CYS A 20 6.23 5.72 2.32
C CYS A 20 6.02 6.98 3.15
N ARG A 21 6.75 7.11 4.23
CA ARG A 21 6.59 8.32 5.08
C ARG A 21 6.97 9.55 4.27
N ARG A 22 8.10 9.52 3.63
CA ARG A 22 8.53 10.69 2.81
C ARG A 22 7.59 10.85 1.61
N SER A 23 7.27 9.77 0.96
CA SER A 23 6.35 9.85 -0.22
C SER A 23 4.98 10.35 0.25
N LEU A 24 4.55 9.95 1.41
CA LEU A 24 3.21 10.39 1.90
C LEU A 24 3.18 11.91 2.08
N ARG A 25 4.14 12.47 2.76
CA ARG A 25 4.16 13.95 2.96
C ARG A 25 4.40 14.61 1.61
N ASN A 26 4.99 13.90 0.69
CA ASN A 26 5.25 14.48 -0.65
C ASN A 26 3.94 14.53 -1.45
N GLY A 27 2.89 14.03 -0.86
CA GLY A 27 1.58 14.02 -1.58
C GLY A 27 1.50 12.81 -2.50
N ASP A 28 2.39 11.86 -2.35
CA ASP A 28 2.35 10.67 -3.23
C ASP A 28 0.96 10.02 -3.14
N CYS A 29 0.43 9.95 -1.95
CA CYS A 29 -0.92 9.34 -1.78
C CYS A 29 -1.94 10.26 -2.45
N ASP A 30 -1.60 11.51 -2.61
CA ASP A 30 -2.54 12.48 -3.24
C ASP A 30 -2.22 12.63 -4.73
N ASN A 31 -1.27 11.90 -5.23
CA ASN A 31 -0.93 12.01 -6.67
C ASN A 31 -1.57 10.84 -7.42
N ASP A 32 -2.54 11.12 -8.25
CA ASP A 32 -3.21 10.04 -9.01
C ASP A 32 -2.18 9.25 -9.80
N ASP A 33 -1.16 9.91 -10.26
CA ASP A 33 -0.10 9.21 -11.05
C ASP A 33 0.63 8.22 -10.14
N LYS A 34 0.66 8.46 -8.86
CA LYS A 34 1.37 7.55 -7.93
C LYS A 34 0.37 6.78 -7.08
N LEU A 35 -0.89 7.02 -7.26
CA LEU A 35 -1.90 6.31 -6.45
C LEU A 35 -1.71 4.79 -6.63
N LEU A 36 -1.55 4.34 -7.84
CA LEU A 36 -1.34 2.88 -8.05
C LEU A 36 -0.01 2.48 -7.42
N GLU A 37 0.98 3.31 -7.55
CA GLU A 37 2.30 2.98 -6.94
C GLU A 37 2.14 2.83 -5.43
N MET A 38 1.36 3.68 -4.81
CA MET A 38 1.17 3.57 -3.33
C MET A 38 0.35 2.32 -3.02
N GLY A 39 -0.71 2.10 -3.74
CA GLY A 39 -1.52 0.89 -3.48
C GLY A 39 -0.63 -0.33 -3.58
N TYR A 40 0.45 -0.22 -4.32
CA TYR A 40 1.39 -1.36 -4.47
C TYR A 40 2.54 -1.24 -3.45
N TYR A 41 3.22 -0.12 -3.42
CA TYR A 41 4.36 0.04 -2.46
C TYR A 41 3.85 0.39 -1.05
N CYS A 42 2.96 1.32 -0.93
CA CYS A 42 2.48 1.69 0.44
C CYS A 42 0.96 1.82 0.47
N PRO A 43 0.27 0.71 0.38
CA PRO A 43 -1.22 0.69 0.42
C PRO A 43 -1.76 1.09 1.80
N VAL A 44 -1.07 0.73 2.85
CA VAL A 44 -1.54 1.09 4.21
C VAL A 44 -1.21 2.55 4.51
N THR A 45 -0.02 2.99 4.16
CA THR A 45 0.38 4.40 4.43
C THR A 45 -0.55 5.38 3.72
N CYS A 46 -0.99 5.06 2.53
CA CYS A 46 -1.88 6.01 1.79
C CYS A 46 -3.35 5.78 2.18
N GLY A 47 -3.61 4.84 3.04
CA GLY A 47 -5.03 4.62 3.48
C GLY A 47 -5.84 3.85 2.41
N PHE A 48 -5.23 2.94 1.70
CA PHE A 48 -5.98 2.16 0.68
C PHE A 48 -6.18 0.75 1.21
N CYS A 49 -5.47 0.40 2.24
CA CYS A 49 -5.62 -0.96 2.81
C CYS A 49 -5.30 -0.94 4.29
N GLU A 50 -5.51 -2.03 4.97
CA GLU A 50 -5.23 -2.07 6.42
C GLU A 50 -3.90 -2.80 6.66
N PRO A 51 -3.26 -2.52 7.76
CA PRO A 51 -1.97 -3.15 8.12
C PRO A 51 -2.14 -4.62 8.53
N ASN A 1 -6.08 -27.53 -7.27
CA ASN A 1 -5.18 -28.26 -6.35
C ASN A 1 -3.82 -27.57 -6.33
N ASP A 2 -3.76 -26.35 -6.79
CA ASP A 2 -2.46 -25.62 -6.79
C ASP A 2 -2.13 -25.17 -5.36
N ILE A 3 -0.87 -25.19 -5.02
CA ILE A 3 -0.48 -24.76 -3.64
C ILE A 3 -0.46 -23.24 -3.57
N ARG A 4 -0.75 -22.58 -4.66
CA ARG A 4 -0.76 -21.08 -4.64
C ARG A 4 -2.06 -20.60 -4.01
N THR A 5 -2.90 -21.51 -3.59
CA THR A 5 -4.18 -21.11 -2.96
C THR A 5 -3.91 -20.68 -1.53
N ALA A 6 -2.67 -20.71 -1.12
CA ALA A 6 -2.34 -20.30 0.28
C ALA A 6 -1.77 -18.88 0.26
N ALA A 7 -2.16 -18.08 -0.69
CA ALA A 7 -1.64 -16.69 -0.74
C ALA A 7 -1.92 -15.98 0.59
N ASP A 8 -1.00 -15.18 1.04
CA ASP A 8 -1.20 -14.44 2.32
C ASP A 8 -1.38 -12.96 2.01
N MET A 9 -1.63 -12.64 0.76
CA MET A 9 -1.80 -11.21 0.38
C MET A 9 -3.06 -10.64 1.03
N GLU A 10 -3.60 -11.31 1.99
CA GLU A 10 -4.82 -10.78 2.65
C GLU A 10 -4.45 -9.61 3.57
N HIS A 11 -3.22 -9.57 4.02
CA HIS A 11 -2.80 -8.48 4.92
C HIS A 11 -1.98 -7.46 4.12
N CYS A 12 -2.41 -6.23 4.10
CA CYS A 12 -1.66 -5.20 3.34
C CYS A 12 -0.61 -4.58 4.25
N ALA A 13 0.58 -4.42 3.76
CA ALA A 13 1.65 -3.82 4.61
C ALA A 13 2.45 -2.81 3.80
N ASP A 14 2.98 -1.80 4.44
CA ASP A 14 3.79 -0.79 3.70
C ASP A 14 5.11 -1.42 3.27
N GLU A 15 5.57 -1.12 2.08
CA GLU A 15 6.85 -1.70 1.61
C GLU A 15 7.98 -1.25 2.53
N LYS A 16 8.87 -2.14 2.86
CA LYS A 16 10.01 -1.77 3.76
C LYS A 16 11.13 -1.13 2.95
N ASN A 17 11.23 -1.44 1.68
CA ASN A 17 12.30 -0.85 0.83
C ASN A 17 11.81 0.44 0.18
N PHE A 18 10.60 0.83 0.45
CA PHE A 18 10.07 2.09 -0.15
C PHE A 18 9.83 3.13 0.95
N ASP A 19 10.31 4.33 0.76
CA ASP A 19 10.10 5.39 1.79
C ASP A 19 8.69 5.96 1.64
N CYS A 20 7.73 5.32 2.26
CA CYS A 20 6.32 5.80 2.15
C CYS A 20 6.17 7.12 2.91
N ARG A 21 6.86 7.26 3.99
CA ARG A 21 6.77 8.52 4.78
C ARG A 21 7.14 9.69 3.88
N ARG A 22 8.18 9.53 3.10
CA ARG A 22 8.62 10.61 2.18
C ARG A 22 7.56 10.80 1.09
N SER A 23 7.14 9.73 0.50
CA SER A 23 6.10 9.84 -0.57
C SER A 23 4.79 10.32 0.06
N LEU A 24 4.51 9.91 1.26
CA LEU A 24 3.25 10.32 1.93
C LEU A 24 3.26 11.83 2.21
N ARG A 25 4.33 12.33 2.78
CA ARG A 25 4.40 13.78 3.09
C ARG A 25 4.51 14.57 1.78
N ASN A 26 4.98 13.93 0.75
CA ASN A 26 5.12 14.62 -0.56
C ASN A 26 3.75 14.67 -1.26
N GLY A 27 2.75 14.11 -0.65
CA GLY A 27 1.40 14.11 -1.27
C GLY A 27 1.34 12.98 -2.30
N ASP A 28 2.16 11.98 -2.14
CA ASP A 28 2.14 10.84 -3.11
C ASP A 28 0.78 10.17 -3.09
N CYS A 29 0.18 10.05 -1.94
CA CYS A 29 -1.16 9.41 -1.87
C CYS A 29 -2.18 10.32 -2.57
N ASP A 30 -1.83 11.57 -2.73
CA ASP A 30 -2.76 12.53 -3.39
C ASP A 30 -2.41 12.66 -4.88
N ASN A 31 -1.44 11.93 -5.34
CA ASN A 31 -1.06 12.04 -6.77
C ASN A 31 -1.62 10.85 -7.55
N ASP A 32 -2.53 11.11 -8.46
CA ASP A 32 -3.13 10.01 -9.26
C ASP A 32 -2.01 9.25 -9.95
N ASP A 33 -0.98 9.93 -10.34
CA ASP A 33 0.16 9.26 -11.04
C ASP A 33 0.87 8.32 -10.07
N LYS A 34 0.77 8.57 -8.79
CA LYS A 34 1.47 7.70 -7.81
C LYS A 34 0.46 6.90 -7.00
N LEU A 35 -0.80 7.10 -7.25
CA LEU A 35 -1.83 6.35 -6.48
C LEU A 35 -1.57 4.84 -6.63
N LEU A 36 -1.28 4.39 -7.81
CA LEU A 36 -1.00 2.94 -8.03
C LEU A 36 0.29 2.57 -7.30
N GLU A 37 1.25 3.45 -7.33
CA GLU A 37 2.54 3.15 -6.63
C GLU A 37 2.28 2.97 -5.15
N MET A 38 1.41 3.78 -4.60
CA MET A 38 1.10 3.66 -3.16
C MET A 38 0.29 2.39 -2.89
N GLY A 39 -0.72 2.16 -3.69
CA GLY A 39 -1.53 0.93 -3.49
C GLY A 39 -0.60 -0.27 -3.54
N TYR A 40 0.48 -0.15 -4.26
CA TYR A 40 1.45 -1.27 -4.38
C TYR A 40 2.58 -1.13 -3.36
N TYR A 41 3.27 -0.02 -3.37
CA TYR A 41 4.41 0.17 -2.41
C TYR A 41 3.89 0.47 -1.00
N CYS A 42 2.91 1.33 -0.88
CA CYS A 42 2.42 1.65 0.49
C CYS A 42 0.90 1.78 0.51
N PRO A 43 0.21 0.68 0.39
CA PRO A 43 -1.29 0.67 0.42
C PRO A 43 -1.83 1.07 1.79
N VAL A 44 -1.11 0.72 2.83
CA VAL A 44 -1.57 1.08 4.20
C VAL A 44 -1.20 2.54 4.51
N THR A 45 -0.01 2.94 4.15
CA THR A 45 0.44 4.34 4.41
C THR A 45 -0.53 5.34 3.76
N CYS A 46 -0.99 5.05 2.58
CA CYS A 46 -1.90 6.01 1.90
C CYS A 46 -3.36 5.77 2.32
N GLY A 47 -3.63 4.71 3.03
CA GLY A 47 -5.02 4.47 3.49
C GLY A 47 -5.87 3.74 2.44
N PHE A 48 -5.30 2.85 1.68
CA PHE A 48 -6.13 2.11 0.68
C PHE A 48 -6.38 0.72 1.25
N CYS A 49 -5.62 0.36 2.24
CA CYS A 49 -5.79 -0.97 2.86
C CYS A 49 -5.40 -0.89 4.35
N GLU A 50 -5.57 -1.96 5.08
CA GLU A 50 -5.21 -1.94 6.52
C GLU A 50 -3.90 -2.69 6.74
N PRO A 51 -3.25 -2.44 7.85
CA PRO A 51 -1.95 -3.11 8.19
C PRO A 51 -2.15 -4.58 8.60
N ASN A 1 -18.53 -19.20 -4.88
CA ASN A 1 -17.73 -19.24 -3.62
C ASN A 1 -16.62 -20.27 -3.75
N ASP A 2 -15.58 -19.97 -4.48
CA ASP A 2 -14.46 -20.94 -4.64
C ASP A 2 -13.78 -21.15 -3.28
N ILE A 3 -13.28 -22.33 -3.04
CA ILE A 3 -12.60 -22.61 -1.75
C ILE A 3 -11.24 -21.91 -1.72
N ARG A 4 -10.87 -21.27 -2.80
CA ARG A 4 -9.56 -20.57 -2.83
C ARG A 4 -9.67 -19.24 -2.08
N THR A 5 -10.79 -19.02 -1.43
CA THR A 5 -10.97 -17.74 -0.69
C THR A 5 -10.15 -17.78 0.60
N ALA A 6 -9.42 -18.84 0.80
CA ALA A 6 -8.59 -18.96 2.03
C ALA A 6 -7.36 -18.04 1.91
N ALA A 7 -7.25 -17.32 0.83
CA ALA A 7 -6.08 -16.42 0.65
C ALA A 7 -6.05 -15.39 1.79
N ASP A 8 -4.87 -15.06 2.26
CA ASP A 8 -4.75 -14.05 3.35
C ASP A 8 -4.22 -12.74 2.79
N MET A 9 -4.26 -12.60 1.49
CA MET A 9 -3.73 -11.36 0.86
C MET A 9 -4.60 -10.17 1.27
N GLU A 10 -5.41 -10.35 2.27
CA GLU A 10 -6.28 -9.25 2.73
C GLU A 10 -5.45 -8.27 3.57
N HIS A 11 -4.31 -8.69 4.03
CA HIS A 11 -3.47 -7.79 4.86
C HIS A 11 -2.38 -7.20 3.99
N CYS A 12 -2.29 -5.90 3.94
CA CYS A 12 -1.24 -5.26 3.12
C CYS A 12 -0.22 -4.61 4.05
N ALA A 13 0.99 -4.43 3.59
CA ALA A 13 2.02 -3.81 4.48
C ALA A 13 2.82 -2.77 3.67
N ASP A 14 3.33 -1.77 4.34
CA ASP A 14 4.13 -0.74 3.63
C ASP A 14 5.45 -1.35 3.16
N GLU A 15 5.88 -1.03 1.97
CA GLU A 15 7.15 -1.61 1.46
C GLU A 15 8.31 -1.15 2.36
N LYS A 16 9.22 -2.03 2.66
CA LYS A 16 10.38 -1.64 3.53
C LYS A 16 11.44 -0.95 2.69
N ASN A 17 11.54 -1.31 1.43
CA ASN A 17 12.56 -0.68 0.55
C ASN A 17 12.01 0.62 -0.04
N PHE A 18 10.78 0.95 0.27
CA PHE A 18 10.20 2.20 -0.28
C PHE A 18 9.94 3.20 0.85
N ASP A 19 10.39 4.42 0.69
CA ASP A 19 10.17 5.43 1.75
C ASP A 19 8.75 5.99 1.63
N CYS A 20 7.80 5.31 2.21
CA CYS A 20 6.38 5.76 2.14
C CYS A 20 6.24 7.07 2.92
N ARG A 21 6.95 7.19 4.00
CA ARG A 21 6.86 8.43 4.82
C ARG A 21 7.20 9.62 3.93
N ARG A 22 8.21 9.47 3.11
CA ARG A 22 8.60 10.58 2.21
C ARG A 22 7.52 10.76 1.13
N SER A 23 7.09 9.70 0.53
CA SER A 23 6.05 9.81 -0.51
C SER A 23 4.73 10.29 0.11
N LEU A 24 4.47 9.87 1.32
CA LEU A 24 3.20 10.30 1.99
C LEU A 24 3.24 11.80 2.28
N ARG A 25 4.30 12.29 2.86
CA ARG A 25 4.37 13.74 3.17
C ARG A 25 4.45 14.53 1.86
N ASN A 26 4.90 13.89 0.81
CA ASN A 26 5.00 14.59 -0.50
C ASN A 26 3.63 14.62 -1.17
N GLY A 27 2.64 14.04 -0.53
CA GLY A 27 1.28 14.03 -1.13
C GLY A 27 1.22 12.92 -2.19
N ASP A 28 2.07 11.94 -2.09
CA ASP A 28 2.08 10.85 -3.09
C ASP A 28 0.72 10.15 -3.09
N CYS A 29 0.15 9.95 -1.93
CA CYS A 29 -1.18 9.29 -1.86
C CYS A 29 -2.20 10.19 -2.55
N ASP A 30 -1.89 11.45 -2.68
CA ASP A 30 -2.84 12.40 -3.34
C ASP A 30 -2.49 12.56 -4.81
N ASN A 31 -1.43 11.95 -5.27
CA ASN A 31 -1.06 12.08 -6.69
C ASN A 31 -1.64 10.90 -7.48
N ASP A 32 -2.52 11.17 -8.39
CA ASP A 32 -3.12 10.07 -9.19
C ASP A 32 -2.02 9.32 -9.90
N ASP A 33 -0.97 10.00 -10.29
CA ASP A 33 0.14 9.31 -11.00
C ASP A 33 0.85 8.35 -10.06
N LYS A 34 0.81 8.62 -8.78
CA LYS A 34 1.50 7.71 -7.82
C LYS A 34 0.46 6.91 -7.04
N LEU A 35 -0.80 7.14 -7.31
CA LEU A 35 -1.85 6.39 -6.57
C LEU A 35 -1.59 4.89 -6.69
N LEU A 36 -1.34 4.42 -7.88
CA LEU A 36 -1.07 2.96 -8.06
C LEU A 36 0.23 2.61 -7.34
N GLU A 37 1.21 3.47 -7.40
CA GLU A 37 2.50 3.19 -6.73
C GLU A 37 2.26 2.98 -5.23
N MET A 38 1.41 3.76 -4.65
CA MET A 38 1.13 3.60 -3.19
C MET A 38 0.37 2.32 -2.94
N GLY A 39 -0.66 2.07 -3.70
CA GLY A 39 -1.44 0.82 -3.50
C GLY A 39 -0.47 -0.36 -3.59
N TYR A 40 0.59 -0.20 -4.33
CA TYR A 40 1.58 -1.31 -4.48
C TYR A 40 2.72 -1.15 -3.48
N TYR A 41 3.38 -0.02 -3.49
CA TYR A 41 4.52 0.19 -2.56
C TYR A 41 4.04 0.47 -1.14
N CYS A 42 3.05 1.30 -0.97
CA CYS A 42 2.59 1.60 0.41
C CYS A 42 1.06 1.68 0.48
N PRO A 43 0.41 0.57 0.32
CA PRO A 43 -1.08 0.51 0.39
C PRO A 43 -1.61 0.88 1.77
N VAL A 44 -0.88 0.56 2.80
CA VAL A 44 -1.34 0.89 4.18
C VAL A 44 -1.02 2.35 4.50
N THR A 45 0.15 2.81 4.14
CA THR A 45 0.51 4.23 4.43
C THR A 45 -0.48 5.20 3.77
N CYS A 46 -0.93 4.89 2.58
CA CYS A 46 -1.87 5.83 1.90
C CYS A 46 -3.31 5.55 2.33
N GLY A 47 -3.56 4.49 3.03
CA GLY A 47 -4.95 4.20 3.51
C GLY A 47 -5.76 3.44 2.46
N PHE A 48 -5.16 2.55 1.72
CA PHE A 48 -5.95 1.77 0.73
C PHE A 48 -6.16 0.38 1.32
N CYS A 49 -5.39 0.05 2.31
CA CYS A 49 -5.53 -1.27 2.96
C CYS A 49 -5.73 -1.07 4.46
N GLU A 50 -6.14 -2.09 5.15
CA GLU A 50 -6.34 -1.97 6.63
C GLU A 50 -5.15 -2.62 7.34
N PRO A 51 -4.47 -1.89 8.17
CA PRO A 51 -3.29 -2.42 8.91
C PRO A 51 -3.70 -3.42 10.00
N ASN A 1 -15.55 -22.94 5.69
CA ASN A 1 -15.29 -22.06 6.86
C ASN A 1 -13.80 -21.79 6.99
N ASP A 2 -13.01 -22.37 6.11
CA ASP A 2 -11.54 -22.15 6.18
C ASP A 2 -11.22 -20.71 5.77
N ILE A 3 -10.28 -20.09 6.44
CA ILE A 3 -9.92 -18.69 6.10
C ILE A 3 -9.09 -18.68 4.80
N ARG A 4 -8.86 -19.83 4.23
CA ARG A 4 -8.06 -19.89 2.98
C ARG A 4 -8.91 -19.34 1.83
N THR A 5 -10.12 -18.97 2.11
CA THR A 5 -11.01 -18.44 1.04
C THR A 5 -10.84 -16.91 0.95
N ALA A 6 -10.06 -16.35 1.80
CA ALA A 6 -9.85 -14.86 1.75
C ALA A 6 -8.53 -14.56 1.07
N ALA A 7 -8.05 -15.45 0.25
CA ALA A 7 -6.75 -15.21 -0.45
C ALA A 7 -5.71 -14.77 0.58
N ASP A 8 -4.51 -14.51 0.15
CA ASP A 8 -3.46 -14.08 1.12
C ASP A 8 -3.26 -12.57 0.99
N MET A 9 -4.13 -11.91 0.28
CA MET A 9 -3.97 -10.43 0.11
C MET A 9 -4.82 -9.70 1.16
N GLU A 10 -5.30 -10.43 2.12
CA GLU A 10 -6.13 -9.80 3.19
C GLU A 10 -5.24 -8.91 4.06
N HIS A 11 -3.97 -9.19 4.12
CA HIS A 11 -3.07 -8.37 4.96
C HIS A 11 -2.24 -7.44 4.06
N CYS A 12 -2.35 -6.16 4.30
CA CYS A 12 -1.58 -5.18 3.48
C CYS A 12 -0.50 -4.55 4.36
N ALA A 13 0.67 -4.35 3.82
CA ALA A 13 1.75 -3.74 4.65
C ALA A 13 2.50 -2.69 3.83
N ASP A 14 3.00 -1.67 4.48
CA ASP A 14 3.76 -0.63 3.73
C ASP A 14 5.12 -1.21 3.33
N GLU A 15 5.55 -0.96 2.12
CA GLU A 15 6.86 -1.51 1.66
C GLU A 15 7.99 -0.97 2.54
N LYS A 16 8.94 -1.81 2.87
CA LYS A 16 10.08 -1.35 3.71
C LYS A 16 11.18 -0.76 2.83
N ASN A 17 11.28 -1.24 1.60
CA ASN A 17 12.32 -0.70 0.69
C ASN A 17 11.82 0.59 0.05
N PHE A 18 10.60 0.95 0.30
CA PHE A 18 10.04 2.20 -0.29
C PHE A 18 9.83 3.22 0.83
N ASP A 19 10.25 4.44 0.62
CA ASP A 19 10.05 5.47 1.69
C ASP A 19 8.61 5.96 1.63
N CYS A 20 7.72 5.25 2.28
CA CYS A 20 6.29 5.66 2.25
C CYS A 20 6.12 6.93 3.09
N ARG A 21 6.85 7.04 4.16
CA ARG A 21 6.74 8.25 5.01
C ARG A 21 7.10 9.48 4.18
N ARG A 22 8.18 9.41 3.44
CA ARG A 22 8.58 10.58 2.61
C ARG A 22 7.58 10.75 1.47
N SER A 23 7.25 9.68 0.81
CA SER A 23 6.28 9.77 -0.31
C SER A 23 4.94 10.29 0.21
N LEU A 24 4.56 9.90 1.41
CA LEU A 24 3.27 10.35 1.98
C LEU A 24 3.28 11.87 2.19
N ARG A 25 4.29 12.38 2.83
CA ARG A 25 4.35 13.85 3.07
C ARG A 25 4.54 14.57 1.73
N ASN A 26 5.02 13.87 0.75
CA ASN A 26 5.22 14.50 -0.59
C ASN A 26 3.87 14.56 -1.32
N GLY A 27 2.84 14.04 -0.72
CA GLY A 27 1.50 14.06 -1.38
C GLY A 27 1.42 12.92 -2.39
N ASP A 28 2.23 11.91 -2.23
CA ASP A 28 2.20 10.76 -3.17
C ASP A 28 0.81 10.12 -3.15
N CYS A 29 0.22 9.99 -1.99
CA CYS A 29 -1.14 9.37 -1.93
C CYS A 29 -2.13 10.30 -2.62
N ASP A 30 -1.79 11.56 -2.76
CA ASP A 30 -2.70 12.52 -3.43
C ASP A 30 -2.33 12.65 -4.90
N ASN A 31 -1.32 11.95 -5.34
CA ASN A 31 -0.93 12.03 -6.77
C ASN A 31 -1.55 10.86 -7.52
N ASP A 32 -2.46 11.13 -8.41
CA ASP A 32 -3.11 10.04 -9.17
C ASP A 32 -2.03 9.23 -9.90
N ASP A 33 -1.00 9.89 -10.35
CA ASP A 33 0.09 9.18 -11.07
C ASP A 33 0.81 8.23 -10.11
N LYS A 34 0.78 8.50 -8.84
CA LYS A 34 1.47 7.61 -7.87
C LYS A 34 0.43 6.85 -7.05
N LEU A 35 -0.82 7.07 -7.30
CA LEU A 35 -1.86 6.35 -6.52
C LEU A 35 -1.65 4.84 -6.67
N LEU A 36 -1.40 4.37 -7.85
CA LEU A 36 -1.16 2.91 -8.04
C LEU A 36 0.13 2.54 -7.32
N GLU A 37 1.12 3.38 -7.39
CA GLU A 37 2.41 3.08 -6.72
C GLU A 37 2.17 2.91 -5.22
N MET A 38 1.32 3.72 -4.66
CA MET A 38 1.04 3.61 -3.20
C MET A 38 0.23 2.34 -2.92
N GLY A 39 -0.77 2.07 -3.69
CA GLY A 39 -1.58 0.84 -3.46
C GLY A 39 -0.64 -0.36 -3.53
N TYR A 40 0.41 -0.24 -4.28
CA TYR A 40 1.37 -1.36 -4.43
C TYR A 40 2.52 -1.21 -3.42
N TYR A 41 3.19 -0.08 -3.42
CA TYR A 41 4.33 0.12 -2.47
C TYR A 41 3.83 0.41 -1.07
N CYS A 42 2.90 1.34 -0.91
CA CYS A 42 2.43 1.66 0.46
C CYS A 42 0.91 1.82 0.49
N PRO A 43 0.20 0.72 0.40
CA PRO A 43 -1.29 0.73 0.44
C PRO A 43 -1.82 1.14 1.81
N VAL A 44 -1.13 0.76 2.85
CA VAL A 44 -1.57 1.13 4.22
C VAL A 44 -1.22 2.59 4.49
N THR A 45 -0.05 3.01 4.09
CA THR A 45 0.38 4.42 4.33
C THR A 45 -0.60 5.39 3.67
N CYS A 46 -1.06 5.08 2.49
CA CYS A 46 -1.97 6.01 1.78
C CYS A 46 -3.42 5.75 2.20
N GLY A 47 -3.64 4.80 3.06
CA GLY A 47 -5.04 4.52 3.53
C GLY A 47 -5.83 3.76 2.47
N PHE A 48 -5.20 2.88 1.74
CA PHE A 48 -5.95 2.10 0.72
C PHE A 48 -6.16 0.69 1.26
N CYS A 49 -5.47 0.37 2.30
CA CYS A 49 -5.62 -0.98 2.89
C CYS A 49 -5.25 -0.94 4.38
N GLU A 50 -5.43 -2.02 5.08
CA GLU A 50 -5.10 -2.04 6.53
C GLU A 50 -3.86 -2.91 6.75
N PRO A 51 -3.10 -2.63 7.77
CA PRO A 51 -1.87 -3.41 8.09
C PRO A 51 -2.12 -4.91 8.01
N ASN A 1 -19.08 -16.07 3.58
CA ASN A 1 -19.34 -17.48 3.20
C ASN A 1 -18.83 -17.73 1.79
N ASP A 2 -18.28 -16.72 1.16
CA ASP A 2 -17.76 -16.91 -0.23
C ASP A 2 -16.49 -17.75 -0.19
N ILE A 3 -16.20 -18.42 -1.28
CA ILE A 3 -14.98 -19.27 -1.32
C ILE A 3 -13.76 -18.38 -1.62
N ARG A 4 -13.98 -17.12 -1.87
CA ARG A 4 -12.84 -16.20 -2.15
C ARG A 4 -12.12 -15.84 -0.85
N THR A 5 -12.57 -16.38 0.24
CA THR A 5 -11.93 -16.07 1.54
C THR A 5 -10.62 -16.85 1.66
N ALA A 6 -10.28 -17.61 0.66
CA ALA A 6 -9.01 -18.39 0.71
C ALA A 6 -7.83 -17.48 0.38
N ALA A 7 -8.11 -16.27 0.00
CA ALA A 7 -7.00 -15.32 -0.34
C ALA A 7 -6.25 -14.94 0.93
N ASP A 8 -4.95 -14.80 0.84
CA ASP A 8 -4.15 -14.41 2.03
C ASP A 8 -3.70 -12.96 1.85
N MET A 9 -4.25 -12.29 0.87
CA MET A 9 -3.85 -10.88 0.62
C MET A 9 -4.69 -9.94 1.47
N GLU A 10 -5.36 -10.46 2.45
CA GLU A 10 -6.20 -9.60 3.31
C GLU A 10 -5.31 -8.71 4.17
N HIS A 11 -4.08 -9.10 4.36
CA HIS A 11 -3.15 -8.28 5.20
C HIS A 11 -2.29 -7.42 4.27
N CYS A 12 -2.34 -6.13 4.44
CA CYS A 12 -1.52 -5.25 3.57
C CYS A 12 -0.44 -4.58 4.43
N ALA A 13 0.73 -4.41 3.88
CA ALA A 13 1.82 -3.75 4.66
C ALA A 13 2.55 -2.75 3.78
N ASP A 14 3.08 -1.71 4.36
CA ASP A 14 3.81 -0.71 3.53
C ASP A 14 5.16 -1.30 3.14
N GLU A 15 5.70 -0.88 2.03
CA GLU A 15 7.02 -1.43 1.60
C GLU A 15 8.13 -0.96 2.54
N LYS A 16 8.94 -1.86 2.99
CA LYS A 16 10.05 -1.47 3.90
C LYS A 16 11.19 -0.90 3.07
N ASN A 17 11.25 -1.26 1.81
CA ASN A 17 12.34 -0.74 0.93
C ASN A 17 11.89 0.55 0.25
N PHE A 18 10.64 0.90 0.36
CA PHE A 18 10.16 2.15 -0.26
C PHE A 18 9.86 3.17 0.84
N ASP A 19 10.37 4.36 0.72
CA ASP A 19 10.12 5.38 1.78
C ASP A 19 8.70 5.93 1.63
N CYS A 20 7.75 5.24 2.19
CA CYS A 20 6.34 5.72 2.09
C CYS A 20 6.19 7.01 2.90
N ARG A 21 6.91 7.13 3.98
CA ARG A 21 6.83 8.37 4.79
C ARG A 21 7.22 9.55 3.91
N ARG A 22 8.28 9.41 3.15
CA ARG A 22 8.70 10.52 2.26
C ARG A 22 7.65 10.75 1.17
N SER A 23 7.19 9.69 0.56
CA SER A 23 6.17 9.84 -0.50
C SER A 23 4.86 10.32 0.11
N LEU A 24 4.56 9.90 1.32
CA LEU A 24 3.29 10.33 1.96
C LEU A 24 3.30 11.83 2.23
N ARG A 25 4.34 12.33 2.84
CA ARG A 25 4.41 13.79 3.15
C ARG A 25 4.50 14.57 1.83
N ASN A 26 4.93 13.92 0.79
CA ASN A 26 5.05 14.61 -0.53
C ASN A 26 3.68 14.63 -1.21
N GLY A 27 2.69 14.04 -0.60
CA GLY A 27 1.34 14.02 -1.20
C GLY A 27 1.25 12.90 -2.24
N ASP A 28 2.12 11.94 -2.15
CA ASP A 28 2.10 10.81 -3.13
C ASP A 28 0.73 10.14 -3.11
N CYS A 29 0.16 9.99 -1.95
CA CYS A 29 -1.19 9.36 -1.86
C CYS A 29 -2.20 10.26 -2.57
N ASP A 30 -1.86 11.52 -2.71
CA ASP A 30 -2.79 12.47 -3.39
C ASP A 30 -2.40 12.62 -4.86
N ASN A 31 -1.36 11.97 -5.29
CA ASN A 31 -0.94 12.09 -6.71
C ASN A 31 -1.55 10.93 -7.51
N ASP A 32 -2.44 11.23 -8.42
CA ASP A 32 -3.05 10.15 -9.23
C ASP A 32 -1.96 9.36 -9.94
N ASP A 33 -0.91 10.03 -10.33
CA ASP A 33 0.20 9.33 -11.03
C ASP A 33 0.89 8.35 -10.08
N LYS A 34 0.78 8.57 -8.80
CA LYS A 34 1.46 7.65 -7.84
C LYS A 34 0.41 6.87 -7.04
N LEU A 35 -0.84 7.12 -7.29
CA LEU A 35 -1.90 6.39 -6.54
C LEU A 35 -1.67 4.87 -6.68
N LEU A 36 -1.41 4.41 -7.86
CA LEU A 36 -1.16 2.95 -8.05
C LEU A 36 0.14 2.57 -7.35
N GLU A 37 1.13 3.43 -7.40
CA GLU A 37 2.43 3.10 -6.74
C GLU A 37 2.20 2.93 -5.25
N MET A 38 1.37 3.75 -4.66
CA MET A 38 1.10 3.63 -3.21
C MET A 38 0.29 2.38 -2.94
N GLY A 39 -0.76 2.19 -3.68
CA GLY A 39 -1.59 0.97 -3.47
C GLY A 39 -0.69 -0.25 -3.57
N TYR A 40 0.38 -0.14 -4.33
CA TYR A 40 1.31 -1.29 -4.48
C TYR A 40 2.46 -1.18 -3.48
N TYR A 41 3.17 -0.09 -3.50
CA TYR A 41 4.32 0.05 -2.56
C TYR A 41 3.83 0.40 -1.14
N CYS A 42 2.91 1.31 -1.01
CA CYS A 42 2.45 1.67 0.35
C CYS A 42 0.93 1.76 0.42
N PRO A 43 0.26 0.65 0.35
CA PRO A 43 -1.23 0.61 0.44
C PRO A 43 -1.72 1.01 1.82
N VAL A 44 -0.97 0.69 2.84
CA VAL A 44 -1.39 1.05 4.23
C VAL A 44 -1.07 2.51 4.51
N THR A 45 0.12 2.95 4.16
CA THR A 45 0.51 4.36 4.43
C THR A 45 -0.48 5.33 3.77
N CYS A 46 -0.93 5.02 2.58
CA CYS A 46 -1.87 5.95 1.91
C CYS A 46 -3.31 5.67 2.34
N GLY A 47 -3.55 4.58 3.01
CA GLY A 47 -4.93 4.28 3.49
C GLY A 47 -5.78 3.57 2.42
N PHE A 48 -5.20 2.71 1.63
CA PHE A 48 -6.02 1.99 0.62
C PHE A 48 -6.26 0.58 1.15
N CYS A 49 -5.52 0.20 2.14
CA CYS A 49 -5.69 -1.14 2.73
C CYS A 49 -5.46 -1.06 4.23
N GLU A 50 -5.65 -2.15 4.92
CA GLU A 50 -5.44 -2.14 6.40
C GLU A 50 -4.08 -2.78 6.71
N PRO A 51 -3.53 -2.45 7.85
CA PRO A 51 -2.22 -3.01 8.27
C PRO A 51 -2.31 -4.50 8.63
N ASN A 1 0.52 -30.02 2.51
CA ASN A 1 -0.68 -29.29 3.03
C ASN A 1 -0.32 -28.59 4.35
N ASP A 2 0.59 -27.65 4.30
CA ASP A 2 0.97 -26.93 5.54
C ASP A 2 -0.18 -26.04 5.99
N ILE A 3 -0.34 -25.83 7.27
CA ILE A 3 -1.45 -24.97 7.76
C ILE A 3 -1.09 -23.50 7.54
N ARG A 4 0.03 -23.24 6.95
CA ARG A 4 0.43 -21.83 6.72
C ARG A 4 -0.39 -21.26 5.56
N THR A 5 -1.24 -22.06 4.98
CA THR A 5 -2.07 -21.56 3.85
C THR A 5 -3.33 -20.90 4.41
N ALA A 6 -3.44 -20.83 5.71
CA ALA A 6 -4.65 -20.20 6.32
C ALA A 6 -4.59 -18.69 6.12
N ALA A 7 -3.49 -18.18 5.67
CA ALA A 7 -3.37 -16.71 5.44
C ALA A 7 -4.36 -16.28 4.36
N ASP A 8 -5.02 -15.17 4.54
CA ASP A 8 -5.99 -14.70 3.52
C ASP A 8 -5.43 -13.46 2.83
N MET A 9 -4.19 -13.14 3.07
CA MET A 9 -3.59 -11.94 2.43
C MET A 9 -4.51 -10.73 2.64
N GLU A 10 -5.41 -10.81 3.58
CA GLU A 10 -6.32 -9.65 3.83
C GLU A 10 -5.53 -8.55 4.53
N HIS A 11 -4.32 -8.83 4.90
CA HIS A 11 -3.50 -7.82 5.59
C HIS A 11 -2.49 -7.21 4.62
N CYS A 12 -2.48 -5.91 4.52
CA CYS A 12 -1.52 -5.24 3.61
C CYS A 12 -0.45 -4.57 4.46
N ALA A 13 0.72 -4.38 3.92
CA ALA A 13 1.79 -3.73 4.73
C ALA A 13 2.56 -2.72 3.86
N ASP A 14 3.09 -1.70 4.46
CA ASP A 14 3.85 -0.68 3.67
C ASP A 14 5.18 -1.29 3.25
N GLU A 15 5.60 -1.05 2.03
CA GLU A 15 6.89 -1.63 1.57
C GLU A 15 8.01 -1.16 2.50
N LYS A 16 8.92 -2.04 2.82
CA LYS A 16 10.04 -1.66 3.72
C LYS A 16 11.17 -1.03 2.92
N ASN A 17 11.26 -1.35 1.66
CA ASN A 17 12.34 -0.78 0.81
C ASN A 17 11.86 0.53 0.20
N PHE A 18 10.63 0.90 0.44
CA PHE A 18 10.11 2.17 -0.14
C PHE A 18 9.84 3.17 0.99
N ASP A 19 10.34 4.35 0.87
CA ASP A 19 10.11 5.37 1.94
C ASP A 19 8.70 5.94 1.77
N CYS A 20 7.72 5.28 2.32
CA CYS A 20 6.32 5.76 2.20
C CYS A 20 6.15 7.06 2.98
N ARG A 21 6.87 7.18 4.08
CA ARG A 21 6.76 8.41 4.89
C ARG A 21 7.14 9.62 4.04
N ARG A 22 8.19 9.49 3.27
CA ARG A 22 8.61 10.62 2.41
C ARG A 22 7.58 10.83 1.30
N SER A 23 7.19 9.77 0.65
CA SER A 23 6.18 9.89 -0.43
C SER A 23 4.86 10.37 0.16
N LEU A 24 4.54 9.92 1.35
CA LEU A 24 3.26 10.35 1.98
C LEU A 24 3.28 11.86 2.23
N ARG A 25 4.30 12.37 2.85
CA ARG A 25 4.35 13.83 3.13
C ARG A 25 4.48 14.58 1.81
N ASN A 26 4.96 13.92 0.80
CA ASN A 26 5.10 14.60 -0.52
C ASN A 26 3.75 14.63 -1.23
N GLY A 27 2.75 14.05 -0.62
CA GLY A 27 1.40 14.05 -1.24
C GLY A 27 1.32 12.93 -2.27
N ASP A 28 2.17 11.95 -2.16
CA ASP A 28 2.14 10.83 -3.13
C ASP A 28 0.76 10.17 -3.09
N CYS A 29 0.17 10.04 -1.93
CA CYS A 29 -1.18 9.42 -1.84
C CYS A 29 -2.19 10.34 -2.53
N ASP A 30 -1.83 11.59 -2.73
CA ASP A 30 -2.76 12.55 -3.39
C ASP A 30 -2.40 12.69 -4.86
N ASN A 31 -1.38 12.02 -5.30
CA ASN A 31 -0.98 12.12 -6.74
C ASN A 31 -1.58 10.95 -7.50
N ASP A 32 -2.48 11.22 -8.40
CA ASP A 32 -3.11 10.12 -9.18
C ASP A 32 -2.02 9.30 -9.89
N ASP A 33 -0.97 9.96 -10.31
CA ASP A 33 0.13 9.23 -11.00
C ASP A 33 0.83 8.27 -10.04
N LYS A 34 0.76 8.53 -8.77
CA LYS A 34 1.44 7.62 -7.80
C LYS A 34 0.40 6.84 -7.01
N LEU A 35 -0.85 7.13 -7.21
CA LEU A 35 -1.91 6.39 -6.46
C LEU A 35 -1.70 4.89 -6.65
N LEU A 36 -1.46 4.46 -7.86
CA LEU A 36 -1.24 3.02 -8.09
C LEU A 36 0.08 2.59 -7.44
N GLU A 37 1.08 3.42 -7.52
CA GLU A 37 2.39 3.07 -6.90
C GLU A 37 2.19 2.89 -5.39
N MET A 38 1.38 3.70 -4.79
CA MET A 38 1.14 3.57 -3.32
C MET A 38 0.34 2.30 -3.04
N GLY A 39 -0.71 2.08 -3.78
CA GLY A 39 -1.51 0.86 -3.55
C GLY A 39 -0.59 -0.33 -3.68
N TYR A 40 0.48 -0.15 -4.39
CA TYR A 40 1.45 -1.25 -4.59
C TYR A 40 2.59 -1.16 -3.55
N TYR A 41 3.28 -0.05 -3.51
CA TYR A 41 4.40 0.10 -2.55
C TYR A 41 3.89 0.40 -1.13
N CYS A 42 2.94 1.30 -0.99
CA CYS A 42 2.46 1.62 0.38
C CYS A 42 0.93 1.73 0.40
N PRO A 43 0.25 0.62 0.33
CA PRO A 43 -1.25 0.60 0.36
C PRO A 43 -1.78 1.02 1.72
N VAL A 44 -1.10 0.68 2.78
CA VAL A 44 -1.56 1.07 4.14
C VAL A 44 -1.19 2.53 4.39
N THR A 45 0.01 2.92 4.03
CA THR A 45 0.44 4.33 4.25
C THR A 45 -0.55 5.30 3.61
N CYS A 46 -1.02 4.98 2.43
CA CYS A 46 -1.97 5.91 1.75
C CYS A 46 -3.41 5.62 2.18
N GLY A 47 -3.61 4.64 3.02
CA GLY A 47 -5.00 4.34 3.49
C GLY A 47 -5.80 3.60 2.41
N PHE A 48 -5.16 2.76 1.65
CA PHE A 48 -5.93 1.99 0.62
C PHE A 48 -6.11 0.58 1.12
N CYS A 49 -5.43 0.24 2.18
CA CYS A 49 -5.57 -1.11 2.76
C CYS A 49 -5.27 -1.05 4.25
N GLU A 50 -5.41 -2.16 4.93
CA GLU A 50 -5.13 -2.17 6.40
C GLU A 50 -3.82 -2.92 6.67
N PRO A 51 -3.14 -2.58 7.72
CA PRO A 51 -1.86 -3.26 8.07
C PRO A 51 -1.99 -4.77 8.10
N ASN A 1 -18.20 -10.24 2.88
CA ASN A 1 -19.40 -10.40 2.01
C ASN A 1 -18.96 -10.88 0.62
N ASP A 2 -17.99 -10.23 0.04
CA ASP A 2 -17.51 -10.64 -1.31
C ASP A 2 -16.80 -11.98 -1.22
N ILE A 3 -16.99 -12.84 -2.19
CA ILE A 3 -16.32 -14.17 -2.15
C ILE A 3 -14.85 -14.00 -2.51
N ARG A 4 -14.42 -12.81 -2.83
CA ARG A 4 -12.99 -12.61 -3.18
C ARG A 4 -12.16 -12.52 -1.89
N THR A 5 -12.78 -12.73 -0.77
CA THR A 5 -12.05 -12.65 0.52
C THR A 5 -11.32 -13.97 0.77
N ALA A 6 -11.44 -14.90 -0.13
CA ALA A 6 -10.75 -16.21 0.05
C ALA A 6 -9.23 -16.01 -0.02
N ALA A 7 -8.79 -14.97 -0.69
CA ALA A 7 -7.33 -14.72 -0.79
C ALA A 7 -6.78 -14.37 0.60
N ASP A 8 -5.56 -14.73 0.87
CA ASP A 8 -4.97 -14.41 2.21
C ASP A 8 -4.31 -13.04 2.13
N MET A 9 -4.52 -12.35 1.04
CA MET A 9 -3.91 -11.01 0.86
C MET A 9 -4.73 -9.96 1.61
N GLU A 10 -5.55 -10.39 2.52
CA GLU A 10 -6.38 -9.44 3.29
C GLU A 10 -5.47 -8.57 4.15
N HIS A 11 -4.25 -8.99 4.35
CA HIS A 11 -3.32 -8.18 5.17
C HIS A 11 -2.39 -7.38 4.25
N CYS A 12 -2.45 -6.09 4.35
CA CYS A 12 -1.57 -5.25 3.49
C CYS A 12 -0.49 -4.61 4.38
N ALA A 13 0.68 -4.41 3.84
CA ALA A 13 1.78 -3.81 4.66
C ALA A 13 2.51 -2.76 3.82
N ASP A 14 3.09 -1.78 4.46
CA ASP A 14 3.84 -0.75 3.69
C ASP A 14 5.17 -1.33 3.25
N GLU A 15 5.61 -1.01 2.07
CA GLU A 15 6.90 -1.56 1.59
C GLU A 15 8.04 -1.06 2.46
N LYS A 16 8.96 -1.92 2.79
CA LYS A 16 10.11 -1.51 3.64
C LYS A 16 11.20 -0.89 2.77
N ASN A 17 11.31 -1.33 1.55
CA ASN A 17 12.37 -0.76 0.65
C ASN A 17 11.88 0.53 0.02
N PHE A 18 10.64 0.89 0.25
CA PHE A 18 10.10 2.15 -0.32
C PHE A 18 9.84 3.15 0.81
N ASP A 19 10.30 4.36 0.66
CA ASP A 19 10.07 5.37 1.72
C ASP A 19 8.65 5.94 1.61
N CYS A 20 7.70 5.32 2.22
CA CYS A 20 6.29 5.82 2.14
C CYS A 20 6.16 7.13 2.92
N ARG A 21 6.83 7.22 4.03
CA ARG A 21 6.76 8.46 4.84
C ARG A 21 7.16 9.64 3.96
N ARG A 22 8.17 9.46 3.17
CA ARG A 22 8.61 10.56 2.27
C ARG A 22 7.56 10.77 1.17
N SER A 23 7.14 9.70 0.56
CA SER A 23 6.12 9.83 -0.51
C SER A 23 4.80 10.33 0.09
N LEU A 24 4.50 9.94 1.31
CA LEU A 24 3.23 10.39 1.96
C LEU A 24 3.27 11.90 2.22
N ARG A 25 4.33 12.38 2.82
CA ARG A 25 4.41 13.83 3.12
C ARG A 25 4.51 14.59 1.79
N ASN A 26 4.99 13.95 0.77
CA ASN A 26 5.12 14.61 -0.56
C ASN A 26 3.75 14.66 -1.24
N GLY A 27 2.75 14.09 -0.64
CA GLY A 27 1.39 14.10 -1.27
C GLY A 27 1.31 12.97 -2.29
N ASP A 28 2.14 11.98 -2.16
CA ASP A 28 2.11 10.84 -3.11
C ASP A 28 0.74 10.16 -3.07
N CYS A 29 0.18 10.02 -1.90
CA CYS A 29 -1.17 9.39 -1.80
C CYS A 29 -2.19 10.30 -2.50
N ASP A 30 -1.84 11.54 -2.68
CA ASP A 30 -2.78 12.49 -3.35
C ASP A 30 -2.42 12.64 -4.84
N ASN A 31 -1.37 12.00 -5.27
CA ASN A 31 -0.98 12.10 -6.70
C ASN A 31 -1.59 10.92 -7.47
N ASP A 32 -2.48 11.18 -8.37
CA ASP A 32 -3.10 10.08 -9.15
C ASP A 32 -2.02 9.27 -9.87
N ASP A 33 -0.97 9.93 -10.26
CA ASP A 33 0.12 9.22 -10.97
C ASP A 33 0.87 8.29 -10.02
N LYS A 34 0.80 8.54 -8.74
CA LYS A 34 1.52 7.66 -7.77
C LYS A 34 0.52 6.86 -6.96
N LEU A 35 -0.75 7.03 -7.23
CA LEU A 35 -1.78 6.26 -6.47
C LEU A 35 -1.52 4.78 -6.65
N LEU A 36 -1.22 4.35 -7.84
CA LEU A 36 -0.94 2.91 -8.08
C LEU A 36 0.33 2.52 -7.32
N GLU A 37 1.32 3.37 -7.34
CA GLU A 37 2.58 3.06 -6.62
C GLU A 37 2.29 2.89 -5.14
N MET A 38 1.45 3.73 -4.60
CA MET A 38 1.11 3.62 -3.15
C MET A 38 0.32 2.35 -2.88
N GLY A 39 -0.69 2.08 -3.67
CA GLY A 39 -1.49 0.85 -3.47
C GLY A 39 -0.56 -0.35 -3.56
N TYR A 40 0.51 -0.20 -4.29
CA TYR A 40 1.47 -1.33 -4.45
C TYR A 40 2.60 -1.20 -3.44
N TYR A 41 3.24 -0.06 -3.40
CA TYR A 41 4.36 0.14 -2.44
C TYR A 41 3.85 0.43 -1.04
N CYS A 42 2.89 1.30 -0.89
CA CYS A 42 2.41 1.62 0.48
C CYS A 42 0.88 1.74 0.51
N PRO A 43 0.19 0.63 0.39
CA PRO A 43 -1.30 0.63 0.43
C PRO A 43 -1.83 1.04 1.81
N VAL A 44 -1.11 0.67 2.84
CA VAL A 44 -1.54 1.03 4.23
C VAL A 44 -1.20 2.49 4.52
N THR A 45 -0.03 2.92 4.13
CA THR A 45 0.39 4.33 4.39
C THR A 45 -0.58 5.32 3.73
N CYS A 46 -1.04 5.02 2.55
CA CYS A 46 -1.97 5.96 1.86
C CYS A 46 -3.42 5.70 2.27
N GLY A 47 -3.65 4.68 3.05
CA GLY A 47 -5.03 4.40 3.51
C GLY A 47 -5.84 3.68 2.42
N PHE A 48 -5.23 2.83 1.66
CA PHE A 48 -5.98 2.09 0.62
C PHE A 48 -6.19 0.67 1.11
N CYS A 49 -5.53 0.33 2.18
CA CYS A 49 -5.68 -1.04 2.75
C CYS A 49 -5.39 -0.99 4.24
N GLU A 50 -5.54 -2.11 4.91
CA GLU A 50 -5.28 -2.14 6.37
C GLU A 50 -3.93 -2.82 6.65
N PRO A 51 -3.33 -2.52 7.77
CA PRO A 51 -2.02 -3.10 8.17
C PRO A 51 -2.15 -4.60 8.49
N ASN A 1 -16.89 -20.14 -1.67
CA ASN A 1 -16.82 -21.62 -1.60
C ASN A 1 -15.50 -22.04 -0.94
N ASP A 2 -14.52 -22.40 -1.73
CA ASP A 2 -13.22 -22.83 -1.16
C ASP A 2 -12.53 -21.60 -0.53
N ILE A 3 -11.95 -21.77 0.62
CA ILE A 3 -11.25 -20.62 1.27
C ILE A 3 -9.94 -20.35 0.53
N ARG A 4 -9.66 -21.08 -0.51
CA ARG A 4 -8.39 -20.85 -1.25
C ARG A 4 -8.52 -19.59 -2.10
N THR A 5 -9.64 -18.93 -2.03
CA THR A 5 -9.84 -17.69 -2.83
C THR A 5 -9.43 -16.48 -2.00
N ALA A 6 -9.05 -16.69 -0.76
CA ALA A 6 -8.64 -15.53 0.10
C ALA A 6 -7.23 -15.12 -0.28
N ALA A 7 -6.56 -15.89 -1.09
CA ALA A 7 -5.17 -15.53 -1.48
C ALA A 7 -4.40 -15.08 -0.24
N ASP A 8 -3.26 -14.46 -0.43
CA ASP A 8 -2.46 -14.00 0.73
C ASP A 8 -2.41 -12.47 0.71
N MET A 9 -3.21 -11.86 -0.11
CA MET A 9 -3.22 -10.38 -0.19
C MET A 9 -4.23 -9.82 0.81
N GLU A 10 -4.68 -10.62 1.72
CA GLU A 10 -5.65 -10.12 2.73
C GLU A 10 -4.95 -9.15 3.66
N HIS A 11 -3.67 -9.31 3.85
CA HIS A 11 -2.93 -8.39 4.76
C HIS A 11 -2.10 -7.42 3.93
N CYS A 12 -2.36 -6.15 4.06
CA CYS A 12 -1.60 -5.13 3.29
C CYS A 12 -0.53 -4.51 4.19
N ALA A 13 0.66 -4.33 3.70
CA ALA A 13 1.73 -3.74 4.55
C ALA A 13 2.54 -2.70 3.77
N ASP A 14 3.04 -1.70 4.44
CA ASP A 14 3.86 -0.66 3.74
C ASP A 14 5.19 -1.26 3.30
N GLU A 15 5.61 -1.00 2.10
CA GLU A 15 6.90 -1.56 1.62
C GLU A 15 8.04 -1.06 2.52
N LYS A 16 8.96 -1.93 2.83
CA LYS A 16 10.10 -1.53 3.71
C LYS A 16 11.24 -0.93 2.87
N ASN A 17 11.32 -1.31 1.62
CA ASN A 17 12.41 -0.77 0.76
C ASN A 17 11.97 0.55 0.14
N PHE A 18 10.74 0.93 0.36
CA PHE A 18 10.24 2.22 -0.21
C PHE A 18 9.92 3.19 0.94
N ASP A 19 10.41 4.39 0.85
CA ASP A 19 10.14 5.40 1.93
C ASP A 19 8.72 5.94 1.77
N CYS A 20 7.74 5.27 2.32
CA CYS A 20 6.34 5.76 2.21
C CYS A 20 6.19 7.06 2.99
N ARG A 21 6.88 7.17 4.09
CA ARG A 21 6.81 8.39 4.90
C ARG A 21 7.22 9.58 4.03
N ARG A 22 8.22 9.40 3.22
CA ARG A 22 8.67 10.51 2.34
C ARG A 22 7.64 10.72 1.24
N SER A 23 7.20 9.67 0.62
CA SER A 23 6.18 9.81 -0.47
C SER A 23 4.86 10.30 0.12
N LEU A 24 4.55 9.89 1.31
CA LEU A 24 3.28 10.33 1.95
C LEU A 24 3.31 11.84 2.20
N ARG A 25 4.36 12.34 2.76
CA ARG A 25 4.44 13.80 3.04
C ARG A 25 4.58 14.55 1.71
N ASN A 26 5.06 13.89 0.71
CA ASN A 26 5.21 14.55 -0.62
C ASN A 26 3.85 14.61 -1.31
N GLY A 27 2.83 14.07 -0.67
CA GLY A 27 1.47 14.10 -1.28
C GLY A 27 1.36 12.97 -2.30
N ASP A 28 2.20 11.97 -2.19
CA ASP A 28 2.15 10.84 -3.15
C ASP A 28 0.77 10.19 -3.11
N CYS A 29 0.20 10.04 -1.95
CA CYS A 29 -1.15 9.42 -1.86
C CYS A 29 -2.16 10.35 -2.57
N ASP A 30 -1.82 11.60 -2.71
CA ASP A 30 -2.74 12.57 -3.36
C ASP A 30 -2.41 12.68 -4.86
N ASN A 31 -1.45 11.95 -5.33
CA ASN A 31 -1.10 12.02 -6.78
C ASN A 31 -1.66 10.80 -7.51
N ASP A 32 -2.58 11.01 -8.41
CA ASP A 32 -3.17 9.87 -9.15
C ASP A 32 -2.06 9.08 -9.84
N ASP A 33 -1.05 9.76 -10.30
CA ASP A 33 0.07 9.08 -10.99
C ASP A 33 0.81 8.17 -10.01
N LYS A 34 0.72 8.45 -8.74
CA LYS A 34 1.45 7.61 -7.76
C LYS A 34 0.43 6.81 -6.94
N LEU A 35 -0.84 7.02 -7.17
CA LEU A 35 -1.86 6.26 -6.39
C LEU A 35 -1.62 4.76 -6.58
N LEU A 36 -1.37 4.33 -7.79
CA LEU A 36 -1.11 2.90 -8.03
C LEU A 36 0.20 2.52 -7.34
N GLU A 37 1.17 3.40 -7.39
CA GLU A 37 2.47 3.09 -6.73
C GLU A 37 2.23 2.90 -5.22
N MET A 38 1.40 3.71 -4.64
CA MET A 38 1.12 3.58 -3.18
C MET A 38 0.30 2.31 -2.92
N GLY A 39 -0.72 2.10 -3.69
CA GLY A 39 -1.54 0.87 -3.49
C GLY A 39 -0.62 -0.34 -3.55
N TYR A 40 0.45 -0.21 -4.27
CA TYR A 40 1.42 -1.33 -4.40
C TYR A 40 2.56 -1.17 -3.38
N TYR A 41 3.22 -0.05 -3.39
CA TYR A 41 4.35 0.16 -2.45
C TYR A 41 3.85 0.49 -1.04
N CYS A 42 2.88 1.34 -0.90
CA CYS A 42 2.40 1.67 0.47
C CYS A 42 0.87 1.80 0.51
N PRO A 43 0.17 0.71 0.40
CA PRO A 43 -1.31 0.70 0.44
C PRO A 43 -1.85 1.09 1.81
N VAL A 44 -1.14 0.75 2.85
CA VAL A 44 -1.61 1.11 4.22
C VAL A 44 -1.26 2.56 4.51
N THR A 45 -0.07 2.97 4.16
CA THR A 45 0.35 4.38 4.40
C THR A 45 -0.61 5.36 3.75
N CYS A 46 -1.08 5.05 2.57
CA CYS A 46 -1.99 6.00 1.87
C CYS A 46 -3.45 5.76 2.32
N GLY A 47 -3.71 4.76 3.10
CA GLY A 47 -5.10 4.52 3.57
C GLY A 47 -5.92 3.80 2.50
N PHE A 48 -5.32 2.91 1.75
CA PHE A 48 -6.09 2.17 0.72
C PHE A 48 -6.32 0.76 1.22
N CYS A 49 -5.59 0.38 2.23
CA CYS A 49 -5.75 -0.97 2.80
C CYS A 49 -5.42 -0.93 4.30
N GLU A 50 -5.60 -2.03 4.97
CA GLU A 50 -5.31 -2.04 6.44
C GLU A 50 -3.99 -2.78 6.68
N PRO A 51 -3.33 -2.49 7.76
CA PRO A 51 -2.03 -3.13 8.12
C PRO A 51 -2.20 -4.61 8.47
N ASN A 1 -13.05 -25.69 4.21
CA ASN A 1 -11.73 -26.36 4.01
C ASN A 1 -11.25 -26.16 2.57
N ASP A 2 -11.58 -25.03 1.98
CA ASP A 2 -11.15 -24.77 0.57
C ASP A 2 -9.64 -24.48 0.55
N ILE A 3 -8.97 -24.87 -0.50
CA ILE A 3 -7.50 -24.60 -0.57
C ILE A 3 -7.27 -23.15 -0.98
N ARG A 4 -8.31 -22.41 -1.20
CA ARG A 4 -8.15 -20.99 -1.60
C ARG A 4 -7.77 -20.16 -0.36
N THR A 5 -7.61 -20.82 0.75
CA THR A 5 -7.24 -20.10 2.01
C THR A 5 -5.72 -19.92 2.07
N ALA A 6 -5.02 -20.40 1.07
CA ALA A 6 -3.54 -20.26 1.06
C ALA A 6 -3.16 -18.82 0.68
N ALA A 7 -4.13 -18.03 0.31
CA ALA A 7 -3.82 -16.62 -0.07
C ALA A 7 -3.27 -15.87 1.15
N ASP A 8 -2.23 -15.10 0.97
CA ASP A 8 -1.65 -14.34 2.10
C ASP A 8 -1.72 -12.85 1.79
N MET A 9 -2.43 -12.50 0.76
CA MET A 9 -2.51 -11.06 0.40
C MET A 9 -3.66 -10.40 1.17
N GLU A 10 -4.20 -11.08 2.12
CA GLU A 10 -5.30 -10.49 2.92
C GLU A 10 -4.73 -9.40 3.83
N HIS A 11 -3.46 -9.46 4.11
CA HIS A 11 -2.85 -8.42 4.99
C HIS A 11 -2.03 -7.45 4.15
N CYS A 12 -2.38 -6.20 4.21
CA CYS A 12 -1.63 -5.17 3.43
C CYS A 12 -0.57 -4.55 4.32
N ALA A 13 0.62 -4.37 3.82
CA ALA A 13 1.68 -3.76 4.65
C ALA A 13 2.46 -2.72 3.83
N ASP A 14 3.00 -1.73 4.48
CA ASP A 14 3.77 -0.70 3.73
C ASP A 14 5.12 -1.31 3.30
N GLU A 15 5.56 -0.99 2.11
CA GLU A 15 6.86 -1.55 1.63
C GLU A 15 8.00 -1.00 2.47
N LYS A 16 8.97 -1.81 2.78
CA LYS A 16 10.11 -1.34 3.61
C LYS A 16 11.20 -0.77 2.70
N ASN A 17 11.23 -1.18 1.46
CA ASN A 17 12.29 -0.66 0.55
C ASN A 17 11.82 0.66 -0.06
N PHE A 18 10.59 1.03 0.18
CA PHE A 18 10.08 2.31 -0.38
C PHE A 18 9.85 3.29 0.78
N ASP A 19 10.24 4.52 0.62
CA ASP A 19 10.02 5.51 1.71
C ASP A 19 8.59 6.00 1.65
N CYS A 20 7.68 5.30 2.25
CA CYS A 20 6.26 5.71 2.23
C CYS A 20 6.08 6.99 3.05
N ARG A 21 6.83 7.11 4.11
CA ARG A 21 6.72 8.32 4.97
C ARG A 21 7.10 9.55 4.14
N ARG A 22 8.18 9.46 3.42
CA ARG A 22 8.60 10.63 2.58
C ARG A 22 7.60 10.80 1.44
N SER A 23 7.22 9.71 0.82
CA SER A 23 6.25 9.81 -0.29
C SER A 23 4.89 10.30 0.25
N LEU A 24 4.54 9.89 1.44
CA LEU A 24 3.23 10.33 2.02
C LEU A 24 3.24 11.84 2.26
N ARG A 25 4.25 12.35 2.92
CA ARG A 25 4.29 13.81 3.19
C ARG A 25 4.47 14.56 1.86
N ASN A 26 4.99 13.89 0.88
CA ASN A 26 5.18 14.53 -0.45
C ASN A 26 3.83 14.58 -1.16
N GLY A 27 2.82 14.01 -0.56
CA GLY A 27 1.48 14.01 -1.19
C GLY A 27 1.42 12.90 -2.24
N ASP A 28 2.27 11.92 -2.12
CA ASP A 28 2.27 10.80 -3.12
C ASP A 28 0.87 10.16 -3.14
N CYS A 29 0.26 10.01 -2.00
CA CYS A 29 -1.09 9.40 -1.97
C CYS A 29 -2.07 10.34 -2.66
N ASP A 30 -1.72 11.58 -2.78
CA ASP A 30 -2.64 12.56 -3.42
C ASP A 30 -2.30 12.69 -4.91
N ASN A 31 -1.33 11.94 -5.38
CA ASN A 31 -0.96 12.03 -6.82
C ASN A 31 -1.54 10.82 -7.57
N ASP A 32 -2.42 11.05 -8.50
CA ASP A 32 -3.01 9.91 -9.25
C ASP A 32 -1.89 9.13 -9.95
N ASP A 33 -0.87 9.82 -10.35
CA ASP A 33 0.26 9.15 -11.04
C ASP A 33 0.96 8.20 -10.05
N LYS A 34 0.86 8.47 -8.79
CA LYS A 34 1.53 7.59 -7.79
C LYS A 34 0.48 6.83 -6.98
N LEU A 35 -0.78 7.06 -7.24
CA LEU A 35 -1.84 6.36 -6.48
C LEU A 35 -1.65 4.85 -6.63
N LEU A 36 -1.50 4.38 -7.84
CA LEU A 36 -1.29 2.92 -8.04
C LEU A 36 0.03 2.51 -7.39
N GLU A 37 1.02 3.35 -7.50
CA GLU A 37 2.33 3.02 -6.89
C GLU A 37 2.15 2.86 -5.38
N MET A 38 1.33 3.69 -4.79
CA MET A 38 1.09 3.59 -3.32
C MET A 38 0.31 2.31 -3.01
N GLY A 39 -0.74 2.06 -3.75
CA GLY A 39 -1.55 0.83 -3.51
C GLY A 39 -0.62 -0.38 -3.60
N TYR A 40 0.42 -0.25 -4.36
CA TYR A 40 1.38 -1.37 -4.52
C TYR A 40 2.53 -1.25 -3.51
N TYR A 41 3.16 -0.11 -3.45
CA TYR A 41 4.31 0.07 -2.51
C TYR A 41 3.80 0.33 -1.09
N CYS A 42 2.91 1.26 -0.91
CA CYS A 42 2.43 1.55 0.47
C CYS A 42 0.91 1.70 0.49
N PRO A 43 0.20 0.61 0.40
CA PRO A 43 -1.29 0.62 0.42
C PRO A 43 -1.82 1.06 1.78
N VAL A 44 -1.14 0.70 2.84
CA VAL A 44 -1.58 1.09 4.20
C VAL A 44 -1.20 2.56 4.44
N THR A 45 0.00 2.92 4.09
CA THR A 45 0.46 4.32 4.31
C THR A 45 -0.51 5.31 3.66
N CYS A 46 -1.00 5.02 2.50
CA CYS A 46 -1.92 5.97 1.81
C CYS A 46 -3.37 5.74 2.27
N GLY A 47 -3.61 4.76 3.09
CA GLY A 47 -5.00 4.52 3.57
C GLY A 47 -5.83 3.80 2.51
N PHE A 48 -5.23 2.93 1.76
CA PHE A 48 -6.01 2.18 0.74
C PHE A 48 -6.27 0.78 1.27
N CYS A 49 -5.55 0.40 2.29
CA CYS A 49 -5.72 -0.94 2.89
C CYS A 49 -5.38 -0.88 4.37
N GLU A 50 -5.60 -1.95 5.09
CA GLU A 50 -5.30 -1.95 6.55
C GLU A 50 -4.00 -2.72 6.80
N PRO A 51 -3.34 -2.44 7.90
CA PRO A 51 -2.05 -3.12 8.28
C PRO A 51 -2.26 -4.56 8.72
N ASN A 1 -14.24 -24.04 1.51
CA ASN A 1 -13.62 -24.90 0.46
C ASN A 1 -13.48 -24.09 -0.84
N ASP A 2 -13.76 -22.82 -0.78
CA ASP A 2 -13.65 -21.98 -2.01
C ASP A 2 -12.18 -21.83 -2.41
N ILE A 3 -11.91 -21.78 -3.68
CA ILE A 3 -10.50 -21.62 -4.15
C ILE A 3 -10.06 -20.17 -3.96
N ARG A 4 -10.94 -19.35 -3.45
CA ARG A 4 -10.58 -17.92 -3.24
C ARG A 4 -9.75 -17.80 -1.96
N THR A 5 -9.48 -18.90 -1.31
CA THR A 5 -8.69 -18.86 -0.06
C THR A 5 -7.19 -18.82 -0.40
N ALA A 6 -6.87 -18.90 -1.66
CA ALA A 6 -5.43 -18.86 -2.05
C ALA A 6 -4.94 -17.42 -2.14
N ALA A 7 -5.83 -16.47 -2.10
CA ALA A 7 -5.39 -15.05 -2.18
C ALA A 7 -4.69 -14.66 -0.89
N ASP A 8 -3.50 -14.10 -0.97
CA ASP A 8 -2.78 -13.69 0.26
C ASP A 8 -2.76 -12.17 0.34
N MET A 9 -3.57 -11.53 -0.45
CA MET A 9 -3.59 -10.05 -0.43
C MET A 9 -4.49 -9.54 0.69
N GLU A 10 -4.86 -10.40 1.60
CA GLU A 10 -5.73 -9.94 2.71
C GLU A 10 -4.93 -9.06 3.66
N HIS A 11 -3.64 -9.26 3.74
CA HIS A 11 -2.82 -8.43 4.65
C HIS A 11 -2.03 -7.42 3.83
N CYS A 12 -2.22 -6.16 4.09
CA CYS A 12 -1.49 -5.12 3.33
C CYS A 12 -0.43 -4.49 4.25
N ALA A 13 0.76 -4.29 3.76
CA ALA A 13 1.83 -3.69 4.60
C ALA A 13 2.59 -2.63 3.80
N ASP A 14 3.13 -1.64 4.45
CA ASP A 14 3.90 -0.60 3.73
C ASP A 14 5.22 -1.22 3.26
N GLU A 15 5.61 -0.97 2.04
CA GLU A 15 6.87 -1.56 1.53
C GLU A 15 8.03 -1.12 2.43
N LYS A 16 8.92 -2.03 2.75
CA LYS A 16 10.07 -1.67 3.62
C LYS A 16 11.16 -0.98 2.79
N ASN A 17 11.27 -1.34 1.54
CA ASN A 17 12.34 -0.71 0.70
C ASN A 17 11.81 0.58 0.08
N PHE A 18 10.58 0.94 0.37
CA PHE A 18 10.01 2.20 -0.20
C PHE A 18 9.81 3.22 0.93
N ASP A 19 10.21 4.44 0.73
CA ASP A 19 10.03 5.47 1.79
C ASP A 19 8.58 5.97 1.73
N CYS A 20 7.67 5.26 2.35
CA CYS A 20 6.24 5.67 2.32
C CYS A 20 6.07 6.94 3.15
N ARG A 21 6.81 7.05 4.21
CA ARG A 21 6.69 8.26 5.06
C ARG A 21 7.07 9.49 4.23
N ARG A 22 8.15 9.42 3.51
CA ARG A 22 8.57 10.57 2.66
C ARG A 22 7.57 10.76 1.53
N SER A 23 7.22 9.70 0.87
CA SER A 23 6.25 9.79 -0.25
C SER A 23 4.91 10.30 0.29
N LEU A 24 4.54 9.90 1.48
CA LEU A 24 3.24 10.37 2.03
C LEU A 24 3.26 11.89 2.23
N ARG A 25 4.28 12.41 2.83
CA ARG A 25 4.35 13.89 3.04
C ARG A 25 4.52 14.58 1.70
N ASN A 26 5.08 13.89 0.74
CA ASN A 26 5.29 14.49 -0.60
C ASN A 26 3.94 14.57 -1.33
N GLY A 27 2.90 14.07 -0.72
CA GLY A 27 1.57 14.11 -1.39
C GLY A 27 1.47 12.96 -2.39
N ASP A 28 2.26 11.94 -2.23
CA ASP A 28 2.21 10.79 -3.17
C ASP A 28 0.82 10.17 -3.16
N CYS A 29 0.23 10.02 -2.00
CA CYS A 29 -1.13 9.43 -1.93
C CYS A 29 -2.12 10.36 -2.63
N ASP A 30 -1.74 11.60 -2.81
CA ASP A 30 -2.65 12.57 -3.48
C ASP A 30 -2.31 12.68 -4.96
N ASN A 31 -1.35 11.92 -5.42
CA ASN A 31 -0.98 12.00 -6.86
C ASN A 31 -1.59 10.82 -7.60
N ASP A 32 -2.48 11.09 -8.52
CA ASP A 32 -3.11 9.98 -9.29
C ASP A 32 -2.02 9.16 -9.97
N ASP A 33 -0.96 9.80 -10.39
CA ASP A 33 0.14 9.07 -11.07
C ASP A 33 0.85 8.14 -10.09
N LYS A 34 0.78 8.43 -8.82
CA LYS A 34 1.47 7.56 -7.83
C LYS A 34 0.43 6.80 -7.00
N LEU A 35 -0.82 7.05 -7.25
CA LEU A 35 -1.88 6.35 -6.47
C LEU A 35 -1.66 4.84 -6.60
N LEU A 36 -1.46 4.37 -7.81
CA LEU A 36 -1.23 2.91 -7.99
C LEU A 36 0.07 2.53 -7.29
N GLU A 37 1.07 3.36 -7.40
CA GLU A 37 2.37 3.05 -6.74
C GLU A 37 2.13 2.86 -5.25
N MET A 38 1.32 3.71 -4.67
CA MET A 38 1.05 3.59 -3.21
C MET A 38 0.26 2.32 -2.92
N GLY A 39 -0.78 2.07 -3.66
CA GLY A 39 -1.57 0.84 -3.41
C GLY A 39 -0.64 -0.37 -3.51
N TYR A 40 0.40 -0.24 -4.28
CA TYR A 40 1.37 -1.35 -4.44
C TYR A 40 2.53 -1.20 -3.46
N TYR A 41 3.14 -0.05 -3.43
CA TYR A 41 4.29 0.16 -2.51
C TYR A 41 3.81 0.46 -1.08
N CYS A 42 2.86 1.34 -0.92
CA CYS A 42 2.39 1.64 0.47
C CYS A 42 0.87 1.79 0.51
N PRO A 43 0.16 0.69 0.40
CA PRO A 43 -1.33 0.68 0.45
C PRO A 43 -1.85 1.09 1.82
N VAL A 44 -1.13 0.74 2.85
CA VAL A 44 -1.57 1.11 4.22
C VAL A 44 -1.23 2.58 4.48
N THR A 45 -0.05 2.99 4.08
CA THR A 45 0.38 4.41 4.31
C THR A 45 -0.61 5.39 3.65
N CYS A 46 -1.10 5.07 2.50
CA CYS A 46 -2.03 6.00 1.80
C CYS A 46 -3.47 5.76 2.26
N GLY A 47 -3.69 4.78 3.10
CA GLY A 47 -5.07 4.52 3.58
C GLY A 47 -5.89 3.78 2.53
N PHE A 48 -5.30 2.87 1.81
CA PHE A 48 -6.06 2.11 0.78
C PHE A 48 -6.28 0.70 1.30
N CYS A 49 -5.57 0.35 2.34
CA CYS A 49 -5.71 -1.01 2.92
C CYS A 49 -5.38 -0.95 4.41
N GLU A 50 -5.53 -2.04 5.10
CA GLU A 50 -5.22 -2.06 6.56
C GLU A 50 -3.86 -2.74 6.78
N PRO A 51 -3.20 -2.42 7.86
CA PRO A 51 -1.87 -3.00 8.19
C PRO A 51 -1.95 -4.50 8.50
N ASN A 1 -0.33 -25.65 -8.25
CA ASN A 1 -1.43 -24.74 -7.81
C ASN A 1 -1.90 -25.16 -6.41
N ASP A 2 -1.00 -25.19 -5.46
CA ASP A 2 -1.38 -25.59 -4.08
C ASP A 2 -2.33 -24.55 -3.48
N ILE A 3 -3.35 -25.00 -2.79
CA ILE A 3 -4.32 -24.05 -2.18
C ILE A 3 -3.69 -23.39 -0.95
N ARG A 4 -2.52 -23.81 -0.56
CA ARG A 4 -1.87 -23.22 0.65
C ARG A 4 -1.66 -21.72 0.42
N THR A 5 -1.45 -21.32 -0.80
CA THR A 5 -1.23 -19.86 -1.07
C THR A 5 -2.43 -19.07 -0.54
N ALA A 6 -3.61 -19.62 -0.61
CA ALA A 6 -4.82 -18.89 -0.12
C ALA A 6 -4.64 -17.39 -0.35
N ALA A 7 -4.31 -17.00 -1.55
CA ALA A 7 -4.11 -15.55 -1.84
C ALA A 7 -5.41 -14.80 -1.57
N ASP A 8 -5.32 -13.62 -1.01
CA ASP A 8 -6.56 -12.84 -0.74
C ASP A 8 -6.17 -11.38 -0.51
N MET A 9 -4.91 -11.06 -0.59
CA MET A 9 -4.47 -9.66 -0.38
C MET A 9 -5.16 -9.07 0.85
N GLU A 10 -5.64 -9.91 1.74
CA GLU A 10 -6.32 -9.39 2.95
C GLU A 10 -5.31 -8.71 3.86
N HIS A 11 -4.06 -9.08 3.77
CA HIS A 11 -3.03 -8.44 4.63
C HIS A 11 -2.23 -7.44 3.80
N CYS A 12 -2.28 -6.19 4.17
CA CYS A 12 -1.52 -5.16 3.41
C CYS A 12 -0.46 -4.55 4.32
N ALA A 13 0.73 -4.36 3.82
CA ALA A 13 1.80 -3.77 4.67
C ALA A 13 2.58 -2.72 3.86
N ASP A 14 3.16 -1.76 4.52
CA ASP A 14 3.94 -0.72 3.78
C ASP A 14 5.25 -1.34 3.30
N GLU A 15 5.61 -1.13 2.07
CA GLU A 15 6.88 -1.69 1.54
C GLU A 15 8.05 -1.16 2.36
N LYS A 16 9.01 -2.00 2.62
CA LYS A 16 10.19 -1.54 3.41
C LYS A 16 11.24 -0.95 2.48
N ASN A 17 11.23 -1.32 1.23
CA ASN A 17 12.24 -0.77 0.28
C ASN A 17 11.73 0.56 -0.30
N PHE A 18 10.51 0.91 0.00
CA PHE A 18 9.95 2.20 -0.53
C PHE A 18 9.68 3.12 0.66
N ASP A 19 10.06 4.36 0.58
CA ASP A 19 9.80 5.27 1.72
C ASP A 19 8.37 5.79 1.63
N CYS A 20 7.51 5.29 2.47
CA CYS A 20 6.09 5.74 2.44
C CYS A 20 5.95 7.08 3.16
N ARG A 21 6.65 7.26 4.25
CA ARG A 21 6.55 8.54 5.00
C ARG A 21 6.99 9.68 4.09
N ARG A 22 8.06 9.50 3.37
CA ARG A 22 8.54 10.57 2.45
C ARG A 22 7.53 10.76 1.32
N SER A 23 7.11 9.69 0.72
CA SER A 23 6.13 9.79 -0.39
C SER A 23 4.81 10.34 0.18
N LEU A 24 4.46 9.94 1.36
CA LEU A 24 3.18 10.43 1.98
C LEU A 24 3.25 11.94 2.22
N ARG A 25 4.30 12.42 2.81
CA ARG A 25 4.40 13.89 3.07
C ARG A 25 4.55 14.62 1.74
N ASN A 26 5.00 13.92 0.73
CA ASN A 26 5.16 14.57 -0.61
C ASN A 26 3.80 14.58 -1.33
N GLY A 27 2.79 14.06 -0.69
CA GLY A 27 1.44 14.05 -1.34
C GLY A 27 1.35 12.91 -2.35
N ASP A 28 2.18 11.91 -2.19
CA ASP A 28 2.15 10.77 -3.15
C ASP A 28 0.76 10.13 -3.12
N CYS A 29 0.17 10.00 -1.97
CA CYS A 29 -1.19 9.40 -1.89
C CYS A 29 -2.17 10.32 -2.62
N ASP A 30 -1.79 11.56 -2.80
CA ASP A 30 -2.70 12.52 -3.49
C ASP A 30 -2.32 12.62 -4.97
N ASN A 31 -1.31 11.93 -5.39
CA ASN A 31 -0.89 12.00 -6.82
C ASN A 31 -1.48 10.81 -7.57
N ASP A 32 -2.37 11.08 -8.49
CA ASP A 32 -2.99 9.96 -9.28
C ASP A 32 -1.88 9.16 -9.96
N ASP A 33 -0.84 9.83 -10.36
CA ASP A 33 0.29 9.14 -11.04
C ASP A 33 1.00 8.19 -10.06
N LYS A 34 0.89 8.45 -8.77
CA LYS A 34 1.58 7.57 -7.78
C LYS A 34 0.54 6.81 -6.96
N LEU A 35 -0.72 7.02 -7.21
CA LEU A 35 -1.75 6.30 -6.44
C LEU A 35 -1.51 4.80 -6.56
N LEU A 36 -1.26 4.33 -7.75
CA LEU A 36 -0.99 2.88 -7.93
C LEU A 36 0.32 2.53 -7.21
N GLU A 37 1.28 3.40 -7.25
CA GLU A 37 2.56 3.12 -6.56
C GLU A 37 2.30 2.94 -5.07
N MET A 38 1.46 3.75 -4.51
CA MET A 38 1.14 3.64 -3.06
C MET A 38 0.33 2.37 -2.82
N GLY A 39 -0.66 2.15 -3.63
CA GLY A 39 -1.49 0.92 -3.46
C GLY A 39 -0.58 -0.31 -3.53
N TYR A 40 0.50 -0.19 -4.25
CA TYR A 40 1.44 -1.34 -4.38
C TYR A 40 2.57 -1.22 -3.35
N TYR A 41 3.23 -0.09 -3.30
CA TYR A 41 4.35 0.08 -2.34
C TYR A 41 3.85 0.39 -0.93
N CYS A 42 2.95 1.32 -0.79
CA CYS A 42 2.48 1.67 0.58
C CYS A 42 0.96 1.81 0.61
N PRO A 43 0.25 0.72 0.45
CA PRO A 43 -1.25 0.72 0.48
C PRO A 43 -1.79 1.12 1.85
N VAL A 44 -1.11 0.74 2.89
CA VAL A 44 -1.57 1.08 4.26
C VAL A 44 -1.27 2.55 4.57
N THR A 45 -0.11 3.02 4.21
CA THR A 45 0.27 4.44 4.49
C THR A 45 -0.69 5.40 3.77
N CYS A 46 -1.11 5.07 2.58
CA CYS A 46 -2.01 6.00 1.85
C CYS A 46 -3.48 5.76 2.24
N GLY A 47 -3.73 4.83 3.11
CA GLY A 47 -5.14 4.58 3.53
C GLY A 47 -5.90 3.81 2.45
N PHE A 48 -5.25 2.92 1.76
CA PHE A 48 -5.96 2.13 0.73
C PHE A 48 -6.16 0.71 1.26
N CYS A 49 -5.48 0.40 2.32
CA CYS A 49 -5.63 -0.96 2.91
C CYS A 49 -5.29 -0.91 4.41
N GLU A 50 -5.49 -1.99 5.10
CA GLU A 50 -5.19 -2.00 6.56
C GLU A 50 -3.90 -2.80 6.79
N PRO A 51 -3.23 -2.53 7.88
CA PRO A 51 -1.96 -3.22 8.24
C PRO A 51 -2.19 -4.68 8.65
N ASN A 1 -21.03 -15.33 6.23
CA ASN A 1 -20.25 -14.22 5.59
C ASN A 1 -19.92 -14.60 4.15
N ASP A 2 -19.38 -13.69 3.39
CA ASP A 2 -19.04 -14.01 1.98
C ASP A 2 -17.89 -15.02 1.95
N ILE A 3 -17.93 -15.94 1.03
CA ILE A 3 -16.84 -16.95 0.94
C ILE A 3 -15.61 -16.32 0.30
N ARG A 4 -15.70 -15.08 -0.08
CA ARG A 4 -14.55 -14.41 -0.73
C ARG A 4 -13.52 -14.02 0.34
N THR A 5 -13.77 -14.37 1.57
CA THR A 5 -12.81 -14.02 2.66
C THR A 5 -11.69 -15.06 2.69
N ALA A 6 -11.76 -16.04 1.82
CA ALA A 6 -10.71 -17.08 1.78
C ALA A 6 -9.39 -16.46 1.32
N ALA A 7 -9.47 -15.38 0.60
CA ALA A 7 -8.23 -14.71 0.10
C ALA A 7 -7.39 -14.27 1.29
N ASP A 8 -6.09 -14.28 1.16
CA ASP A 8 -5.22 -13.84 2.28
C ASP A 8 -4.59 -12.51 1.89
N MET A 9 -5.07 -11.91 0.84
CA MET A 9 -4.50 -10.60 0.39
C MET A 9 -5.24 -9.45 1.05
N GLU A 10 -6.03 -9.73 2.04
CA GLU A 10 -6.78 -8.65 2.73
C GLU A 10 -5.81 -7.79 3.54
N HIS A 11 -4.70 -8.34 3.94
CA HIS A 11 -3.73 -7.55 4.74
C HIS A 11 -2.62 -7.05 3.85
N CYS A 12 -2.41 -5.77 3.82
CA CYS A 12 -1.31 -5.20 2.98
C CYS A 12 -0.29 -4.58 3.94
N ALA A 13 0.92 -4.42 3.51
CA ALA A 13 1.94 -3.82 4.42
C ALA A 13 2.76 -2.79 3.65
N ASP A 14 3.28 -1.81 4.33
CA ASP A 14 4.09 -0.77 3.64
C ASP A 14 5.41 -1.37 3.16
N GLU A 15 5.84 -1.03 1.98
CA GLU A 15 7.12 -1.58 1.46
C GLU A 15 8.28 -1.05 2.31
N LYS A 16 9.25 -1.88 2.59
CA LYS A 16 10.40 -1.43 3.40
C LYS A 16 11.45 -0.77 2.50
N ASN A 17 11.45 -1.10 1.23
CA ASN A 17 12.46 -0.50 0.31
C ASN A 17 11.89 0.79 -0.29
N PHE A 18 10.67 1.12 0.05
CA PHE A 18 10.08 2.38 -0.50
C PHE A 18 9.86 3.38 0.64
N ASP A 19 10.28 4.60 0.45
CA ASP A 19 10.10 5.61 1.53
C ASP A 19 8.65 6.10 1.51
N CYS A 20 7.76 5.38 2.15
CA CYS A 20 6.33 5.79 2.17
C CYS A 20 6.16 7.04 3.03
N ARG A 21 6.92 7.13 4.09
CA ARG A 21 6.82 8.32 4.98
C ARG A 21 7.15 9.57 4.17
N ARG A 22 8.21 9.54 3.42
CA ARG A 22 8.59 10.72 2.61
C ARG A 22 7.58 10.88 1.46
N SER A 23 7.23 9.80 0.83
CA SER A 23 6.25 9.89 -0.28
C SER A 23 4.90 10.35 0.28
N LEU A 24 4.54 9.90 1.45
CA LEU A 24 3.25 10.31 2.05
C LEU A 24 3.22 11.81 2.31
N ARG A 25 4.23 12.34 2.93
CA ARG A 25 4.25 13.81 3.21
C ARG A 25 4.40 14.56 1.89
N ASN A 26 4.84 13.89 0.86
CA ASN A 26 5.00 14.56 -0.46
C ASN A 26 3.65 14.58 -1.18
N GLY A 27 2.65 14.00 -0.58
CA GLY A 27 1.31 13.98 -1.24
C GLY A 27 1.28 12.84 -2.27
N ASP A 28 2.12 11.86 -2.10
CA ASP A 28 2.14 10.73 -3.07
C ASP A 28 0.77 10.06 -3.07
N CYS A 29 0.16 9.93 -1.92
CA CYS A 29 -1.18 9.29 -1.86
C CYS A 29 -2.19 10.20 -2.58
N ASP A 30 -1.86 11.45 -2.73
CA ASP A 30 -2.79 12.41 -3.40
C ASP A 30 -2.42 12.55 -4.87
N ASN A 31 -1.39 11.88 -5.32
CA ASN A 31 -1.00 12.00 -6.74
C ASN A 31 -1.57 10.82 -7.52
N ASP A 32 -2.45 11.08 -8.45
CA ASP A 32 -3.04 9.97 -9.25
C ASP A 32 -1.92 9.20 -9.94
N ASP A 33 -0.89 9.88 -10.32
CA ASP A 33 0.25 9.20 -11.01
C ASP A 33 0.94 8.23 -10.06
N LYS A 34 0.88 8.50 -8.78
CA LYS A 34 1.56 7.61 -7.81
C LYS A 34 0.52 6.82 -7.01
N LEU A 35 -0.73 7.04 -7.27
CA LEU A 35 -1.77 6.30 -6.53
C LEU A 35 -1.54 4.79 -6.67
N LEU A 36 -1.30 4.34 -7.87
CA LEU A 36 -1.04 2.88 -8.06
C LEU A 36 0.25 2.50 -7.33
N GLU A 37 1.23 3.36 -7.37
CA GLU A 37 2.51 3.05 -6.67
C GLU A 37 2.24 2.86 -5.19
N MET A 38 1.39 3.67 -4.63
CA MET A 38 1.09 3.55 -3.17
C MET A 38 0.29 2.27 -2.91
N GLY A 39 -0.69 1.98 -3.72
CA GLY A 39 -1.48 0.75 -3.50
C GLY A 39 -0.53 -0.44 -3.57
N TYR A 40 0.53 -0.30 -4.32
CA TYR A 40 1.51 -1.41 -4.45
C TYR A 40 2.66 -1.24 -3.45
N TYR A 41 3.32 -0.13 -3.47
CA TYR A 41 4.48 0.08 -2.55
C TYR A 41 3.99 0.38 -1.12
N CYS A 42 3.07 1.28 -0.96
CA CYS A 42 2.60 1.61 0.42
C CYS A 42 1.08 1.72 0.47
N PRO A 43 0.39 0.62 0.33
CA PRO A 43 -1.10 0.59 0.38
C PRO A 43 -1.62 0.95 1.78
N VAL A 44 -0.88 0.59 2.79
CA VAL A 44 -1.32 0.90 4.18
C VAL A 44 -1.00 2.37 4.51
N THR A 45 0.17 2.82 4.14
CA THR A 45 0.55 4.24 4.44
C THR A 45 -0.44 5.20 3.79
N CYS A 46 -0.90 4.90 2.61
CA CYS A 46 -1.84 5.84 1.92
C CYS A 46 -3.28 5.58 2.38
N GLY A 47 -3.50 4.52 3.11
CA GLY A 47 -4.88 4.24 3.60
C GLY A 47 -5.74 3.51 2.57
N PHE A 48 -5.17 2.58 1.84
CA PHE A 48 -6.00 1.83 0.85
C PHE A 48 -6.22 0.43 1.42
N CYS A 49 -5.39 0.05 2.36
CA CYS A 49 -5.52 -1.30 2.98
C CYS A 49 -5.64 -1.12 4.50
N GLU A 50 -6.07 -2.14 5.19
CA GLU A 50 -6.20 -2.02 6.67
C GLU A 50 -4.98 -2.68 7.32
N PRO A 51 -4.29 -2.00 8.20
CA PRO A 51 -3.09 -2.55 8.89
C PRO A 51 -3.46 -3.63 9.91
N ASN A 1 -18.58 -18.43 1.02
CA ASN A 1 -19.37 -18.12 -0.20
C ASN A 1 -18.64 -17.07 -1.04
N ASP A 2 -19.20 -16.70 -2.16
CA ASP A 2 -18.54 -15.68 -3.03
C ASP A 2 -17.13 -16.17 -3.39
N ILE A 3 -16.81 -16.23 -4.65
CA ILE A 3 -15.46 -16.68 -5.06
C ILE A 3 -14.47 -15.54 -4.86
N ARG A 4 -14.96 -14.40 -4.46
CA ARG A 4 -14.05 -13.24 -4.23
C ARG A 4 -13.29 -13.47 -2.92
N THR A 5 -13.55 -14.56 -2.25
CA THR A 5 -12.85 -14.84 -0.97
C THR A 5 -11.52 -15.53 -1.27
N ALA A 6 -11.27 -15.82 -2.52
CA ALA A 6 -9.98 -16.49 -2.88
C ALA A 6 -8.86 -15.45 -2.92
N ALA A 7 -9.19 -14.20 -2.78
CA ALA A 7 -8.15 -13.14 -2.81
C ALA A 7 -7.23 -13.31 -1.59
N ASP A 8 -5.97 -13.01 -1.74
CA ASP A 8 -5.02 -13.14 -0.60
C ASP A 8 -4.56 -11.73 -0.20
N MET A 9 -5.23 -10.73 -0.70
CA MET A 9 -4.84 -9.32 -0.40
C MET A 9 -5.50 -8.87 0.92
N GLU A 10 -5.89 -9.79 1.74
CA GLU A 10 -6.51 -9.39 3.03
C GLU A 10 -5.46 -8.71 3.91
N HIS A 11 -4.22 -9.09 3.78
CA HIS A 11 -3.17 -8.48 4.62
C HIS A 11 -2.36 -7.49 3.78
N CYS A 12 -2.43 -6.23 4.11
CA CYS A 12 -1.66 -5.21 3.34
C CYS A 12 -0.57 -4.62 4.25
N ALA A 13 0.61 -4.43 3.72
CA ALA A 13 1.72 -3.85 4.54
C ALA A 13 2.48 -2.79 3.74
N ASP A 14 3.01 -1.80 4.39
CA ASP A 14 3.77 -0.76 3.65
C ASP A 14 5.15 -1.32 3.27
N GLU A 15 5.64 -1.01 2.10
CA GLU A 15 6.96 -1.54 1.69
C GLU A 15 8.04 -1.03 2.63
N LYS A 16 8.93 -1.90 3.04
CA LYS A 16 10.03 -1.47 3.94
C LYS A 16 11.18 -0.93 3.09
N ASN A 17 11.17 -1.22 1.82
CA ASN A 17 12.26 -0.73 0.94
C ASN A 17 11.86 0.59 0.30
N PHE A 18 10.60 0.93 0.34
CA PHE A 18 10.15 2.22 -0.26
C PHE A 18 9.86 3.22 0.86
N ASP A 19 10.40 4.40 0.77
CA ASP A 19 10.15 5.41 1.83
C ASP A 19 8.73 5.97 1.67
N CYS A 20 7.77 5.31 2.25
CA CYS A 20 6.35 5.77 2.13
C CYS A 20 6.19 7.05 2.95
N ARG A 21 6.86 7.14 4.05
CA ARG A 21 6.75 8.36 4.90
C ARG A 21 7.16 9.57 4.07
N ARG A 22 8.23 9.43 3.33
CA ARG A 22 8.69 10.56 2.48
C ARG A 22 7.68 10.79 1.36
N SER A 23 7.27 9.75 0.70
CA SER A 23 6.29 9.90 -0.41
C SER A 23 4.96 10.40 0.16
N LEU A 24 4.60 9.96 1.34
CA LEU A 24 3.32 10.42 1.94
C LEU A 24 3.34 11.93 2.17
N ARG A 25 4.38 12.45 2.73
CA ARG A 25 4.45 13.92 2.97
C ARG A 25 4.53 14.64 1.63
N ASN A 26 5.03 13.98 0.63
CA ASN A 26 5.14 14.62 -0.70
C ASN A 26 3.78 14.63 -1.38
N GLY A 27 2.79 14.09 -0.74
CA GLY A 27 1.41 14.08 -1.33
C GLY A 27 1.31 12.94 -2.35
N ASP A 28 2.13 11.93 -2.21
CA ASP A 28 2.09 10.79 -3.17
C ASP A 28 0.70 10.13 -3.11
N CYS A 29 0.13 10.02 -1.95
CA CYS A 29 -1.22 9.39 -1.86
C CYS A 29 -2.22 10.30 -2.55
N ASP A 30 -1.87 11.55 -2.71
CA ASP A 30 -2.79 12.51 -3.37
C ASP A 30 -2.47 12.62 -4.86
N ASN A 31 -1.46 11.94 -5.32
CA ASN A 31 -1.10 12.00 -6.76
C ASN A 31 -1.67 10.79 -7.47
N ASP A 32 -2.59 11.00 -8.37
CA ASP A 32 -3.19 9.87 -9.10
C ASP A 32 -2.09 9.10 -9.83
N ASP A 33 -1.09 9.79 -10.28
CA ASP A 33 0.03 9.13 -11.00
C ASP A 33 0.78 8.21 -10.05
N LYS A 34 0.71 8.46 -8.77
CA LYS A 34 1.45 7.59 -7.81
C LYS A 34 0.45 6.80 -6.98
N LEU A 35 -0.82 7.00 -7.20
CA LEU A 35 -1.82 6.25 -6.41
C LEU A 35 -1.59 4.74 -6.59
N LEU A 36 -1.35 4.31 -7.80
CA LEU A 36 -1.08 2.86 -8.02
C LEU A 36 0.22 2.49 -7.33
N GLU A 37 1.18 3.37 -7.38
CA GLU A 37 2.48 3.08 -6.72
C GLU A 37 2.23 2.90 -5.21
N MET A 38 1.43 3.73 -4.64
CA MET A 38 1.14 3.62 -3.18
C MET A 38 0.30 2.37 -2.91
N GLY A 39 -0.72 2.15 -3.69
CA GLY A 39 -1.57 0.94 -3.46
C GLY A 39 -0.67 -0.29 -3.57
N TYR A 40 0.41 -0.17 -4.30
CA TYR A 40 1.34 -1.32 -4.45
C TYR A 40 2.49 -1.21 -3.44
N TYR A 41 3.17 -0.10 -3.42
CA TYR A 41 4.31 0.06 -2.48
C TYR A 41 3.82 0.39 -1.07
N CYS A 42 2.92 1.31 -0.93
CA CYS A 42 2.45 1.67 0.45
C CYS A 42 0.93 1.82 0.49
N PRO A 43 0.22 0.73 0.38
CA PRO A 43 -1.28 0.74 0.45
C PRO A 43 -1.77 1.12 1.85
N VAL A 44 -1.03 0.75 2.86
CA VAL A 44 -1.44 1.08 4.25
C VAL A 44 -1.11 2.54 4.55
N THR A 45 0.04 2.99 4.15
CA THR A 45 0.44 4.40 4.43
C THR A 45 -0.51 5.38 3.76
N CYS A 46 -0.97 5.08 2.57
CA CYS A 46 -1.88 6.02 1.87
C CYS A 46 -3.34 5.77 2.30
N GLY A 47 -3.57 4.79 3.11
CA GLY A 47 -4.97 4.53 3.58
C GLY A 47 -5.78 3.80 2.50
N PHE A 48 -5.18 2.93 1.75
CA PHE A 48 -5.95 2.18 0.72
C PHE A 48 -6.18 0.77 1.23
N CYS A 49 -5.51 0.42 2.30
CA CYS A 49 -5.66 -0.93 2.88
C CYS A 49 -5.30 -0.89 4.36
N GLU A 50 -5.47 -1.97 5.07
CA GLU A 50 -5.14 -1.98 6.52
C GLU A 50 -3.92 -2.87 6.75
N PRO A 51 -3.12 -2.55 7.74
CA PRO A 51 -1.91 -3.36 8.06
C PRO A 51 -2.18 -4.85 7.98
#